data_5Y0S
#
_entry.id   5Y0S
#
_cell.length_a   80.990
_cell.length_b   97.954
_cell.length_c   144.279
_cell.angle_alpha   90.000
_cell.angle_beta   99.180
_cell.angle_gamma   90.000
#
_symmetry.space_group_name_H-M   'P 1 21 1'
#
loop_
_entity.id
_entity.type
_entity.pdbx_description
1 polymer 'Thermotoga maritima TmcAL'
2 non-polymer 1,2-ETHANEDIOL
3 water water
#
_entity_poly.entity_id   1
_entity_poly.type   'polypeptide(L)'
_entity_poly.pdbx_seq_one_letter_code
;MKVLGVVVEYNPFHNGHLYHLTSARELVKPDYTIAVMSGNF(CSD)QRGEPAVIDKFARAEIALRMGVDVVLELPVVFAT
QDAGGFAFGAVCVLDATGVVTDVVFGSESNDIEFLQRVARILYEQPDEYQKFLHEELKKGYSFPNARKYALMRYFSMKGW
NEEEVLKLEKSNDILGVEYIHSALKIGSNIRFHTIKRVGAEEKDTSFRGRFSSATAIRNLMREKRWEEVRDSLPEDSFEI
LMREINEGRGPVFLENMGDFLLSFFRLKNMDFFEKIHGFSEGLEKRFHVCARQTGSYRDFLECVKAKRFTFSRIRRLALF
SVFEVNKEFVEKSNTKGPQYIRILGFTEKGREILSLMRKKAKLPIVTNMSLYRKVLEKTDLPVDKQLFLEQIDLDVKATN
FYSMFFPSVEQR(CME)GERDFSIHPIFLRTEM
;
_entity_poly.pdbx_strand_id   A,B,C,D
#
loop_
_chem_comp.id
_chem_comp.type
_chem_comp.name
_chem_comp.formula
EDO non-polymer 1,2-ETHANEDIOL 'C2 H6 O2'
#
# COMPACT_ATOMS: atom_id res chain seq x y z
N MET A 1 23.20 24.55 20.08
CA MET A 1 21.80 24.96 20.11
C MET A 1 20.98 24.13 21.10
N LYS A 2 19.76 24.59 21.38
CA LYS A 2 18.88 23.87 22.30
C LYS A 2 17.69 23.22 21.58
N VAL A 3 17.43 21.96 21.90
CA VAL A 3 16.23 21.29 21.41
C VAL A 3 15.44 20.72 22.57
N LEU A 4 14.18 21.14 22.68
CA LEU A 4 13.27 20.68 23.73
C LEU A 4 12.58 19.35 23.37
N GLY A 5 12.70 18.33 24.20
CA GLY A 5 11.82 17.16 24.08
C GLY A 5 10.71 17.11 25.09
N VAL A 6 9.57 16.56 24.68
CA VAL A 6 8.45 16.31 25.59
C VAL A 6 7.87 14.93 25.35
N VAL A 7 7.38 14.32 26.42
CA VAL A 7 6.78 12.98 26.41
C VAL A 7 5.30 13.16 26.64
N VAL A 8 4.48 12.78 25.67
CA VAL A 8 3.07 13.18 25.67
C VAL A 8 2.17 12.07 25.14
N GLU A 9 0.88 12.20 25.41
CA GLU A 9 -0.13 11.25 24.96
C GLU A 9 -1.20 12.04 24.22
N TYR A 10 -1.69 13.12 24.86
CA TYR A 10 -2.62 14.04 24.19
C TYR A 10 -3.91 13.31 23.78
N ASN A 11 -4.62 12.79 24.78
CA ASN A 11 -5.80 11.96 24.58
C ASN A 11 -7.01 12.52 25.32
N PRO A 12 -7.57 13.64 24.84
CA PRO A 12 -7.15 14.46 23.70
C PRO A 12 -6.24 15.63 24.12
N PHE A 13 -5.77 16.41 23.14
CA PHE A 13 -4.97 17.59 23.45
C PHE A 13 -5.91 18.67 24.00
N HIS A 14 -5.73 19.06 25.25
CA HIS A 14 -6.64 20.03 25.85
C HIS A 14 -5.89 21.30 26.25
N ASN A 15 -6.63 22.24 26.82
CA ASN A 15 -6.10 23.53 27.25
C ASN A 15 -4.93 23.41 28.23
N GLY A 16 -5.02 22.43 29.13
CA GLY A 16 -3.95 22.15 30.07
C GLY A 16 -2.68 21.77 29.34
N HIS A 17 -2.82 20.99 28.27
CA HIS A 17 -1.66 20.62 27.46
C HIS A 17 -1.01 21.82 26.74
N LEU A 18 -1.84 22.77 26.28
CA LEU A 18 -1.30 23.93 25.57
C LEU A 18 -0.51 24.81 26.54
N TYR A 19 -1.14 25.11 27.69
CA TYR A 19 -0.54 25.79 28.84
C TYR A 19 0.87 25.25 29.17
N HIS A 20 0.97 23.96 29.50
CA HIS A 20 2.25 23.39 29.89
C HIS A 20 3.25 23.31 28.76
N LEU A 21 2.79 23.02 27.54
CA LEU A 21 3.69 22.97 26.40
C LEU A 21 4.28 24.35 26.14
N THR A 22 3.45 25.38 26.22
CA THR A 22 3.91 26.73 25.96
C THR A 22 4.92 27.17 27.01
N SER A 23 4.65 26.86 28.27
CA SER A 23 5.55 27.25 29.36
C SER A 23 6.88 26.47 29.24
N ALA A 24 6.80 25.20 28.86
CA ALA A 24 8.02 24.41 28.63
C ALA A 24 8.92 25.14 27.62
N ARG A 25 8.33 25.62 26.53
CA ARG A 25 9.08 26.31 25.49
C ARG A 25 9.58 27.66 25.99
N GLU A 26 8.74 28.38 26.72
CA GLU A 26 9.16 29.66 27.30
C GLU A 26 10.29 29.51 28.33
N LEU A 27 10.26 28.43 29.11
CA LEU A 27 11.28 28.16 30.12
C LEU A 27 12.66 27.91 29.48
N VAL A 28 12.69 26.98 28.56
CA VAL A 28 13.93 26.52 27.93
C VAL A 28 14.38 27.36 26.72
N LYS A 29 13.46 28.08 26.09
CA LYS A 29 13.75 28.81 24.85
C LYS A 29 14.55 27.98 23.83
N PRO A 30 13.97 26.86 23.39
CA PRO A 30 14.65 26.00 22.40
C PRO A 30 14.56 26.55 20.97
N ASP A 31 15.47 26.09 20.11
CA ASP A 31 15.34 26.39 18.69
C ASP A 31 14.27 25.48 18.06
N TYR A 32 14.11 24.28 18.61
CA TYR A 32 13.12 23.33 18.09
C TYR A 32 12.53 22.53 19.23
N THR A 33 11.31 22.03 19.00
CA THR A 33 10.61 21.21 19.96
C THR A 33 10.18 19.91 19.32
N ILE A 34 10.52 18.79 19.97
CA ILE A 34 10.23 17.47 19.50
C ILE A 34 9.36 16.75 20.54
N ALA A 35 8.29 16.11 20.07
CA ALA A 35 7.44 15.34 20.97
C ALA A 35 7.57 13.85 20.68
N VAL A 36 7.71 13.03 21.71
CA VAL A 36 7.56 11.60 21.52
C VAL A 36 6.20 11.27 22.11
N MET A 37 5.33 10.68 21.29
CA MET A 37 3.92 10.57 21.62
C MET A 37 3.40 9.15 21.51
N SER A 38 2.62 8.74 22.51
CA SER A 38 1.90 7.47 22.43
C SER A 38 1.00 7.48 21.21
N GLY A 39 0.83 6.29 20.66
CA GLY A 39 0.20 6.02 19.37
C GLY A 39 -1.31 5.92 19.55
N ASN A 40 -1.87 4.80 19.10
CA ASN A 40 -3.31 4.58 19.25
C ASN A 40 -3.76 3.98 20.59
N PHE A 41 -2.81 3.64 21.46
CA PHE A 41 -3.16 3.15 22.80
C PHE A 41 -2.25 3.84 23.80
N CSD A 42 -2.83 4.24 24.94
CA CSD A 42 -2.07 4.93 25.97
CB CSD A 42 -2.72 6.24 26.44
SG CSD A 42 -4.39 6.07 26.96
C CSD A 42 -1.75 4.08 27.19
O CSD A 42 -2.07 2.90 27.33
OD1 CSD A 42 -4.75 7.35 27.58
OD2 CSD A 42 -4.24 5.17 28.39
N GLN A 43 -1.11 4.74 28.13
CA GLN A 43 -0.52 4.08 29.29
C GLN A 43 -1.56 3.50 30.25
N ARG A 44 -2.77 4.04 30.25
CA ARG A 44 -3.84 3.51 31.11
C ARG A 44 -4.47 2.23 30.59
N GLY A 45 -4.08 1.77 29.41
CA GLY A 45 -4.71 0.60 28.81
C GLY A 45 -5.96 0.93 28.03
N GLU A 46 -6.05 2.16 27.54
CA GLU A 46 -7.20 2.59 26.77
C GLU A 46 -6.77 2.93 25.35
N PRO A 47 -7.71 2.84 24.39
CA PRO A 47 -7.41 3.39 23.06
C PRO A 47 -7.40 4.91 23.14
N ALA A 48 -6.64 5.55 22.28
CA ALA A 48 -6.79 6.99 22.12
C ALA A 48 -8.13 7.29 21.48
N VAL A 49 -8.74 8.40 21.86
CA VAL A 49 -10.10 8.68 21.47
C VAL A 49 -10.20 9.07 19.98
N ILE A 50 -9.10 9.57 19.40
CA ILE A 50 -8.92 9.67 17.94
C ILE A 50 -7.49 9.22 17.66
N ASP A 51 -7.14 8.90 16.40
CA ASP A 51 -5.89 8.17 16.19
C ASP A 51 -4.64 9.06 16.20
N LYS A 52 -3.49 8.43 16.04
CA LYS A 52 -2.20 9.08 16.24
C LYS A 52 -1.89 10.05 15.11
N PHE A 53 -2.50 9.83 13.95
CA PHE A 53 -2.26 10.69 12.81
C PHE A 53 -2.99 12.01 13.05
N ALA A 54 -4.22 11.92 13.56
CA ALA A 54 -4.97 13.13 13.92
C ALA A 54 -4.30 13.86 15.06
N ARG A 55 -3.85 13.11 16.07
CA ARG A 55 -3.30 13.76 17.26
C ARG A 55 -1.88 14.28 16.99
N ALA A 56 -1.11 13.64 16.09
CA ALA A 56 0.16 14.25 15.65
C ALA A 56 -0.05 15.62 15.02
N GLU A 57 -1.09 15.74 14.18
CA GLU A 57 -1.33 17.01 13.51
C GLU A 57 -1.71 18.10 14.49
N ILE A 58 -2.51 17.75 15.49
CA ILE A 58 -2.87 18.75 16.52
C ILE A 58 -1.60 19.25 17.24
N ALA A 59 -0.74 18.31 17.61
CA ALA A 59 0.54 18.60 18.25
C ALA A 59 1.38 19.61 17.46
N LEU A 60 1.48 19.39 16.14
CA LEU A 60 2.21 20.31 15.28
C LEU A 60 1.59 21.70 15.29
N ARG A 61 0.26 21.75 15.27
CA ARG A 61 -0.41 23.06 15.25
C ARG A 61 -0.27 23.78 16.59
N MET A 62 0.00 23.03 17.66
CA MET A 62 0.11 23.60 19.00
C MET A 62 1.54 24.03 19.35
N GLY A 63 2.46 23.90 18.41
CA GLY A 63 3.84 24.25 18.64
C GLY A 63 4.95 23.21 18.58
N VAL A 64 4.63 21.92 18.39
CA VAL A 64 5.66 20.91 18.15
C VAL A 64 6.17 20.97 16.71
N ASP A 65 7.50 20.87 16.54
CA ASP A 65 8.11 20.86 15.20
C ASP A 65 8.11 19.47 14.57
N VAL A 66 8.34 18.46 15.40
CA VAL A 66 8.46 17.07 14.97
C VAL A 66 7.78 16.13 15.95
N VAL A 67 6.90 15.27 15.47
CA VAL A 67 6.27 14.28 16.36
C VAL A 67 6.80 12.88 16.06
N LEU A 68 7.30 12.22 17.10
CA LEU A 68 7.76 10.82 17.04
C LEU A 68 6.76 9.89 17.73
N GLU A 69 6.65 8.66 17.24
CA GLU A 69 5.85 7.65 17.92
C GLU A 69 6.67 6.95 19.01
N LEU A 70 6.16 6.94 20.23
CA LEU A 70 6.62 6.02 21.27
C LEU A 70 6.08 4.63 20.94
N PRO A 71 6.97 3.65 20.63
CA PRO A 71 6.44 2.34 20.20
C PRO A 71 5.52 1.72 21.26
N VAL A 72 4.52 0.98 20.77
CA VAL A 72 3.45 0.37 21.58
C VAL A 72 3.95 -0.37 22.82
N VAL A 73 5.07 -1.07 22.66
CA VAL A 73 5.60 -1.89 23.74
C VAL A 73 6.02 -1.03 24.93
N PHE A 74 6.45 0.22 24.68
CA PHE A 74 6.69 1.19 25.77
C PHE A 74 5.47 2.01 26.17
N ALA A 75 4.71 2.44 25.16
CA ALA A 75 3.56 3.31 25.36
C ALA A 75 2.48 2.70 26.25
N THR A 76 2.34 1.38 26.18
CA THR A 76 1.34 0.69 26.97
C THR A 76 1.90 0.09 28.27
N GLN A 77 3.14 0.42 28.65
CA GLN A 77 3.66 -0.11 29.91
C GLN A 77 3.42 0.83 31.09
N ASP A 78 3.74 0.35 32.29
CA ASP A 78 3.71 1.21 33.47
C ASP A 78 4.90 2.17 33.43
N ALA A 79 5.03 2.99 34.47
CA ALA A 79 5.95 4.13 34.46
C ALA A 79 7.39 3.75 34.11
N GLY A 80 7.93 2.70 34.72
CA GLY A 80 9.28 2.25 34.42
C GLY A 80 9.57 2.05 32.93
N GLY A 81 8.75 1.25 32.25
CA GLY A 81 9.03 0.89 30.87
C GLY A 81 8.67 2.02 29.92
N PHE A 82 7.59 2.71 30.25
CA PHE A 82 7.16 3.89 29.49
C PHE A 82 8.29 4.93 29.45
N ALA A 83 8.79 5.26 30.63
CA ALA A 83 9.86 6.23 30.73
C ALA A 83 11.11 5.77 30.00
N PHE A 84 11.43 4.48 30.08
CA PHE A 84 12.66 3.98 29.48
C PHE A 84 12.61 4.17 27.98
N GLY A 85 11.52 3.69 27.37
CA GLY A 85 11.33 3.85 25.94
C GLY A 85 11.37 5.29 25.49
N ALA A 86 10.69 6.15 26.25
CA ALA A 86 10.52 7.54 25.82
C ALA A 86 11.86 8.28 25.84
N VAL A 87 12.65 8.05 26.89
CA VAL A 87 13.95 8.70 27.04
C VAL A 87 14.92 8.12 26.01
N CYS A 88 14.82 6.83 25.74
CA CYS A 88 15.66 6.23 24.71
C CYS A 88 15.37 6.87 23.33
N VAL A 89 14.10 7.10 23.02
CA VAL A 89 13.77 7.67 21.72
C VAL A 89 14.31 9.09 21.63
N LEU A 90 14.03 9.89 22.66
CA LEU A 90 14.49 11.28 22.66
C LEU A 90 16.01 11.37 22.57
N ASP A 91 16.70 10.55 23.36
CA ASP A 91 18.15 10.52 23.31
C ASP A 91 18.69 10.04 21.96
N ALA A 92 17.98 9.11 21.32
CA ALA A 92 18.46 8.53 20.07
C ALA A 92 18.41 9.51 18.90
N THR A 93 17.59 10.55 19.02
CA THR A 93 17.50 11.57 17.97
C THR A 93 18.84 12.24 17.75
N GLY A 94 19.63 12.23 18.82
CA GLY A 94 20.96 12.82 18.81
C GLY A 94 20.95 14.33 18.87
N VAL A 95 19.77 14.95 18.85
CA VAL A 95 19.68 16.41 19.02
C VAL A 95 18.97 16.99 20.27
N VAL A 96 18.30 16.18 21.07
CA VAL A 96 17.52 16.75 22.17
C VAL A 96 18.44 17.10 23.33
N THR A 97 18.47 18.37 23.73
CA THR A 97 19.28 18.81 24.86
C THR A 97 18.55 18.99 26.19
N ASP A 98 17.25 19.19 26.11
CA ASP A 98 16.46 19.48 27.31
C ASP A 98 15.12 18.77 27.25
N VAL A 99 14.68 18.27 28.39
CA VAL A 99 13.35 17.73 28.53
C VAL A 99 12.62 18.37 29.71
N VAL A 100 11.39 18.80 29.48
CA VAL A 100 10.54 19.36 30.54
C VAL A 100 9.39 18.39 30.80
N PHE A 101 9.15 18.04 32.06
CA PHE A 101 7.97 17.23 32.34
C PHE A 101 7.14 17.87 33.46
N GLY A 102 5.82 17.65 33.44
CA GLY A 102 4.95 18.16 34.48
C GLY A 102 5.18 17.39 35.78
N SER A 103 4.96 18.06 36.91
CA SER A 103 5.36 17.53 38.21
C SER A 103 4.47 18.08 39.34
N GLU A 104 4.20 17.27 40.36
CA GLU A 104 3.42 17.78 41.49
C GLU A 104 4.31 18.55 42.45
N SER A 105 5.53 18.04 42.66
CA SER A 105 6.43 18.69 43.60
C SER A 105 7.16 19.86 42.97
N ASN A 106 7.33 19.81 41.65
CA ASN A 106 8.12 20.81 40.94
C ASN A 106 9.50 20.97 41.60
N ASP A 107 10.01 19.88 42.16
CA ASP A 107 11.32 19.88 42.79
C ASP A 107 12.25 18.95 42.03
N ILE A 108 13.10 19.50 41.16
CA ILE A 108 13.90 18.63 40.31
C ILE A 108 15.05 18.01 41.09
N GLU A 109 15.60 18.75 42.06
CA GLU A 109 16.68 18.23 42.88
C GLU A 109 16.23 17.04 43.70
N PHE A 110 15.04 17.12 44.28
CA PHE A 110 14.46 15.94 44.93
C PHE A 110 14.35 14.75 43.97
N LEU A 111 13.81 14.97 42.77
CA LEU A 111 13.62 13.87 41.81
C LEU A 111 14.94 13.23 41.36
N GLN A 112 15.96 14.05 41.17
CA GLN A 112 17.29 13.55 40.84
C GLN A 112 17.93 12.76 41.98
N ARG A 113 17.71 13.20 43.23
CA ARG A 113 18.27 12.49 44.37
C ARG A 113 17.70 11.09 44.42
N VAL A 114 16.39 10.97 44.25
CA VAL A 114 15.76 9.64 44.25
C VAL A 114 16.25 8.80 43.08
N ALA A 115 16.31 9.38 41.89
CA ALA A 115 16.73 8.65 40.69
C ALA A 115 18.13 8.08 40.86
N ARG A 116 19.01 8.84 41.51
CA ARG A 116 20.40 8.47 41.73
C ARG A 116 20.51 7.22 42.60
N ILE A 117 19.72 7.18 43.69
CA ILE A 117 19.64 6.01 44.57
C ILE A 117 19.17 4.77 43.81
N LEU A 118 18.10 4.91 43.04
CA LEU A 118 17.62 3.78 42.23
C LEU A 118 18.63 3.35 41.15
N TYR A 119 19.36 4.32 40.60
CA TYR A 119 20.46 4.05 39.67
C TYR A 119 21.64 3.34 40.36
N GLU A 120 22.12 3.90 41.47
CA GLU A 120 23.32 3.34 42.07
C GLU A 120 23.07 2.10 42.94
N GLN A 121 21.82 1.93 43.39
CA GLN A 121 21.44 0.76 44.19
C GLN A 121 22.39 0.49 45.37
N PRO A 122 22.52 1.44 46.30
CA PRO A 122 23.36 1.16 47.47
C PRO A 122 22.80 0.01 48.31
N ASP A 123 23.67 -0.79 48.93
CA ASP A 123 23.23 -2.02 49.56
C ASP A 123 22.20 -1.80 50.68
N GLU A 124 22.28 -0.68 51.41
CA GLU A 124 21.28 -0.40 52.44
C GLU A 124 19.88 -0.27 51.82
N TYR A 125 19.78 0.43 50.69
CA TYR A 125 18.51 0.50 49.96
C TYR A 125 18.04 -0.89 49.52
N GLN A 126 18.97 -1.68 48.97
CA GLN A 126 18.66 -3.02 48.49
C GLN A 126 18.20 -3.95 49.63
N LYS A 127 18.82 -3.82 50.80
CA LYS A 127 18.39 -4.59 51.98
C LYS A 127 16.96 -4.24 52.33
N PHE A 128 16.64 -2.96 52.33
CA PHE A 128 15.31 -2.49 52.71
C PHE A 128 14.26 -3.00 51.73
N LEU A 129 14.58 -2.89 50.44
CA LEU A 129 13.67 -3.30 49.38
C LEU A 129 13.40 -4.79 49.46
N HIS A 130 14.47 -5.57 49.63
CA HIS A 130 14.33 -7.01 49.73
C HIS A 130 13.46 -7.41 50.92
N GLU A 131 13.63 -6.73 52.05
CA GLU A 131 12.80 -6.96 53.23
C GLU A 131 11.33 -6.68 52.94
N GLU A 132 11.05 -5.51 52.39
CA GLU A 132 9.68 -5.09 52.12
C GLU A 132 8.99 -6.00 51.09
N LEU A 133 9.75 -6.46 50.10
CA LEU A 133 9.22 -7.43 49.12
C LEU A 133 8.96 -8.77 49.80
N LYS A 134 9.92 -9.23 50.60
CA LYS A 134 9.76 -10.45 51.40
C LYS A 134 8.54 -10.39 52.30
N LYS A 135 8.20 -9.18 52.75
CA LYS A 135 7.05 -8.97 53.62
C LYS A 135 5.72 -9.13 52.86
N GLY A 136 5.77 -9.07 51.54
CA GLY A 136 4.59 -9.23 50.72
C GLY A 136 3.99 -7.97 50.11
N TYR A 137 4.70 -6.85 50.19
CA TYR A 137 4.23 -5.61 49.56
C TYR A 137 4.47 -5.64 48.05
N SER A 138 3.69 -4.86 47.31
CA SER A 138 3.90 -4.66 45.88
C SER A 138 5.23 -3.95 45.64
N PHE A 139 5.80 -4.12 44.45
CA PHE A 139 7.08 -3.48 44.16
C PHE A 139 7.03 -1.95 44.37
N PRO A 140 5.97 -1.26 43.90
CA PRO A 140 6.02 0.19 44.13
C PRO A 140 5.90 0.58 45.59
N ASN A 141 5.17 -0.21 46.39
CA ASN A 141 5.07 0.09 47.82
C ASN A 141 6.38 -0.26 48.52
N ALA A 142 6.91 -1.44 48.22
CA ALA A 142 8.20 -1.87 48.76
C ALA A 142 9.28 -0.85 48.47
N ARG A 143 9.35 -0.38 47.23
CA ARG A 143 10.30 0.65 46.86
C ARG A 143 10.08 1.94 47.64
N LYS A 144 8.81 2.31 47.83
CA LYS A 144 8.50 3.52 48.55
C LYS A 144 8.97 3.41 50.00
N TYR A 145 8.61 2.30 50.62
CA TYR A 145 8.98 2.05 52.01
C TYR A 145 10.49 1.91 52.17
N ALA A 146 11.15 1.30 51.18
CA ALA A 146 12.61 1.18 51.19
C ALA A 146 13.28 2.56 51.10
N LEU A 147 12.81 3.42 50.21
CA LEU A 147 13.34 4.76 50.09
C LEU A 147 13.13 5.56 51.37
N MET A 148 11.95 5.42 51.99
CA MET A 148 11.68 6.10 53.26
C MET A 148 12.68 5.70 54.35
N ARG A 149 12.94 4.40 54.45
CA ARG A 149 13.84 3.91 55.49
C ARG A 149 15.25 4.39 55.18
N TYR A 150 15.60 4.39 53.89
CA TYR A 150 16.88 4.89 53.44
C TYR A 150 17.05 6.35 53.85
N PHE A 151 16.11 7.20 53.43
CA PHE A 151 16.12 8.61 53.82
C PHE A 151 16.28 8.80 55.32
N SER A 152 15.52 8.03 56.11
CA SER A 152 15.60 8.07 57.56
C SER A 152 17.00 7.75 58.07
N MET A 153 17.61 6.70 57.54
CA MET A 153 18.94 6.30 57.96
C MET A 153 19.99 7.38 57.63
N LYS A 154 19.76 8.13 56.55
CA LYS A 154 20.67 9.19 56.14
C LYS A 154 20.41 10.52 56.86
N GLY A 155 19.44 10.53 57.76
CA GLY A 155 19.11 11.74 58.51
C GLY A 155 18.31 12.77 57.71
N TRP A 156 17.67 12.31 56.65
CA TRP A 156 16.82 13.17 55.83
C TRP A 156 15.37 13.10 56.33
N ASN A 157 14.46 13.78 55.65
CA ASN A 157 13.05 13.72 56.04
C ASN A 157 12.30 12.74 55.16
N GLU A 158 11.87 11.63 55.76
CA GLU A 158 11.25 10.53 55.01
C GLU A 158 9.88 10.91 54.45
N GLU A 159 9.19 11.84 55.12
CA GLU A 159 7.90 12.29 54.65
C GLU A 159 8.02 12.92 53.26
N GLU A 160 9.21 13.41 52.92
CA GLU A 160 9.49 13.91 51.58
C GLU A 160 9.25 12.84 50.51
N VAL A 161 9.54 11.58 50.85
CA VAL A 161 9.37 10.44 49.94
C VAL A 161 7.89 10.22 49.57
N LEU A 162 6.99 10.70 50.43
CA LEU A 162 5.56 10.63 50.14
C LEU A 162 5.21 11.35 48.82
N LYS A 163 6.07 12.28 48.39
CA LYS A 163 5.88 12.99 47.12
C LYS A 163 5.75 12.02 45.95
N LEU A 164 6.30 10.83 46.12
CA LEU A 164 6.36 9.83 45.07
C LEU A 164 5.09 9.02 44.94
N GLU A 165 4.07 9.36 45.73
CA GLU A 165 2.75 8.74 45.57
C GLU A 165 1.99 9.38 44.42
N LYS A 166 2.58 10.45 43.90
CA LYS A 166 1.97 11.23 42.83
C LYS A 166 2.49 10.77 41.46
N SER A 167 1.55 10.48 40.55
CA SER A 167 1.85 9.93 39.23
C SER A 167 2.94 10.66 38.43
N ASN A 168 2.82 11.98 38.31
CA ASN A 168 3.80 12.74 37.51
C ASN A 168 5.22 12.56 38.03
N ASP A 169 5.40 12.63 39.34
CA ASP A 169 6.74 12.55 39.92
C ASP A 169 7.30 11.12 39.87
N ILE A 170 6.44 10.11 40.06
CA ILE A 170 6.83 8.73 39.77
C ILE A 170 7.41 8.65 38.36
N LEU A 171 6.66 9.14 37.39
CA LEU A 171 7.17 9.21 36.03
C LEU A 171 8.45 10.01 35.94
N GLY A 172 8.48 11.15 36.63
CA GLY A 172 9.66 12.01 36.56
C GLY A 172 10.94 11.31 37.00
N VAL A 173 10.84 10.58 38.10
CA VAL A 173 11.99 9.86 38.63
C VAL A 173 12.46 8.81 37.62
N GLU A 174 11.52 8.13 36.99
CA GLU A 174 11.87 7.09 36.02
C GLU A 174 12.50 7.67 34.75
N TYR A 175 12.05 8.84 34.29
CA TYR A 175 12.73 9.51 33.16
C TYR A 175 14.19 9.72 33.48
N ILE A 176 14.45 10.26 34.67
CA ILE A 176 15.81 10.60 35.07
C ILE A 176 16.66 9.33 35.28
N HIS A 177 16.09 8.35 35.98
CA HIS A 177 16.75 7.05 36.15
C HIS A 177 17.14 6.44 34.79
N SER A 178 16.20 6.45 33.85
CA SER A 178 16.44 5.96 32.49
C SER A 178 17.58 6.71 31.79
N ALA A 179 17.57 8.04 31.89
CA ALA A 179 18.66 8.83 31.36
C ALA A 179 20.01 8.40 31.96
N LEU A 180 20.02 8.20 33.28
CA LEU A 180 21.24 7.73 33.94
C LEU A 180 21.66 6.37 33.39
N LYS A 181 20.72 5.44 33.28
CA LYS A 181 21.04 4.08 32.81
C LYS A 181 21.69 4.07 31.43
N ILE A 182 21.20 4.92 30.52
CA ILE A 182 21.75 4.91 29.17
C ILE A 182 22.84 5.96 28.95
N GLY A 183 23.21 6.69 30.00
CA GLY A 183 24.28 7.67 29.87
C GLY A 183 23.90 8.90 29.06
N SER A 184 22.64 9.32 29.13
CA SER A 184 22.20 10.50 28.39
C SER A 184 22.68 11.79 29.05
N ASN A 185 22.98 12.79 28.22
CA ASN A 185 23.36 14.11 28.71
C ASN A 185 22.20 15.11 28.74
N ILE A 186 20.99 14.64 28.49
CA ILE A 186 19.83 15.51 28.49
C ILE A 186 19.66 16.22 29.86
N ARG A 187 19.35 17.52 29.82
CA ARG A 187 19.03 18.25 31.04
C ARG A 187 17.53 18.16 31.26
N PHE A 188 17.14 17.72 32.46
CA PHE A 188 15.74 17.55 32.82
C PHE A 188 15.21 18.70 33.67
N HIS A 189 13.99 19.12 33.40
CA HIS A 189 13.37 20.25 34.13
C HIS A 189 11.94 19.86 34.51
N THR A 190 11.45 20.40 35.63
CA THR A 190 10.06 20.21 35.99
C THR A 190 9.34 21.55 35.83
N ILE A 191 8.04 21.45 35.56
CA ILE A 191 7.14 22.57 35.76
C ILE A 191 5.97 22.03 36.59
N LYS A 192 5.34 22.91 37.35
CA LYS A 192 4.26 22.50 38.24
C LYS A 192 3.01 22.21 37.42
N ARG A 193 2.48 21.01 37.58
CA ARG A 193 1.21 20.65 36.97
C ARG A 193 0.10 21.48 37.58
N VAL A 194 -0.68 22.16 36.74
CA VAL A 194 -1.88 22.82 37.26
C VAL A 194 -3.09 22.30 36.48
N GLY A 195 -4.23 22.24 37.18
CA GLY A 195 -5.41 21.61 36.62
C GLY A 195 -5.63 20.26 37.27
N ALA A 196 -6.74 19.62 36.91
CA ALA A 196 -7.13 18.38 37.56
C ALA A 196 -6.12 17.26 37.35
N GLU A 197 -5.98 16.42 38.37
CA GLU A 197 -5.11 15.26 38.31
C GLU A 197 -5.64 14.23 37.33
N GLU A 198 -4.76 13.37 36.85
CA GLU A 198 -5.09 12.41 35.80
C GLU A 198 -6.23 11.49 36.20
N LYS A 199 -6.39 11.27 37.51
CA LYS A 199 -7.38 10.35 38.04
C LYS A 199 -8.75 10.98 38.28
N ASP A 200 -8.86 12.28 38.07
CA ASP A 200 -10.11 12.98 38.38
C ASP A 200 -11.09 12.87 37.20
N THR A 201 -12.22 12.22 37.43
CA THR A 201 -13.10 11.81 36.34
C THR A 201 -14.25 12.78 36.05
N SER A 202 -14.28 13.90 36.77
CA SER A 202 -15.40 14.83 36.65
C SER A 202 -14.96 16.22 36.19
N PHE A 203 -15.92 17.01 35.75
CA PHE A 203 -15.66 18.21 34.98
C PHE A 203 -15.61 19.49 35.79
N ARG A 204 -14.46 20.17 35.77
CA ARG A 204 -14.44 21.59 36.13
C ARG A 204 -13.75 22.39 35.04
N GLY A 205 -14.53 23.11 34.24
CA GLY A 205 -14.03 24.14 33.36
C GLY A 205 -12.80 23.77 32.55
N ARG A 206 -11.82 24.66 32.64
CA ARG A 206 -10.44 24.33 32.38
C ARG A 206 -9.71 24.57 33.71
N PHE A 207 -8.75 23.73 34.06
CA PHE A 207 -8.34 22.62 33.21
C PHE A 207 -8.91 21.28 33.68
N SER A 208 -9.88 20.76 32.95
CA SER A 208 -10.35 19.40 33.20
C SER A 208 -9.30 18.40 32.76
N SER A 209 -9.29 17.24 33.41
CA SER A 209 -8.38 16.17 33.03
C SER A 209 -8.80 15.59 31.69
N ALA A 210 -7.88 14.91 31.01
CA ALA A 210 -8.19 14.26 29.74
C ALA A 210 -9.26 13.20 29.93
N THR A 211 -9.17 12.47 31.04
CA THR A 211 -10.17 11.47 31.41
C THR A 211 -11.57 12.08 31.53
N ALA A 212 -11.68 13.18 32.27
CA ALA A 212 -12.98 13.85 32.39
C ALA A 212 -13.51 14.28 31.01
N ILE A 213 -12.62 14.79 30.17
CA ILE A 213 -13.02 15.31 28.88
C ILE A 213 -13.54 14.17 27.99
N ARG A 214 -12.82 13.04 28.00
CA ARG A 214 -13.31 11.85 27.31
C ARG A 214 -14.71 11.42 27.81
N ASN A 215 -14.97 11.59 29.10
CA ASN A 215 -16.32 11.27 29.58
C ASN A 215 -17.36 12.26 29.06
N LEU A 216 -16.97 13.53 28.96
CA LEU A 216 -17.82 14.54 28.33
C LEU A 216 -18.19 14.09 26.92
N MET A 217 -17.22 13.55 26.19
CA MET A 217 -17.50 13.01 24.87
C MET A 217 -18.53 11.88 24.95
N ARG A 218 -18.38 10.96 25.90
CA ARG A 218 -19.37 9.86 26.07
C ARG A 218 -20.77 10.40 26.30
N GLU A 219 -20.87 11.49 27.06
CA GLU A 219 -22.18 12.03 27.42
C GLU A 219 -22.66 13.02 26.39
N LYS A 220 -21.87 13.18 25.33
CA LYS A 220 -22.20 14.09 24.23
C LYS A 220 -22.33 15.53 24.73
N ARG A 221 -21.50 15.93 25.69
CA ARG A 221 -21.60 17.31 26.12
C ARG A 221 -20.51 18.04 25.37
N TRP A 222 -20.88 18.54 24.20
CA TRP A 222 -19.88 18.95 23.21
C TRP A 222 -19.52 20.41 23.36
N GLU A 223 -20.37 21.17 24.03
CA GLU A 223 -20.10 22.56 24.33
C GLU A 223 -19.00 22.63 25.37
N GLU A 224 -19.13 21.77 26.38
CA GLU A 224 -18.15 21.69 27.45
C GLU A 224 -16.85 21.08 26.92
N VAL A 225 -16.95 20.21 25.92
CA VAL A 225 -15.75 19.72 25.24
C VAL A 225 -15.05 20.88 24.50
N ARG A 226 -15.83 21.71 23.83
CA ARG A 226 -15.27 22.84 23.08
C ARG A 226 -14.58 23.85 24.01
N ASP A 227 -15.19 24.08 25.17
CA ASP A 227 -14.60 24.98 26.17
C ASP A 227 -13.34 24.37 26.79
N SER A 228 -13.13 23.07 26.60
CA SER A 228 -12.00 22.39 27.22
C SER A 228 -10.76 22.25 26.35
N LEU A 229 -10.88 22.61 25.07
CA LEU A 229 -9.82 22.28 24.10
C LEU A 229 -9.44 23.52 23.32
N PRO A 230 -8.17 23.60 22.87
CA PRO A 230 -7.88 24.68 21.93
C PRO A 230 -8.66 24.47 20.63
N GLU A 231 -8.93 25.56 19.93
CA GLU A 231 -9.70 25.55 18.69
C GLU A 231 -9.24 24.48 17.68
N ASP A 232 -7.94 24.45 17.38
CA ASP A 232 -7.43 23.48 16.41
C ASP A 232 -7.59 22.05 16.88
N SER A 233 -7.52 21.83 18.19
CA SER A 233 -7.73 20.49 18.73
C SER A 233 -9.19 20.07 18.51
N PHE A 234 -10.12 20.94 18.91
CA PHE A 234 -11.55 20.65 18.77
C PHE A 234 -11.93 20.45 17.30
N GLU A 235 -11.35 21.26 16.41
CA GLU A 235 -11.62 21.15 14.98
C GLU A 235 -11.18 19.81 14.39
N ILE A 236 -9.98 19.35 14.74
CA ILE A 236 -9.51 18.06 14.26
C ILE A 236 -10.37 16.92 14.84
N LEU A 237 -10.77 17.05 16.10
CA LEU A 237 -11.65 16.07 16.77
C LEU A 237 -12.97 15.96 16.01
N MET A 238 -13.57 17.09 15.70
CA MET A 238 -14.84 17.10 14.97
C MET A 238 -14.65 16.52 13.56
N ARG A 239 -13.55 16.89 12.92
CA ARG A 239 -13.24 16.35 11.59
C ARG A 239 -13.24 14.83 11.61
N GLU A 240 -12.59 14.24 12.62
CA GLU A 240 -12.52 12.78 12.74
C GLU A 240 -13.89 12.19 12.99
N ILE A 241 -14.67 12.84 13.86
CA ILE A 241 -15.98 12.35 14.21
C ILE A 241 -16.92 12.42 13.00
N ASN A 242 -16.84 13.52 12.25
CA ASN A 242 -17.66 13.70 11.06
C ASN A 242 -17.39 12.66 9.97
N GLU A 243 -16.14 12.17 9.92
CA GLU A 243 -15.79 11.15 8.94
C GLU A 243 -15.94 9.72 9.50
N GLY A 244 -16.36 9.60 10.76
CA GLY A 244 -16.56 8.29 11.37
C GLY A 244 -15.28 7.61 11.83
N ARG A 245 -14.24 8.39 12.04
CA ARG A 245 -12.99 7.85 12.60
C ARG A 245 -12.88 8.12 14.11
N GLY A 246 -13.93 8.65 14.70
CA GLY A 246 -13.96 8.81 16.15
C GLY A 246 -15.35 9.15 16.64
N PRO A 247 -15.53 9.17 17.98
CA PRO A 247 -14.52 8.83 18.99
C PRO A 247 -14.38 7.33 19.15
N VAL A 248 -13.23 6.87 19.62
CA VAL A 248 -13.02 5.47 19.92
C VAL A 248 -12.88 5.31 21.42
N PHE A 249 -13.70 4.44 22.02
CA PHE A 249 -13.67 4.23 23.47
C PHE A 249 -13.31 2.78 23.79
N LEU A 250 -12.83 2.54 25.01
CA LEU A 250 -12.42 1.19 25.40
C LEU A 250 -13.61 0.21 25.35
N GLU A 251 -14.80 0.70 25.70
CA GLU A 251 -15.95 -0.17 25.78
C GLU A 251 -16.33 -0.68 24.38
N ASN A 252 -15.97 0.06 23.34
CA ASN A 252 -16.19 -0.42 21.98
C ASN A 252 -15.39 -1.70 21.71
N MET A 253 -14.23 -1.83 22.35
CA MET A 253 -13.39 -3.02 22.20
C MET A 253 -13.69 -4.11 23.22
N GLY A 254 -14.64 -3.82 24.13
CA GLY A 254 -14.84 -4.67 25.28
C GLY A 254 -15.27 -6.08 24.96
N ASP A 255 -16.22 -6.24 24.05
CA ASP A 255 -16.70 -7.58 23.68
C ASP A 255 -15.60 -8.37 23.00
N PHE A 256 -14.78 -7.69 22.20
CA PHE A 256 -13.67 -8.39 21.54
C PHE A 256 -12.73 -8.98 22.57
N LEU A 257 -12.26 -8.14 23.48
CA LEU A 257 -11.31 -8.52 24.51
C LEU A 257 -11.81 -9.70 25.33
N LEU A 258 -13.08 -9.64 25.72
CA LEU A 258 -13.64 -10.65 26.57
C LEU A 258 -13.80 -11.97 25.80
N SER A 259 -14.28 -11.89 24.57
CA SER A 259 -14.39 -13.08 23.70
C SER A 259 -13.02 -13.71 23.42
N PHE A 260 -12.02 -12.86 23.21
CA PHE A 260 -10.64 -13.29 23.00
C PHE A 260 -10.09 -14.05 24.21
N PHE A 261 -10.35 -13.55 25.42
CA PHE A 261 -9.84 -14.22 26.61
C PHE A 261 -10.52 -15.58 26.81
N ARG A 262 -11.75 -15.72 26.33
CA ARG A 262 -12.42 -17.02 26.38
C ARG A 262 -11.80 -18.06 25.45
N LEU A 263 -10.95 -17.62 24.54
CA LEU A 263 -10.27 -18.56 23.66
C LEU A 263 -8.97 -19.09 24.26
N LYS A 264 -8.53 -18.48 25.35
CA LYS A 264 -7.20 -18.76 25.87
C LYS A 264 -7.23 -19.51 27.19
N ASN A 265 -6.24 -20.36 27.43
CA ASN A 265 -6.10 -21.01 28.73
C ASN A 265 -5.05 -20.28 29.58
N MET A 266 -4.79 -20.83 30.75
CA MET A 266 -3.88 -20.21 31.71
C MET A 266 -2.45 -20.21 31.19
N ASP A 267 -2.10 -21.26 30.45
CA ASP A 267 -0.78 -21.37 29.86
C ASP A 267 -0.47 -20.23 28.89
N PHE A 268 -1.49 -19.72 28.21
CA PHE A 268 -1.31 -18.54 27.35
C PHE A 268 -0.92 -17.32 28.20
N PHE A 269 -1.68 -17.04 29.26
CA PHE A 269 -1.44 -15.81 30.02
C PHE A 269 -0.10 -15.84 30.76
N GLU A 270 0.33 -17.02 31.22
CA GLU A 270 1.62 -17.17 31.89
C GLU A 270 2.76 -16.62 31.03
N LYS A 271 2.58 -16.65 29.72
CA LYS A 271 3.59 -16.16 28.77
C LYS A 271 3.54 -14.65 28.55
N ILE A 272 2.43 -14.04 28.93
CA ILE A 272 2.23 -12.62 28.64
C ILE A 272 2.87 -11.69 29.70
N HIS A 273 3.49 -10.62 29.24
CA HIS A 273 4.19 -9.70 30.15
C HIS A 273 3.29 -9.14 31.24
N GLY A 274 3.80 -9.08 32.45
CA GLY A 274 3.07 -8.49 33.56
C GLY A 274 2.19 -9.42 34.36
N PHE A 275 2.07 -10.68 33.93
CA PHE A 275 1.27 -11.64 34.69
C PHE A 275 2.06 -12.27 35.85
N SER A 276 1.50 -12.13 37.05
CA SER A 276 1.98 -12.77 38.27
C SER A 276 0.89 -12.68 39.32
N GLU A 277 1.18 -13.09 40.55
CA GLU A 277 0.25 -12.94 41.67
C GLU A 277 -1.14 -13.53 41.37
N GLY A 278 -1.16 -14.66 40.68
CA GLY A 278 -2.39 -15.32 40.30
C GLY A 278 -3.29 -14.54 39.36
N LEU A 279 -2.73 -13.67 38.55
CA LEU A 279 -3.55 -12.93 37.58
C LEU A 279 -3.96 -13.83 36.42
N GLU A 280 -3.16 -14.85 36.13
CA GLU A 280 -3.48 -15.78 35.04
C GLU A 280 -4.83 -16.44 35.30
N LYS A 281 -5.01 -16.92 36.52
CA LYS A 281 -6.24 -17.61 36.90
C LYS A 281 -7.43 -16.64 36.93
N ARG A 282 -7.18 -15.39 37.33
CA ARG A 282 -8.26 -14.42 37.44
C ARG A 282 -8.76 -14.03 36.05
N PHE A 283 -7.83 -13.84 35.12
CA PHE A 283 -8.21 -13.61 33.73
C PHE A 283 -8.99 -14.80 33.18
N HIS A 284 -8.47 -16.01 33.40
CA HIS A 284 -9.09 -17.21 32.85
C HIS A 284 -10.51 -17.40 33.39
N VAL A 285 -10.66 -17.33 34.71
CA VAL A 285 -11.95 -17.55 35.36
C VAL A 285 -12.95 -16.41 35.10
N CYS A 286 -12.50 -15.17 35.25
CA CYS A 286 -13.39 -14.03 35.04
C CYS A 286 -13.89 -13.89 33.60
N ALA A 287 -13.06 -14.26 32.65
CA ALA A 287 -13.47 -14.16 31.25
C ALA A 287 -14.61 -15.14 30.95
N ARG A 288 -14.61 -16.25 31.66
CA ARG A 288 -15.64 -17.25 31.51
C ARG A 288 -16.90 -16.91 32.33
N GLN A 289 -16.73 -16.21 33.45
CA GLN A 289 -17.86 -15.95 34.35
C GLN A 289 -18.54 -14.57 34.22
N THR A 290 -18.00 -13.68 33.40
CA THR A 290 -18.61 -12.37 33.18
C THR A 290 -19.08 -12.25 31.73
N GLY A 291 -20.06 -11.37 31.50
CA GLY A 291 -20.64 -11.18 30.18
C GLY A 291 -20.31 -9.87 29.47
N SER A 292 -19.60 -8.99 30.16
CA SER A 292 -19.17 -7.70 29.60
C SER A 292 -17.81 -7.37 30.12
N TYR A 293 -17.08 -6.54 29.40
CA TYR A 293 -15.71 -6.22 29.75
C TYR A 293 -15.66 -5.40 31.04
N ARG A 294 -16.66 -4.57 31.24
CA ARG A 294 -16.79 -3.80 32.48
C ARG A 294 -16.90 -4.75 33.66
N ASP A 295 -17.76 -5.76 33.52
CA ASP A 295 -17.90 -6.76 34.57
C ASP A 295 -16.62 -7.57 34.75
N PHE A 296 -15.98 -7.90 33.63
CA PHE A 296 -14.69 -8.60 33.68
C PHE A 296 -13.66 -7.85 34.51
N LEU A 297 -13.51 -6.55 34.25
CA LEU A 297 -12.55 -5.72 34.98
C LEU A 297 -12.85 -5.71 36.49
N GLU A 298 -14.13 -5.59 36.83
CA GLU A 298 -14.53 -5.58 38.23
C GLU A 298 -14.23 -6.93 38.89
N CYS A 299 -14.38 -8.00 38.14
CA CYS A 299 -14.11 -9.36 38.65
C CYS A 299 -12.61 -9.55 38.90
N VAL A 300 -11.77 -9.15 37.95
CA VAL A 300 -10.34 -9.35 38.10
C VAL A 300 -9.77 -8.44 39.20
N LYS A 301 -10.29 -7.22 39.26
CA LYS A 301 -9.86 -6.20 40.22
C LYS A 301 -10.00 -6.65 41.67
N ALA A 302 -8.98 -6.35 42.46
CA ALA A 302 -9.07 -6.54 43.89
C ALA A 302 -8.15 -5.52 44.52
N LYS A 303 -8.05 -5.57 45.84
CA LYS A 303 -7.30 -4.59 46.60
C LYS A 303 -5.92 -4.32 45.99
N ARG A 304 -5.21 -5.39 45.62
CA ARG A 304 -3.84 -5.23 45.16
C ARG A 304 -3.70 -4.88 43.67
N PHE A 305 -4.82 -4.81 42.93
CA PHE A 305 -4.70 -4.45 41.51
C PHE A 305 -5.44 -3.16 41.16
N THR A 306 -4.75 -2.22 40.54
CA THR A 306 -5.44 -1.07 39.97
C THR A 306 -6.09 -1.43 38.63
N PHE A 307 -7.08 -0.63 38.23
CA PHE A 307 -7.74 -0.82 36.95
C PHE A 307 -6.75 -0.69 35.80
N SER A 308 -5.85 0.27 35.88
CA SER A 308 -4.90 0.50 34.80
C SER A 308 -3.96 -0.69 34.57
N ARG A 309 -3.56 -1.33 35.65
CA ARG A 309 -2.74 -2.52 35.54
C ARG A 309 -3.51 -3.63 34.80
N ILE A 310 -4.77 -3.84 35.20
CA ILE A 310 -5.59 -4.88 34.58
C ILE A 310 -5.83 -4.55 33.11
N ARG A 311 -6.17 -3.29 32.82
CA ARG A 311 -6.40 -2.87 31.43
C ARG A 311 -5.16 -3.05 30.57
N ARG A 312 -3.99 -2.70 31.11
CA ARG A 312 -2.74 -2.92 30.40
C ARG A 312 -2.54 -4.41 30.10
N LEU A 313 -2.83 -5.25 31.07
CA LEU A 313 -2.69 -6.68 30.89
C LEU A 313 -3.60 -7.20 29.77
N ALA A 314 -4.79 -6.62 29.65
CA ALA A 314 -5.70 -7.02 28.58
C ALA A 314 -5.13 -6.68 27.22
N LEU A 315 -4.46 -5.53 27.11
CA LEU A 315 -3.89 -5.10 25.83
C LEU A 315 -2.70 -5.99 25.50
N PHE A 316 -1.84 -6.25 26.49
CA PHE A 316 -0.70 -7.14 26.29
C PHE A 316 -1.15 -8.53 25.84
N SER A 317 -2.30 -8.99 26.37
CA SER A 317 -2.81 -10.31 26.01
C SER A 317 -3.29 -10.34 24.57
N VAL A 318 -4.13 -9.38 24.21
CA VAL A 318 -4.73 -9.36 22.89
C VAL A 318 -3.64 -9.17 21.82
N PHE A 319 -2.56 -8.46 22.15
CA PHE A 319 -1.48 -8.23 21.19
C PHE A 319 -0.35 -9.25 21.35
N GLU A 320 -0.51 -10.19 22.27
CA GLU A 320 0.46 -11.26 22.48
C GLU A 320 1.85 -10.66 22.74
N VAL A 321 1.89 -9.76 23.70
CA VAL A 321 3.13 -9.12 24.07
C VAL A 321 3.76 -10.01 25.16
N ASN A 322 4.75 -10.81 24.77
CA ASN A 322 5.20 -11.83 25.70
C ASN A 322 6.36 -11.32 26.54
N LYS A 323 6.75 -12.12 27.52
CA LYS A 323 7.70 -11.71 28.53
C LYS A 323 9.10 -11.47 27.96
N GLU A 324 9.56 -12.35 27.07
CA GLU A 324 10.92 -12.23 26.55
C GLU A 324 11.07 -11.00 25.66
N PHE A 325 10.02 -10.74 24.89
CA PHE A 325 9.96 -9.58 24.02
C PHE A 325 10.04 -8.27 24.83
N VAL A 326 9.30 -8.19 25.93
CA VAL A 326 9.33 -6.96 26.73
C VAL A 326 10.66 -6.83 27.48
N GLU A 327 11.21 -7.97 27.91
CA GLU A 327 12.51 -7.97 28.57
C GLU A 327 13.60 -7.40 27.66
N LYS A 328 13.66 -7.90 26.42
CA LYS A 328 14.62 -7.35 25.46
C LYS A 328 14.36 -5.84 25.20
N SER A 329 13.10 -5.46 25.01
CA SER A 329 12.76 -4.07 24.73
C SER A 329 13.14 -3.15 25.88
N ASN A 330 12.96 -3.63 27.12
CA ASN A 330 13.31 -2.84 28.30
C ASN A 330 14.81 -2.89 28.60
N THR A 331 15.52 -3.63 27.78
CA THR A 331 16.97 -3.75 27.93
C THR A 331 17.64 -2.99 26.78
N LYS A 332 17.33 -3.39 25.55
CA LYS A 332 17.94 -2.77 24.38
C LYS A 332 17.24 -1.48 23.96
N GLY A 333 16.00 -1.28 24.36
CA GLY A 333 15.27 -0.09 23.97
C GLY A 333 14.58 -0.14 22.61
N PRO A 334 14.00 0.97 22.19
CA PRO A 334 13.46 1.06 20.83
C PRO A 334 14.58 0.88 19.81
N GLN A 335 14.28 0.21 18.70
CA GLN A 335 15.27 0.01 17.65
C GLN A 335 15.14 0.99 16.47
N TYR A 336 14.16 1.87 16.51
CA TYR A 336 13.92 2.82 15.39
C TYR A 336 13.26 4.08 15.92
N ILE A 337 13.37 5.14 15.13
CA ILE A 337 12.66 6.36 15.42
C ILE A 337 11.58 6.51 14.36
N ARG A 338 10.32 6.51 14.78
CA ARG A 338 9.20 6.62 13.83
C ARG A 338 8.72 8.07 13.79
N ILE A 339 8.76 8.66 12.60
CA ILE A 339 8.28 10.03 12.41
C ILE A 339 6.79 10.03 12.07
N LEU A 340 5.97 10.56 12.97
CA LEU A 340 4.53 10.71 12.69
C LEU A 340 4.17 11.98 11.93
N GLY A 341 4.98 13.02 12.10
CA GLY A 341 4.71 14.28 11.45
C GLY A 341 5.74 15.35 11.78
N PHE A 342 5.82 16.36 10.93
CA PHE A 342 6.67 17.52 11.19
C PHE A 342 6.22 18.72 10.36
N THR A 343 6.65 19.91 10.75
CA THR A 343 6.31 21.11 9.99
C THR A 343 7.44 21.49 9.03
N GLU A 344 7.18 22.50 8.21
CA GLU A 344 8.18 23.02 7.31
C GLU A 344 9.41 23.47 8.11
N LYS A 345 9.18 24.08 9.27
CA LYS A 345 10.26 24.45 10.16
C LYS A 345 10.97 23.21 10.72
N GLY A 346 10.19 22.19 11.08
CA GLY A 346 10.74 20.95 11.62
C GLY A 346 11.68 20.21 10.68
N ARG A 347 11.55 20.46 9.38
CA ARG A 347 12.47 19.94 8.36
C ARG A 347 13.91 20.17 8.76
N GLU A 348 14.19 21.36 9.28
CA GLU A 348 15.55 21.75 9.62
C GLU A 348 16.15 20.86 10.70
N ILE A 349 15.38 20.58 11.75
CA ILE A 349 15.90 19.74 12.81
C ILE A 349 15.84 18.25 12.40
N LEU A 350 14.88 17.87 11.58
CA LEU A 350 14.80 16.47 11.15
C LEU A 350 16.03 16.16 10.26
N SER A 351 16.45 17.15 9.47
CA SER A 351 17.65 17.02 8.66
C SER A 351 18.90 16.77 9.51
N LEU A 352 19.07 17.52 10.58
CA LEU A 352 20.15 17.29 11.51
C LEU A 352 20.06 15.90 12.16
N MET A 353 18.86 15.49 12.56
CA MET A 353 18.65 14.15 13.13
C MET A 353 19.18 13.06 12.21
N ARG A 354 18.99 13.21 10.90
CA ARG A 354 19.49 12.19 9.98
C ARG A 354 21.00 12.03 10.03
N LYS A 355 21.70 13.12 10.35
CA LYS A 355 23.16 13.05 10.51
C LYS A 355 23.52 12.54 11.90
N LYS A 356 22.75 12.96 12.90
CA LYS A 356 23.09 12.69 14.29
C LYS A 356 22.41 11.49 14.99
N ALA A 357 21.37 10.91 14.42
CA ALA A 357 20.56 9.93 15.16
C ALA A 357 21.34 8.66 15.46
N LYS A 358 21.03 8.03 16.59
CA LYS A 358 21.68 6.78 16.97
C LYS A 358 20.81 5.58 16.62
N LEU A 359 19.62 5.83 16.11
CA LEU A 359 18.70 4.79 15.66
C LEU A 359 18.24 5.11 14.24
N PRO A 360 17.86 4.07 13.46
CA PRO A 360 17.35 4.28 12.10
C PRO A 360 16.06 5.11 12.13
N ILE A 361 15.89 6.01 11.18
CA ILE A 361 14.72 6.87 11.16
C ILE A 361 13.72 6.37 10.13
N VAL A 362 12.48 6.17 10.55
CA VAL A 362 11.48 5.63 9.62
C VAL A 362 10.44 6.71 9.31
N THR A 363 10.39 7.14 8.06
CA THR A 363 9.42 8.12 7.60
C THR A 363 8.40 7.42 6.70
N ASN A 364 8.91 6.81 5.63
CA ASN A 364 8.07 6.09 4.68
C ASN A 364 7.99 4.63 5.14
N MET A 365 6.82 4.23 5.63
CA MET A 365 6.69 2.92 6.27
C MET A 365 6.84 1.80 5.24
N SER A 366 6.51 2.11 4.00
CA SER A 366 6.60 1.12 2.92
C SER A 366 8.04 0.68 2.70
N LEU A 367 8.97 1.52 3.15
CA LEU A 367 10.40 1.27 3.03
C LEU A 367 11.08 0.73 4.31
N TYR A 368 10.34 0.44 5.39
CA TYR A 368 11.05 0.23 6.66
C TYR A 368 11.97 -1.00 6.64
N ARG A 369 11.62 -2.05 5.88
CA ARG A 369 12.51 -3.21 5.77
C ARG A 369 13.76 -2.87 5.00
N LYS A 370 13.65 -1.94 4.06
CA LYS A 370 14.83 -1.53 3.31
C LYS A 370 15.73 -0.66 4.19
N VAL A 371 15.10 0.18 5.01
CA VAL A 371 15.86 0.98 5.99
C VAL A 371 16.66 0.05 6.91
N LEU A 372 16.01 -1.01 7.38
CA LEU A 372 16.63 -1.98 8.27
C LEU A 372 17.78 -2.73 7.59
N GLU A 373 17.54 -3.19 6.37
CA GLU A 373 18.57 -3.89 5.60
C GLU A 373 19.81 -3.03 5.35
N LYS A 374 19.62 -1.73 5.14
CA LYS A 374 20.72 -0.84 4.75
C LYS A 374 21.43 -0.06 5.87
N THR A 375 20.88 -0.05 7.07
CA THR A 375 21.41 0.87 8.07
C THR A 375 22.79 0.45 8.55
N ASP A 376 23.62 1.45 8.83
CA ASP A 376 24.92 1.26 9.43
C ASP A 376 24.82 0.99 10.93
N LEU A 377 23.67 1.34 11.50
CA LEU A 377 23.46 1.30 12.94
C LEU A 377 23.26 -0.13 13.42
N PRO A 378 23.99 -0.52 14.48
CA PRO A 378 24.01 -1.94 14.88
C PRO A 378 22.80 -2.33 15.71
N VAL A 379 21.62 -2.18 15.15
CA VAL A 379 20.36 -2.48 15.84
C VAL A 379 20.13 -3.97 15.94
N ASP A 380 19.21 -4.36 16.83
CA ASP A 380 18.81 -5.75 16.93
C ASP A 380 17.72 -5.99 15.88
N LYS A 381 18.04 -6.79 14.86
CA LYS A 381 17.16 -6.88 13.69
C LYS A 381 15.82 -7.51 14.02
N GLN A 382 15.86 -8.66 14.68
CA GLN A 382 14.60 -9.34 15.03
C GLN A 382 13.75 -8.48 15.99
N LEU A 383 14.39 -7.82 16.94
CA LEU A 383 13.64 -7.00 17.89
C LEU A 383 12.99 -5.81 17.16
N PHE A 384 13.75 -5.19 16.26
CA PHE A 384 13.25 -4.12 15.38
C PHE A 384 11.95 -4.58 14.68
N LEU A 385 12.04 -5.72 14.01
CA LEU A 385 10.91 -6.27 13.29
C LEU A 385 9.73 -6.55 14.21
N GLU A 386 10.00 -7.16 15.38
CA GLU A 386 8.93 -7.44 16.32
C GLU A 386 8.28 -6.15 16.86
N GLN A 387 9.11 -5.17 17.20
CA GLN A 387 8.58 -3.92 17.75
C GLN A 387 7.68 -3.24 16.73
N ILE A 388 8.15 -3.12 15.49
CA ILE A 388 7.40 -2.34 14.51
C ILE A 388 6.19 -3.15 14.01
N ASP A 389 6.27 -4.48 14.05
CA ASP A 389 5.09 -5.30 13.71
C ASP A 389 3.98 -5.03 14.73
N LEU A 390 4.37 -4.82 15.98
CA LEU A 390 3.40 -4.53 17.03
C LEU A 390 2.74 -3.17 16.80
N ASP A 391 3.55 -2.17 16.42
CA ASP A 391 3.01 -0.84 16.12
C ASP A 391 1.93 -0.91 15.01
N VAL A 392 2.25 -1.64 13.94
CA VAL A 392 1.33 -1.79 12.81
C VAL A 392 0.09 -2.59 13.22
N LYS A 393 0.32 -3.66 14.00
CA LYS A 393 -0.79 -4.51 14.44
C LYS A 393 -1.80 -3.72 15.27
N ALA A 394 -1.29 -2.85 16.14
CA ALA A 394 -2.14 -2.06 17.01
C ALA A 394 -2.96 -1.03 16.21
N THR A 395 -2.36 -0.46 15.18
CA THR A 395 -3.07 0.47 14.32
C THR A 395 -4.15 -0.29 13.55
N ASN A 396 -3.81 -1.44 13.03
CA ASN A 396 -4.76 -2.25 12.27
C ASN A 396 -5.94 -2.71 13.13
N PHE A 397 -5.67 -3.10 14.37
CA PHE A 397 -6.72 -3.50 15.30
C PHE A 397 -7.60 -2.30 15.66
N TYR A 398 -6.96 -1.19 16.05
CA TYR A 398 -7.67 0.04 16.42
C TYR A 398 -8.68 0.46 15.37
N SER A 399 -8.28 0.41 14.10
CA SER A 399 -9.11 0.90 13.00
C SER A 399 -10.41 0.13 12.82
N MET A 400 -10.47 -1.14 13.25
CA MET A 400 -11.71 -1.91 13.17
C MET A 400 -12.77 -1.28 14.05
N PHE A 401 -12.35 -0.43 14.98
CA PHE A 401 -13.28 0.17 15.93
C PHE A 401 -13.67 1.62 15.60
N PHE A 402 -13.17 2.13 14.47
CA PHE A 402 -13.74 3.32 13.87
C PHE A 402 -15.25 3.11 13.73
N PRO A 403 -16.04 4.11 14.18
CA PRO A 403 -17.51 3.95 14.15
C PRO A 403 -18.10 3.69 12.75
N SER A 404 -17.51 4.22 11.70
CA SER A 404 -18.04 3.97 10.35
C SER A 404 -17.24 2.90 9.63
N VAL A 405 -17.93 1.88 9.12
CA VAL A 405 -17.27 0.78 8.42
C VAL A 405 -16.49 1.26 7.18
N GLU A 406 -16.87 2.40 6.62
CA GLU A 406 -16.19 2.91 5.43
C GLU A 406 -14.74 3.28 5.70
N GLN A 407 -14.40 3.46 6.98
CA GLN A 407 -13.06 3.87 7.38
C GLN A 407 -12.17 2.73 7.82
N ARG A 408 -12.69 1.50 7.79
CA ARG A 408 -11.96 0.39 8.42
C ARG A 408 -10.98 -0.38 7.51
N CME A 409 -10.86 0.02 6.24
CA CME A 409 -10.02 -0.71 5.30
CB CME A 409 -10.52 -0.69 3.83
SG CME A 409 -12.13 -1.36 3.63
SD CME A 409 -13.47 0.20 4.03
CE CME A 409 -13.48 1.15 2.54
CZ CME A 409 -13.90 0.35 1.33
OH CME A 409 -13.51 1.13 0.20
C CME A 409 -8.59 -0.21 5.24
O CME A 409 -8.25 0.95 5.53
N GLY A 410 -7.72 -1.12 4.82
CA GLY A 410 -6.34 -0.79 4.47
C GLY A 410 -5.48 -0.71 5.72
N GLU A 411 -4.16 -0.58 5.54
CA GLU A 411 -3.26 -0.41 6.68
C GLU A 411 -2.82 1.05 6.81
N ARG A 412 -3.32 1.75 7.83
CA ARG A 412 -3.09 3.18 7.90
C ARG A 412 -1.64 3.58 8.14
N ASP A 413 -0.84 2.73 8.77
CA ASP A 413 0.61 3.02 8.83
C ASP A 413 1.26 3.10 7.44
N PHE A 414 0.78 2.31 6.50
CA PHE A 414 1.31 2.39 5.15
C PHE A 414 0.64 3.41 4.24
N SER A 415 -0.65 3.67 4.42
CA SER A 415 -1.32 4.58 3.51
C SER A 415 -1.33 6.05 3.99
N ILE A 416 -1.08 6.30 5.28
CA ILE A 416 -0.97 7.66 5.81
C ILE A 416 0.50 8.02 6.00
N HIS A 417 1.00 8.95 5.22
CA HIS A 417 2.38 9.41 5.36
C HIS A 417 2.49 10.42 6.51
N PRO A 418 3.70 10.65 7.02
CA PRO A 418 3.86 11.63 8.11
C PRO A 418 3.11 12.92 7.81
N ILE A 419 2.38 13.43 8.80
CA ILE A 419 1.69 14.69 8.64
C ILE A 419 2.69 15.79 8.33
N PHE A 420 2.38 16.64 7.35
CA PHE A 420 3.23 17.78 7.05
C PHE A 420 2.43 19.08 7.00
N LEU A 421 2.94 20.12 7.65
CA LEU A 421 2.28 21.44 7.62
C LEU A 421 3.25 22.54 7.25
N ARG A 422 2.90 23.34 6.25
CA ARG A 422 3.70 24.50 5.86
C ARG A 422 3.66 25.51 6.99
N THR A 423 4.70 26.32 7.11
CA THR A 423 4.77 27.25 8.22
C THR A 423 4.48 28.66 7.72
N MET B 1 -32.75 -56.96 18.10
CA MET B 1 -32.76 -55.57 18.54
C MET B 1 -32.04 -54.69 17.53
N LYS B 2 -32.67 -53.60 17.14
CA LYS B 2 -32.06 -52.69 16.20
C LYS B 2 -32.01 -51.26 16.74
N VAL B 3 -30.91 -50.59 16.48
CA VAL B 3 -30.73 -49.19 16.84
C VAL B 3 -30.35 -48.36 15.62
N LEU B 4 -31.22 -47.41 15.27
CA LEU B 4 -30.99 -46.50 14.15
C LEU B 4 -30.05 -45.35 14.54
N GLY B 5 -28.95 -45.18 13.80
CA GLY B 5 -28.19 -43.94 13.92
C GLY B 5 -28.50 -42.93 12.82
N VAL B 6 -28.43 -41.65 13.16
CA VAL B 6 -28.47 -40.59 12.13
C VAL B 6 -27.41 -39.53 12.42
N VAL B 7 -26.86 -38.97 11.34
CA VAL B 7 -25.86 -37.92 11.43
C VAL B 7 -26.52 -36.60 11.02
N VAL B 8 -26.60 -35.65 11.95
CA VAL B 8 -27.46 -34.48 11.75
C VAL B 8 -26.89 -33.19 12.34
N GLU B 9 -27.47 -32.07 11.95
CA GLU B 9 -27.06 -30.73 12.38
C GLU B 9 -28.27 -29.97 12.91
N TYR B 10 -29.35 -29.96 12.12
CA TYR B 10 -30.65 -29.43 12.56
C TYR B 10 -30.53 -27.94 12.89
N ASN B 11 -30.23 -27.15 11.87
CA ASN B 11 -29.95 -25.74 12.05
C ASN B 11 -30.82 -24.85 11.14
N PRO B 12 -32.13 -24.76 11.43
CA PRO B 12 -32.87 -25.44 12.50
C PRO B 12 -33.48 -26.76 12.03
N PHE B 13 -34.12 -27.47 12.96
CA PHE B 13 -34.80 -28.72 12.63
C PHE B 13 -36.08 -28.34 11.88
N HIS B 14 -36.18 -28.76 10.62
CA HIS B 14 -37.29 -28.33 9.80
C HIS B 14 -38.10 -29.52 9.27
N ASN B 15 -39.10 -29.22 8.45
CA ASN B 15 -40.05 -30.22 7.96
C ASN B 15 -39.38 -31.34 7.20
N GLY B 16 -38.33 -30.99 6.46
CA GLY B 16 -37.54 -31.96 5.73
C GLY B 16 -36.85 -32.92 6.67
N HIS B 17 -36.26 -32.38 7.73
CA HIS B 17 -35.66 -33.21 8.78
C HIS B 17 -36.66 -34.18 9.39
N LEU B 18 -37.88 -33.72 9.62
CA LEU B 18 -38.88 -34.60 10.18
C LEU B 18 -39.23 -35.72 9.21
N TYR B 19 -39.42 -35.38 7.92
CA TYR B 19 -39.71 -36.39 6.93
C TYR B 19 -38.60 -37.44 6.89
N HIS B 20 -37.35 -36.99 6.86
CA HIS B 20 -36.21 -37.90 6.84
C HIS B 20 -36.19 -38.83 8.07
N LEU B 21 -36.43 -38.26 9.25
CA LEU B 21 -36.37 -39.04 10.48
C LEU B 21 -37.50 -40.07 10.50
N THR B 22 -38.69 -39.65 10.10
CA THR B 22 -39.83 -40.54 10.13
C THR B 22 -39.61 -41.68 9.12
N SER B 23 -39.12 -41.35 7.94
CA SER B 23 -38.83 -42.33 6.91
C SER B 23 -37.75 -43.31 7.35
N ALA B 24 -36.72 -42.81 8.01
CA ALA B 24 -35.64 -43.69 8.51
C ALA B 24 -36.19 -44.68 9.53
N ARG B 25 -37.06 -44.19 10.41
CA ARG B 25 -37.62 -45.03 11.45
C ARG B 25 -38.57 -46.07 10.86
N GLU B 26 -39.30 -45.67 9.81
CA GLU B 26 -40.19 -46.61 9.12
C GLU B 26 -39.39 -47.65 8.37
N LEU B 27 -38.25 -47.26 7.82
CA LEU B 27 -37.44 -48.19 7.06
C LEU B 27 -36.78 -49.24 7.97
N VAL B 28 -36.10 -48.78 9.01
CA VAL B 28 -35.31 -49.65 9.87
C VAL B 28 -36.12 -50.32 10.98
N LYS B 29 -37.27 -49.73 11.32
CA LYS B 29 -38.05 -50.16 12.47
C LYS B 29 -37.19 -50.34 13.72
N PRO B 30 -36.47 -49.29 14.13
CA PRO B 30 -35.53 -49.45 15.26
C PRO B 30 -36.23 -49.49 16.61
N ASP B 31 -35.60 -50.17 17.55
CA ASP B 31 -36.04 -50.14 18.94
C ASP B 31 -35.62 -48.83 19.59
N TYR B 32 -34.49 -48.28 19.13
CA TYR B 32 -33.97 -47.02 19.67
C TYR B 32 -33.37 -46.20 18.52
N THR B 33 -33.40 -44.88 18.66
CA THR B 33 -32.81 -44.01 17.66
C THR B 33 -31.80 -43.08 18.32
N ILE B 34 -30.58 -43.07 17.78
CA ILE B 34 -29.51 -42.25 18.32
C ILE B 34 -29.04 -41.28 17.26
N ALA B 35 -28.94 -40.00 17.64
CA ALA B 35 -28.46 -38.97 16.74
C ALA B 35 -27.11 -38.45 17.20
N VAL B 36 -26.16 -38.35 16.28
CA VAL B 36 -24.94 -37.62 16.55
C VAL B 36 -25.08 -36.28 15.82
N MET B 37 -25.02 -35.20 16.58
CA MET B 37 -25.38 -33.88 16.11
C MET B 37 -24.25 -32.86 16.25
N SER B 38 -24.05 -32.06 15.22
CA SER B 38 -23.16 -30.92 15.32
C SER B 38 -23.62 -30.03 16.47
N GLY B 39 -22.65 -29.41 17.12
CA GLY B 39 -22.79 -28.59 18.31
C GLY B 39 -23.29 -27.18 17.98
N ASN B 40 -22.60 -26.18 18.49
CA ASN B 40 -22.96 -24.80 18.21
C ASN B 40 -22.42 -24.26 16.88
N PHE B 41 -21.59 -25.04 16.19
CA PHE B 41 -21.12 -24.67 14.85
C PHE B 41 -21.29 -25.81 13.86
N CSD B 42 -21.73 -25.47 12.65
CA CSD B 42 -22.00 -26.49 11.68
CB CSD B 42 -23.40 -26.40 11.08
SG CSD B 42 -23.57 -25.00 10.01
C CSD B 42 -20.95 -26.57 10.58
O CSD B 42 -19.95 -25.85 10.50
OD1 CSD B 42 -25.03 -24.89 9.84
OD2 CSD B 42 -23.30 -25.78 8.53
N GLN B 43 -21.20 -27.52 9.70
CA GLN B 43 -20.20 -27.93 8.72
C GLN B 43 -19.90 -26.88 7.63
N ARG B 44 -20.80 -25.92 7.44
CA ARG B 44 -20.59 -24.83 6.50
C ARG B 44 -19.72 -23.71 7.06
N GLY B 45 -19.32 -23.84 8.33
CA GLY B 45 -18.56 -22.79 8.99
C GLY B 45 -19.43 -21.68 9.55
N GLU B 46 -20.68 -22.00 9.88
CA GLU B 46 -21.61 -21.02 10.46
C GLU B 46 -22.02 -21.41 11.89
N PRO B 47 -22.44 -20.44 12.71
CA PRO B 47 -22.99 -20.84 14.01
C PRO B 47 -24.40 -21.42 13.86
N ALA B 48 -24.75 -22.35 14.73
CA ALA B 48 -26.12 -22.78 14.80
C ALA B 48 -26.95 -21.57 15.19
N VAL B 49 -28.17 -21.48 14.65
CA VAL B 49 -28.99 -20.31 14.89
C VAL B 49 -29.52 -20.27 16.33
N ILE B 50 -29.63 -21.43 16.97
CA ILE B 50 -29.83 -21.54 18.44
C ILE B 50 -28.89 -22.65 18.97
N ASP B 51 -28.65 -22.71 20.27
CA ASP B 51 -27.53 -23.53 20.74
C ASP B 51 -27.84 -25.05 20.82
N LYS B 52 -26.82 -25.84 21.13
CA LYS B 52 -26.91 -27.30 20.95
C LYS B 52 -27.89 -27.92 21.96
N PHE B 53 -28.06 -27.27 23.10
CA PHE B 53 -28.97 -27.78 24.11
C PHE B 53 -30.43 -27.61 23.71
N ALA B 54 -30.74 -26.52 23.03
CA ALA B 54 -32.09 -26.31 22.51
C ALA B 54 -32.36 -27.27 21.37
N ARG B 55 -31.39 -27.43 20.48
CA ARG B 55 -31.58 -28.27 19.32
C ARG B 55 -31.55 -29.76 19.71
N ALA B 56 -30.83 -30.10 20.77
CA ALA B 56 -30.92 -31.47 21.31
C ALA B 56 -32.33 -31.73 21.86
N GLU B 57 -32.90 -30.76 22.56
CA GLU B 57 -34.25 -30.94 23.06
C GLU B 57 -35.23 -31.09 21.92
N ILE B 58 -35.04 -30.32 20.84
CA ILE B 58 -35.96 -30.39 19.70
C ILE B 58 -35.91 -31.78 19.07
N ALA B 59 -34.70 -32.26 18.82
CA ALA B 59 -34.51 -33.60 18.27
C ALA B 59 -35.16 -34.69 19.12
N LEU B 60 -35.10 -34.54 20.44
CA LEU B 60 -35.72 -35.50 21.33
C LEU B 60 -37.25 -35.48 21.17
N ARG B 61 -37.82 -34.29 21.04
CA ARG B 61 -39.27 -34.19 20.90
C ARG B 61 -39.71 -34.72 19.54
N MET B 62 -38.79 -34.76 18.58
CA MET B 62 -39.11 -35.21 17.22
C MET B 62 -38.95 -36.73 17.06
N GLY B 63 -38.56 -37.42 18.13
CA GLY B 63 -38.39 -38.86 18.08
C GLY B 63 -36.99 -39.46 18.14
N VAL B 64 -35.99 -38.64 18.43
CA VAL B 64 -34.67 -39.18 18.78
C VAL B 64 -34.68 -39.57 20.27
N ASP B 65 -34.16 -40.75 20.60
CA ASP B 65 -34.05 -41.16 22.02
C ASP B 65 -32.77 -40.69 22.70
N VAL B 66 -31.67 -40.60 21.94
CA VAL B 66 -30.41 -40.15 22.52
C VAL B 66 -29.70 -39.22 21.54
N VAL B 67 -29.31 -38.04 22.02
CA VAL B 67 -28.56 -37.10 21.20
C VAL B 67 -27.11 -37.01 21.71
N LEU B 68 -26.17 -37.32 20.82
CA LEU B 68 -24.73 -37.22 21.10
C LEU B 68 -24.13 -36.00 20.39
N GLU B 69 -23.16 -35.32 21.01
CA GLU B 69 -22.47 -34.23 20.31
C GLU B 69 -21.37 -34.76 19.40
N LEU B 70 -21.43 -34.38 18.12
CA LEU B 70 -20.29 -34.58 17.23
C LEU B 70 -19.23 -33.55 17.60
N PRO B 71 -18.05 -33.99 18.08
CA PRO B 71 -17.08 -33.01 18.58
C PRO B 71 -16.66 -32.00 17.49
N VAL B 72 -16.46 -30.76 17.91
CA VAL B 72 -16.16 -29.63 17.02
C VAL B 72 -15.10 -29.94 15.96
N VAL B 73 -14.05 -30.65 16.34
CA VAL B 73 -12.95 -30.93 15.41
C VAL B 73 -13.44 -31.71 14.17
N PHE B 74 -14.48 -32.52 14.33
CA PHE B 74 -15.17 -33.18 13.23
C PHE B 74 -16.33 -32.37 12.64
N ALA B 75 -17.11 -31.73 13.51
CA ALA B 75 -18.32 -31.04 13.08
C ALA B 75 -18.05 -29.94 12.06
N THR B 76 -16.92 -29.26 12.21
CA THR B 76 -16.56 -28.14 11.34
C THR B 76 -15.56 -28.54 10.24
N GLN B 77 -15.31 -29.83 10.07
CA GLN B 77 -14.44 -30.25 8.97
C GLN B 77 -15.23 -30.41 7.66
N ASP B 78 -14.52 -30.66 6.57
CA ASP B 78 -15.19 -31.01 5.32
C ASP B 78 -15.67 -32.45 5.41
N ALA B 79 -16.26 -32.95 4.32
CA ALA B 79 -17.00 -34.22 4.33
C ALA B 79 -16.21 -35.41 4.89
N GLY B 80 -14.95 -35.56 4.46
CA GLY B 80 -14.12 -36.67 4.92
C GLY B 80 -13.97 -36.76 6.44
N GLY B 81 -13.55 -35.66 7.06
CA GLY B 81 -13.35 -35.60 8.48
C GLY B 81 -14.65 -35.60 9.28
N PHE B 82 -15.64 -34.92 8.73
CA PHE B 82 -16.97 -34.90 9.32
C PHE B 82 -17.54 -36.32 9.45
N ALA B 83 -17.55 -37.05 8.32
CA ALA B 83 -18.10 -38.41 8.27
C ALA B 83 -17.37 -39.34 9.22
N PHE B 84 -16.06 -39.16 9.29
CA PHE B 84 -15.20 -40.07 10.03
C PHE B 84 -15.50 -39.94 11.52
N GLY B 85 -15.67 -38.71 11.99
CA GLY B 85 -16.02 -38.46 13.38
C GLY B 85 -17.40 -38.99 13.72
N ALA B 86 -18.36 -38.69 12.85
CA ALA B 86 -19.73 -39.17 13.02
C ALA B 86 -19.82 -40.69 13.06
N VAL B 87 -19.18 -41.37 12.12
CA VAL B 87 -19.24 -42.83 12.07
C VAL B 87 -18.49 -43.42 13.26
N CYS B 88 -17.36 -42.82 13.64
CA CYS B 88 -16.65 -43.31 14.82
C CYS B 88 -17.52 -43.20 16.08
N VAL B 89 -18.19 -42.05 16.26
CA VAL B 89 -19.04 -41.87 17.44
C VAL B 89 -20.17 -42.91 17.45
N LEU B 90 -20.87 -43.07 16.34
CA LEU B 90 -21.98 -44.02 16.31
C LEU B 90 -21.49 -45.45 16.51
N ASP B 91 -20.37 -45.80 15.88
CA ASP B 91 -19.82 -47.13 16.05
C ASP B 91 -19.37 -47.37 17.49
N ALA B 92 -18.89 -46.32 18.14
CA ALA B 92 -18.35 -46.44 19.50
C ALA B 92 -19.42 -46.73 20.55
N THR B 93 -20.68 -46.39 20.26
CA THR B 93 -21.76 -46.64 21.19
C THR B 93 -21.82 -48.14 21.49
N GLY B 94 -21.45 -48.94 20.50
CA GLY B 94 -21.49 -50.39 20.61
C GLY B 94 -22.87 -50.96 20.39
N VAL B 95 -23.89 -50.09 20.32
CA VAL B 95 -25.25 -50.56 20.00
C VAL B 95 -25.83 -50.21 18.62
N VAL B 96 -25.18 -49.35 17.83
CA VAL B 96 -25.82 -48.91 16.59
C VAL B 96 -25.70 -50.00 15.53
N THR B 97 -26.83 -50.30 14.90
CA THR B 97 -26.97 -51.38 13.93
C THR B 97 -27.15 -50.83 12.52
N ASP B 98 -28.04 -49.85 12.36
CA ASP B 98 -28.33 -49.28 11.06
C ASP B 98 -28.21 -47.75 11.01
N VAL B 99 -27.68 -47.24 9.91
CA VAL B 99 -27.58 -45.79 9.70
C VAL B 99 -28.27 -45.45 8.40
N VAL B 100 -29.17 -44.47 8.45
CA VAL B 100 -29.89 -44.03 7.27
C VAL B 100 -29.53 -42.57 7.00
N PHE B 101 -29.08 -42.28 5.78
CA PHE B 101 -28.75 -40.91 5.41
C PHE B 101 -29.47 -40.47 4.13
N GLY B 102 -29.69 -39.17 3.99
CA GLY B 102 -30.32 -38.61 2.81
C GLY B 102 -29.41 -38.67 1.61
N SER B 103 -29.98 -38.82 0.43
CA SER B 103 -29.20 -39.09 -0.76
C SER B 103 -29.89 -38.56 -2.02
N GLU B 104 -29.10 -38.18 -3.01
CA GLU B 104 -29.63 -37.64 -4.26
C GLU B 104 -29.89 -38.78 -5.21
N SER B 105 -28.84 -39.53 -5.51
CA SER B 105 -28.95 -40.71 -6.38
C SER B 105 -29.83 -41.80 -5.75
N ASN B 106 -29.94 -41.82 -4.42
CA ASN B 106 -30.74 -42.83 -3.72
C ASN B 106 -30.33 -44.26 -4.12
N ASP B 107 -29.08 -44.40 -4.55
CA ASP B 107 -28.57 -45.70 -4.97
C ASP B 107 -27.45 -46.11 -4.03
N ILE B 108 -27.75 -47.06 -3.15
CA ILE B 108 -26.81 -47.41 -2.09
C ILE B 108 -25.65 -48.21 -2.68
N GLU B 109 -25.91 -48.91 -3.78
CA GLU B 109 -24.90 -49.77 -4.40
C GLU B 109 -23.78 -48.96 -5.04
N PHE B 110 -24.15 -47.88 -5.73
CA PHE B 110 -23.13 -47.00 -6.31
C PHE B 110 -22.26 -46.37 -5.24
N LEU B 111 -22.91 -45.81 -4.23
CA LEU B 111 -22.19 -45.17 -3.12
C LEU B 111 -21.23 -46.16 -2.48
N GLN B 112 -21.70 -47.39 -2.28
CA GLN B 112 -20.86 -48.44 -1.73
C GLN B 112 -19.71 -48.81 -2.65
N ARG B 113 -19.95 -48.88 -3.95
CA ARG B 113 -18.89 -49.21 -4.89
C ARG B 113 -17.76 -48.19 -4.85
N VAL B 114 -18.11 -46.90 -4.79
CA VAL B 114 -17.11 -45.84 -4.70
C VAL B 114 -16.28 -45.94 -3.40
N ALA B 115 -16.96 -46.18 -2.29
CA ALA B 115 -16.30 -46.25 -0.99
C ALA B 115 -15.33 -47.44 -0.93
N ARG B 116 -15.73 -48.55 -1.53
CA ARG B 116 -14.88 -49.73 -1.50
C ARG B 116 -13.58 -49.46 -2.24
N ILE B 117 -13.67 -48.73 -3.35
CA ILE B 117 -12.49 -48.34 -4.12
C ILE B 117 -11.59 -47.42 -3.31
N LEU B 118 -12.18 -46.43 -2.65
CA LEU B 118 -11.40 -45.53 -1.79
C LEU B 118 -10.78 -46.28 -0.60
N TYR B 119 -11.47 -47.32 -0.12
CA TYR B 119 -10.93 -48.10 1.01
C TYR B 119 -9.85 -49.08 0.59
N GLU B 120 -10.10 -49.81 -0.49
CA GLU B 120 -9.21 -50.87 -0.93
C GLU B 120 -8.04 -50.33 -1.77
N GLN B 121 -8.15 -49.08 -2.21
CA GLN B 121 -7.09 -48.40 -2.98
C GLN B 121 -6.44 -49.27 -4.06
N PRO B 122 -7.21 -49.69 -5.08
CA PRO B 122 -6.65 -50.54 -6.15
C PRO B 122 -5.41 -49.92 -6.80
N ASP B 123 -4.49 -50.76 -7.23
CA ASP B 123 -3.22 -50.32 -7.81
C ASP B 123 -3.44 -49.40 -9.01
N GLU B 124 -4.48 -49.68 -9.79
CA GLU B 124 -4.79 -48.85 -10.95
C GLU B 124 -5.25 -47.47 -10.53
N TYR B 125 -6.17 -47.43 -9.57
CA TYR B 125 -6.67 -46.17 -9.01
C TYR B 125 -5.54 -45.32 -8.45
N GLN B 126 -4.65 -45.95 -7.69
CA GLN B 126 -3.53 -45.23 -7.08
C GLN B 126 -2.66 -44.54 -8.12
N LYS B 127 -2.36 -45.25 -9.22
CA LYS B 127 -1.55 -44.69 -10.30
C LYS B 127 -2.23 -43.46 -10.92
N PHE B 128 -3.53 -43.57 -11.15
CA PHE B 128 -4.32 -42.47 -11.68
C PHE B 128 -4.32 -41.26 -10.74
N LEU B 129 -4.52 -41.50 -9.45
CA LEU B 129 -4.63 -40.41 -8.47
C LEU B 129 -3.38 -39.56 -8.44
N HIS B 130 -2.21 -40.21 -8.50
CA HIS B 130 -0.94 -39.49 -8.45
C HIS B 130 -0.74 -38.63 -9.71
N GLU B 131 -1.01 -39.22 -10.87
CA GLU B 131 -0.97 -38.46 -12.13
C GLU B 131 -1.84 -37.22 -12.03
N GLU B 132 -3.05 -37.39 -11.50
CA GLU B 132 -3.98 -36.29 -11.32
C GLU B 132 -3.58 -35.34 -10.19
N LEU B 133 -2.77 -35.82 -9.25
CA LEU B 133 -2.29 -34.95 -8.17
C LEU B 133 -1.21 -34.03 -8.69
N LYS B 134 -0.45 -34.50 -9.69
CA LYS B 134 0.29 -33.58 -10.56
C LYS B 134 -0.76 -32.96 -11.48
N LYS B 135 -0.35 -32.09 -12.40
CA LYS B 135 -1.30 -31.24 -13.11
C LYS B 135 -2.07 -30.38 -12.08
N GLY B 136 -1.47 -30.21 -10.91
CA GLY B 136 -1.93 -29.27 -9.89
C GLY B 136 -3.34 -29.40 -9.35
N TYR B 137 -4.00 -30.53 -9.58
CA TYR B 137 -5.37 -30.69 -9.11
C TYR B 137 -5.44 -30.82 -7.60
N SER B 138 -6.43 -30.14 -7.01
CA SER B 138 -6.75 -30.33 -5.60
C SER B 138 -7.18 -31.77 -5.40
N PHE B 139 -6.99 -32.29 -4.20
CA PHE B 139 -7.25 -33.70 -3.93
C PHE B 139 -8.67 -34.12 -4.30
N PRO B 140 -9.71 -33.39 -3.85
CA PRO B 140 -11.06 -33.87 -4.19
C PRO B 140 -11.32 -33.91 -5.69
N ASN B 141 -10.70 -33.00 -6.44
CA ASN B 141 -10.83 -33.00 -7.89
C ASN B 141 -10.00 -34.11 -8.54
N ALA B 142 -8.78 -34.30 -8.05
CA ALA B 142 -7.91 -35.35 -8.58
C ALA B 142 -8.50 -36.73 -8.29
N ARG B 143 -9.08 -36.87 -7.09
CA ARG B 143 -9.74 -38.11 -6.70
C ARG B 143 -10.93 -38.40 -7.63
N LYS B 144 -11.78 -37.40 -7.86
CA LYS B 144 -12.91 -37.54 -8.77
C LYS B 144 -12.44 -37.97 -10.15
N TYR B 145 -11.37 -37.37 -10.66
CA TYR B 145 -10.88 -37.72 -11.98
C TYR B 145 -10.20 -39.09 -11.97
N ALA B 146 -9.53 -39.40 -10.87
CA ALA B 146 -8.95 -40.72 -10.71
C ALA B 146 -10.04 -41.79 -10.70
N LEU B 147 -11.14 -41.52 -9.99
CA LEU B 147 -12.26 -42.47 -9.91
C LEU B 147 -12.94 -42.64 -11.27
N MET B 148 -13.05 -41.55 -12.02
CA MET B 148 -13.66 -41.62 -13.34
C MET B 148 -12.84 -42.53 -14.26
N ARG B 149 -11.52 -42.39 -14.22
CA ARG B 149 -10.64 -43.19 -15.06
C ARG B 149 -10.63 -44.65 -14.63
N TYR B 150 -10.77 -44.89 -13.33
CA TYR B 150 -10.88 -46.25 -12.82
C TYR B 150 -12.14 -46.91 -13.35
N PHE B 151 -13.24 -46.16 -13.35
CA PHE B 151 -14.53 -46.68 -13.80
C PHE B 151 -14.49 -47.16 -15.26
N SER B 152 -13.84 -46.38 -16.13
CA SER B 152 -13.70 -46.72 -17.54
C SER B 152 -12.95 -48.04 -17.73
N MET B 153 -11.79 -48.14 -17.07
CA MET B 153 -10.95 -49.32 -17.15
C MET B 153 -11.68 -50.58 -16.68
N LYS B 154 -12.60 -50.41 -15.74
CA LYS B 154 -13.40 -51.53 -15.24
C LYS B 154 -14.74 -51.62 -15.98
N GLY B 155 -14.94 -50.75 -16.97
CA GLY B 155 -16.12 -50.80 -17.82
C GLY B 155 -17.42 -50.39 -17.13
N TRP B 156 -17.32 -49.53 -16.14
CA TRP B 156 -18.50 -49.01 -15.45
C TRP B 156 -18.87 -47.64 -16.00
N ASN B 157 -19.87 -47.00 -15.41
CA ASN B 157 -20.29 -45.70 -15.92
C ASN B 157 -19.60 -44.55 -15.19
N GLU B 158 -18.69 -43.89 -15.92
CA GLU B 158 -17.85 -42.85 -15.33
C GLU B 158 -18.65 -41.58 -15.07
N GLU B 159 -19.70 -41.39 -15.87
CA GLU B 159 -20.57 -40.24 -15.74
C GLU B 159 -21.15 -40.16 -14.32
N GLU B 160 -21.42 -41.32 -13.74
CA GLU B 160 -21.95 -41.39 -12.38
C GLU B 160 -21.09 -40.67 -11.35
N VAL B 161 -19.77 -40.69 -11.54
CA VAL B 161 -18.84 -40.10 -10.59
C VAL B 161 -18.97 -38.56 -10.55
N LEU B 162 -19.78 -38.01 -11.46
CA LEU B 162 -20.11 -36.59 -11.35
C LEU B 162 -21.36 -36.37 -10.48
N LYS B 163 -21.97 -37.44 -9.99
CA LYS B 163 -23.04 -37.34 -8.97
C LYS B 163 -22.45 -36.83 -7.67
N LEU B 164 -21.14 -36.93 -7.56
CA LEU B 164 -20.44 -36.77 -6.31
C LEU B 164 -20.09 -35.31 -6.06
N GLU B 165 -20.66 -34.43 -6.86
CA GLU B 165 -20.61 -33.01 -6.53
C GLU B 165 -21.70 -32.60 -5.54
N LYS B 166 -22.76 -33.42 -5.43
CA LYS B 166 -23.86 -33.20 -4.49
C LYS B 166 -23.48 -33.54 -3.03
N SER B 167 -23.77 -32.63 -2.12
CA SER B 167 -23.34 -32.75 -0.73
C SER B 167 -23.76 -34.05 -0.07
N ASN B 168 -25.05 -34.38 -0.17
CA ASN B 168 -25.60 -35.62 0.39
C ASN B 168 -24.82 -36.86 0.01
N ASP B 169 -24.55 -37.00 -1.29
CA ASP B 169 -23.93 -38.20 -1.81
C ASP B 169 -22.45 -38.28 -1.46
N ILE B 170 -21.76 -37.14 -1.48
CA ILE B 170 -20.39 -37.06 -1.00
C ILE B 170 -20.25 -37.60 0.42
N LEU B 171 -21.07 -37.07 1.32
CA LEU B 171 -21.09 -37.50 2.71
C LEU B 171 -21.42 -38.98 2.81
N GLY B 172 -22.39 -39.42 2.00
CA GLY B 172 -22.78 -40.82 1.95
C GLY B 172 -21.60 -41.73 1.69
N VAL B 173 -20.82 -41.40 0.66
CA VAL B 173 -19.62 -42.16 0.33
C VAL B 173 -18.68 -42.20 1.52
N GLU B 174 -18.45 -41.05 2.14
CA GLU B 174 -17.51 -40.94 3.24
C GLU B 174 -17.98 -41.66 4.52
N TYR B 175 -19.28 -41.70 4.77
CA TYR B 175 -19.82 -42.50 5.88
C TYR B 175 -19.40 -43.96 5.69
N ILE B 176 -19.67 -44.49 4.50
CA ILE B 176 -19.39 -45.90 4.23
C ILE B 176 -17.89 -46.18 4.24
N HIS B 177 -17.15 -45.28 3.62
CA HIS B 177 -15.70 -45.38 3.57
C HIS B 177 -15.13 -45.42 5.00
N SER B 178 -15.64 -44.54 5.87
CA SER B 178 -15.23 -44.51 7.27
C SER B 178 -15.54 -45.82 8.00
N ALA B 179 -16.71 -46.38 7.74
CA ALA B 179 -17.13 -47.63 8.39
C ALA B 179 -16.21 -48.78 8.00
N LEU B 180 -15.78 -48.80 6.74
CA LEU B 180 -14.84 -49.82 6.30
C LEU B 180 -13.50 -49.62 7.00
N LYS B 181 -13.04 -48.37 7.04
CA LYS B 181 -11.77 -48.04 7.71
C LYS B 181 -11.69 -48.54 9.15
N ILE B 182 -12.76 -48.34 9.92
CA ILE B 182 -12.73 -48.73 11.32
C ILE B 182 -13.33 -50.13 11.56
N GLY B 183 -13.68 -50.81 10.47
CA GLY B 183 -14.20 -52.17 10.56
C GLY B 183 -15.57 -52.23 11.24
N SER B 184 -16.39 -51.22 11.05
CA SER B 184 -17.75 -51.23 11.57
C SER B 184 -18.65 -52.21 10.83
N ASN B 185 -19.55 -52.87 11.58
CA ASN B 185 -20.57 -53.74 10.99
C ASN B 185 -21.88 -53.01 10.71
N ILE B 186 -21.89 -51.70 10.93
CA ILE B 186 -23.12 -50.94 10.74
C ILE B 186 -23.67 -51.12 9.33
N ARG B 187 -24.97 -51.28 9.20
CA ARG B 187 -25.61 -51.38 7.88
C ARG B 187 -26.10 -50.00 7.48
N PHE B 188 -25.71 -49.55 6.29
CA PHE B 188 -26.09 -48.22 5.83
C PHE B 188 -27.22 -48.28 4.81
N HIS B 189 -28.10 -47.29 4.85
CA HIS B 189 -29.21 -47.18 3.90
C HIS B 189 -29.39 -45.72 3.46
N THR B 190 -29.97 -45.53 2.27
CA THR B 190 -30.31 -44.21 1.80
C THR B 190 -31.81 -44.05 1.68
N ILE B 191 -32.26 -42.80 1.80
CA ILE B 191 -33.59 -42.43 1.37
C ILE B 191 -33.42 -41.26 0.40
N LYS B 192 -34.27 -41.16 -0.61
CA LYS B 192 -34.16 -40.07 -1.57
C LYS B 192 -34.34 -38.76 -0.85
N ARG B 193 -33.48 -37.80 -1.19
CA ARG B 193 -33.36 -36.51 -0.51
C ARG B 193 -34.71 -35.82 -0.33
N VAL B 194 -34.89 -35.27 0.86
CA VAL B 194 -36.15 -34.64 1.26
C VAL B 194 -36.18 -33.15 0.93
N GLY B 195 -37.29 -32.70 0.36
CA GLY B 195 -37.51 -31.28 0.14
C GLY B 195 -36.45 -30.59 -0.70
N ALA B 196 -36.24 -29.31 -0.45
CA ALA B 196 -35.33 -28.49 -1.25
C ALA B 196 -33.86 -28.89 -1.05
N GLU B 197 -33.04 -28.60 -2.07
CA GLU B 197 -31.60 -28.83 -1.99
C GLU B 197 -31.02 -28.06 -0.82
N GLU B 198 -30.01 -28.62 -0.18
CA GLU B 198 -29.42 -27.99 0.99
C GLU B 198 -28.89 -26.61 0.66
N LYS B 199 -28.45 -26.40 -0.58
CA LYS B 199 -28.19 -25.04 -1.05
C LYS B 199 -29.29 -24.65 -2.03
N ASP B 200 -30.24 -23.85 -1.55
CA ASP B 200 -31.37 -23.42 -2.36
C ASP B 200 -31.60 -21.92 -2.19
N THR B 201 -31.92 -21.53 -0.95
CA THR B 201 -32.08 -20.14 -0.48
C THR B 201 -33.45 -19.54 -0.80
N SER B 202 -34.23 -20.24 -1.62
CA SER B 202 -35.59 -19.81 -1.96
C SER B 202 -36.64 -20.44 -1.03
N PHE B 203 -37.72 -19.72 -0.76
CA PHE B 203 -38.82 -20.26 0.05
C PHE B 203 -39.73 -21.18 -0.79
N ARG B 204 -39.75 -22.45 -0.41
CA ARG B 204 -40.47 -23.51 -1.12
C ARG B 204 -41.81 -23.83 -0.51
N GLY B 205 -42.25 -23.04 0.45
CA GLY B 205 -43.41 -23.41 1.25
C GLY B 205 -43.03 -24.48 2.25
N ARG B 206 -43.78 -25.58 2.27
CA ARG B 206 -43.63 -26.63 3.27
C ARG B 206 -42.18 -27.06 3.48
N PHE B 207 -41.48 -27.38 2.40
CA PHE B 207 -40.11 -27.84 2.56
C PHE B 207 -39.09 -26.91 1.96
N SER B 208 -38.46 -26.11 2.82
CA SER B 208 -37.44 -25.16 2.43
C SER B 208 -36.16 -25.65 3.06
N SER B 209 -35.01 -25.27 2.50
CA SER B 209 -33.76 -25.71 3.08
C SER B 209 -33.50 -24.96 4.37
N ALA B 210 -32.46 -25.37 5.09
CA ALA B 210 -32.18 -24.78 6.39
C ALA B 210 -31.58 -23.40 6.17
N THR B 211 -30.70 -23.29 5.18
CA THR B 211 -30.12 -22.02 4.79
C THR B 211 -31.19 -21.02 4.42
N ALA B 212 -32.19 -21.47 3.67
CA ALA B 212 -33.29 -20.60 3.27
C ALA B 212 -34.08 -20.11 4.48
N ILE B 213 -34.27 -21.01 5.45
CA ILE B 213 -35.06 -20.69 6.64
C ILE B 213 -34.31 -19.71 7.53
N ARG B 214 -32.99 -19.87 7.64
CA ARG B 214 -32.20 -18.93 8.41
C ARG B 214 -32.24 -17.53 7.76
N ASN B 215 -32.35 -17.49 6.44
CA ASN B 215 -32.53 -16.21 5.77
C ASN B 215 -33.90 -15.62 6.04
N LEU B 216 -34.93 -16.47 6.04
CA LEU B 216 -36.26 -16.04 6.45
C LEU B 216 -36.21 -15.41 7.83
N MET B 217 -35.46 -16.03 8.74
CA MET B 217 -35.32 -15.50 10.10
C MET B 217 -34.64 -14.14 10.10
N ARG B 218 -33.62 -13.97 9.25
CA ARG B 218 -32.94 -12.68 9.12
C ARG B 218 -33.91 -11.59 8.68
N GLU B 219 -34.84 -11.96 7.81
CA GLU B 219 -35.75 -10.99 7.22
C GLU B 219 -37.00 -10.86 8.06
N LYS B 220 -36.99 -11.56 9.19
CA LYS B 220 -38.10 -11.56 10.14
C LYS B 220 -39.42 -11.91 9.48
N ARG B 221 -39.42 -12.94 8.62
CA ARG B 221 -40.70 -13.45 8.20
C ARG B 221 -40.98 -14.70 9.02
N TRP B 222 -41.72 -14.52 10.12
CA TRP B 222 -41.84 -15.57 11.11
C TRP B 222 -42.91 -16.55 10.73
N GLU B 223 -43.89 -16.04 9.99
CA GLU B 223 -45.00 -16.85 9.57
C GLU B 223 -44.49 -17.86 8.54
N GLU B 224 -43.58 -17.42 7.69
CA GLU B 224 -42.98 -18.36 6.74
C GLU B 224 -42.01 -19.32 7.43
N VAL B 225 -41.35 -18.85 8.49
CA VAL B 225 -40.53 -19.74 9.33
C VAL B 225 -41.42 -20.79 9.98
N ARG B 226 -42.56 -20.36 10.49
CA ARG B 226 -43.49 -21.25 11.17
C ARG B 226 -43.97 -22.38 10.24
N ASP B 227 -44.24 -22.03 8.98
CA ASP B 227 -44.70 -22.97 7.97
C ASP B 227 -43.62 -23.96 7.56
N SER B 228 -42.37 -23.66 7.89
CA SER B 228 -41.22 -24.49 7.50
C SER B 228 -40.84 -25.49 8.58
N LEU B 229 -41.44 -25.36 9.74
CA LEU B 229 -40.94 -26.03 10.93
C LEU B 229 -42.03 -26.82 11.62
N PRO B 230 -41.66 -27.97 12.20
CA PRO B 230 -42.61 -28.66 13.10
C PRO B 230 -42.97 -27.76 14.27
N GLU B 231 -44.15 -27.95 14.86
CA GLU B 231 -44.62 -27.06 15.92
C GLU B 231 -43.65 -26.93 17.10
N ASP B 232 -43.05 -28.03 17.53
CA ASP B 232 -42.15 -28.02 18.70
C ASP B 232 -40.80 -27.40 18.38
N SER B 233 -40.39 -27.54 17.12
CA SER B 233 -39.16 -26.91 16.67
C SER B 233 -39.36 -25.39 16.71
N PHE B 234 -40.47 -24.91 16.17
CA PHE B 234 -40.75 -23.48 16.16
C PHE B 234 -40.93 -22.94 17.57
N GLU B 235 -41.62 -23.69 18.41
CA GLU B 235 -41.89 -23.29 19.79
C GLU B 235 -40.60 -23.04 20.56
N ILE B 236 -39.64 -23.94 20.39
CA ILE B 236 -38.38 -23.85 21.11
C ILE B 236 -37.48 -22.79 20.48
N LEU B 237 -37.62 -22.60 19.17
CA LEU B 237 -36.94 -21.50 18.51
C LEU B 237 -37.44 -20.15 19.08
N MET B 238 -38.75 -20.00 19.22
CA MET B 238 -39.32 -18.79 19.80
C MET B 238 -38.89 -18.61 21.25
N ARG B 239 -38.80 -19.71 21.99
CA ARG B 239 -38.35 -19.67 23.39
C ARG B 239 -36.94 -19.08 23.49
N GLU B 240 -36.04 -19.60 22.68
CA GLU B 240 -34.65 -19.18 22.75
C GLU B 240 -34.52 -17.71 22.38
N ILE B 241 -35.30 -17.29 21.40
CA ILE B 241 -35.32 -15.91 20.97
C ILE B 241 -35.90 -15.01 22.06
N ASN B 242 -37.07 -15.37 22.60
CA ASN B 242 -37.68 -14.58 23.68
C ASN B 242 -36.80 -14.48 24.92
N GLU B 243 -36.00 -15.50 25.18
CA GLU B 243 -35.15 -15.51 26.37
C GLU B 243 -33.75 -14.97 26.08
N GLY B 244 -33.53 -14.47 24.86
CA GLY B 244 -32.32 -13.73 24.53
C GLY B 244 -31.13 -14.57 24.15
N ARG B 245 -31.37 -15.84 23.85
CA ARG B 245 -30.34 -16.77 23.39
C ARG B 245 -30.35 -17.03 21.87
N GLY B 246 -31.15 -16.26 21.13
CA GLY B 246 -31.12 -16.31 19.68
C GLY B 246 -31.88 -15.17 19.03
N PRO B 247 -31.87 -15.12 17.69
CA PRO B 247 -31.09 -15.99 16.79
C PRO B 247 -29.63 -15.57 16.75
N VAL B 248 -28.75 -16.52 16.44
CA VAL B 248 -27.34 -16.25 16.28
C VAL B 248 -26.93 -16.43 14.82
N PHE B 249 -26.36 -15.38 14.22
CA PHE B 249 -25.99 -15.39 12.82
C PHE B 249 -24.50 -15.16 12.65
N LEU B 250 -23.92 -15.71 11.57
CA LEU B 250 -22.49 -15.59 11.36
C LEU B 250 -22.04 -14.12 11.31
N GLU B 251 -22.86 -13.24 10.74
CA GLU B 251 -22.44 -11.86 10.63
C GLU B 251 -22.33 -11.19 12.01
N ASN B 252 -22.95 -11.79 13.03
CA ASN B 252 -22.81 -11.30 14.40
C ASN B 252 -21.37 -11.52 14.89
N MET B 253 -20.73 -12.56 14.39
CA MET B 253 -19.34 -12.86 14.72
C MET B 253 -18.33 -12.22 13.75
N GLY B 254 -18.83 -11.53 12.73
CA GLY B 254 -17.97 -11.09 11.65
C GLY B 254 -16.86 -10.14 12.03
N ASP B 255 -17.18 -9.13 12.83
CA ASP B 255 -16.15 -8.18 13.25
C ASP B 255 -15.11 -8.83 14.14
N PHE B 256 -15.53 -9.81 14.98
CA PHE B 256 -14.54 -10.51 15.79
C PHE B 256 -13.53 -11.26 14.91
N LEU B 257 -14.07 -12.06 14.00
CA LEU B 257 -13.25 -12.87 13.10
C LEU B 257 -12.28 -11.99 12.31
N LEU B 258 -12.79 -10.88 11.79
CA LEU B 258 -11.97 -10.01 10.95
C LEU B 258 -10.89 -9.33 11.77
N SER B 259 -11.25 -8.81 12.94
CA SER B 259 -10.28 -8.17 13.81
C SER B 259 -9.19 -9.16 14.25
N PHE B 260 -9.61 -10.38 14.54
CA PHE B 260 -8.71 -11.43 15.01
C PHE B 260 -7.64 -11.72 13.94
N PHE B 261 -8.06 -11.76 12.69
CA PHE B 261 -7.11 -12.03 11.60
C PHE B 261 -6.06 -10.94 11.47
N ARG B 262 -6.39 -9.72 11.91
CA ARG B 262 -5.44 -8.62 11.86
C ARG B 262 -4.39 -8.69 12.96
N LEU B 263 -4.57 -9.59 13.90
CA LEU B 263 -3.61 -9.80 14.97
C LEU B 263 -2.57 -10.87 14.59
N LYS B 264 -2.84 -11.56 13.47
CA LYS B 264 -2.11 -12.77 13.09
C LYS B 264 -1.23 -12.58 11.84
N ASN B 265 -0.07 -13.23 11.83
CA ASN B 265 0.80 -13.19 10.67
C ASN B 265 0.63 -14.48 9.86
N MET B 266 1.30 -14.54 8.72
CA MET B 266 1.16 -15.68 7.83
C MET B 266 1.69 -16.96 8.48
N ASP B 267 2.70 -16.83 9.34
CA ASP B 267 3.25 -17.97 10.08
C ASP B 267 2.16 -18.65 10.90
N PHE B 268 1.24 -17.85 11.43
CA PHE B 268 0.13 -18.40 12.21
C PHE B 268 -0.80 -19.26 11.34
N PHE B 269 -1.22 -18.74 10.19
CA PHE B 269 -2.18 -19.48 9.37
C PHE B 269 -1.57 -20.78 8.82
N GLU B 270 -0.26 -20.76 8.57
CA GLU B 270 0.46 -21.96 8.14
C GLU B 270 0.38 -23.11 9.15
N LYS B 271 0.11 -22.80 10.42
CA LYS B 271 0.01 -23.85 11.44
C LYS B 271 -1.41 -24.39 11.61
N ILE B 272 -2.37 -23.72 10.99
CA ILE B 272 -3.78 -24.06 11.12
C ILE B 272 -4.21 -25.08 10.06
N HIS B 273 -5.00 -26.07 10.47
CA HIS B 273 -5.47 -27.10 9.56
C HIS B 273 -6.28 -26.58 8.35
N GLY B 274 -6.02 -27.16 7.18
CA GLY B 274 -6.84 -26.85 6.01
C GLY B 274 -6.26 -25.79 5.10
N PHE B 275 -5.18 -25.16 5.53
CA PHE B 275 -4.58 -24.09 4.76
C PHE B 275 -3.61 -24.65 3.73
N SER B 276 -3.87 -24.30 2.48
CA SER B 276 -3.00 -24.61 1.36
C SER B 276 -3.45 -23.77 0.16
N GLU B 277 -2.82 -23.99 -0.99
CA GLU B 277 -3.23 -23.33 -2.23
C GLU B 277 -3.24 -21.80 -2.10
N GLY B 278 -2.28 -21.24 -1.37
CA GLY B 278 -2.16 -19.80 -1.23
C GLY B 278 -3.14 -19.13 -0.28
N LEU B 279 -3.91 -19.93 0.46
CA LEU B 279 -4.96 -19.38 1.31
C LEU B 279 -4.42 -18.56 2.50
N GLU B 280 -3.22 -18.86 2.97
CA GLU B 280 -2.59 -18.08 4.04
C GLU B 280 -2.37 -16.63 3.61
N LYS B 281 -1.75 -16.44 2.45
CA LYS B 281 -1.57 -15.08 1.95
C LYS B 281 -2.93 -14.39 1.77
N ARG B 282 -3.89 -15.11 1.19
CA ARG B 282 -5.23 -14.56 0.95
C ARG B 282 -5.90 -14.09 2.25
N PHE B 283 -5.85 -14.89 3.30
CA PHE B 283 -6.43 -14.49 4.59
C PHE B 283 -5.72 -13.24 5.11
N HIS B 284 -4.40 -13.26 5.08
CA HIS B 284 -3.59 -12.17 5.61
C HIS B 284 -3.86 -10.87 4.87
N VAL B 285 -3.74 -10.91 3.53
CA VAL B 285 -3.91 -9.71 2.73
C VAL B 285 -5.36 -9.21 2.80
N CYS B 286 -6.33 -10.11 2.63
CA CYS B 286 -7.73 -9.71 2.63
C CYS B 286 -8.21 -9.18 3.98
N ALA B 287 -7.68 -9.73 5.07
CA ALA B 287 -8.08 -9.23 6.38
C ALA B 287 -7.64 -7.78 6.56
N ARG B 288 -6.53 -7.39 5.94
CA ARG B 288 -6.09 -5.99 6.06
C ARG B 288 -6.71 -5.05 5.01
N GLN B 289 -7.16 -5.59 3.88
CA GLN B 289 -7.71 -4.75 2.81
C GLN B 289 -9.20 -4.42 2.92
N THR B 290 -9.95 -5.24 3.66
CA THR B 290 -11.42 -5.11 3.76
C THR B 290 -11.85 -4.76 5.19
N GLY B 291 -13.06 -4.19 5.31
CA GLY B 291 -13.57 -3.68 6.57
C GLY B 291 -14.74 -4.39 7.21
N SER B 292 -15.25 -5.43 6.53
CA SER B 292 -16.30 -6.28 7.07
C SER B 292 -16.01 -7.73 6.72
N TYR B 293 -16.60 -8.66 7.46
CA TYR B 293 -16.37 -10.08 7.24
C TYR B 293 -16.98 -10.54 5.92
N ARG B 294 -18.13 -9.97 5.59
CA ARG B 294 -18.73 -10.24 4.30
C ARG B 294 -17.78 -9.85 3.16
N ASP B 295 -17.19 -8.66 3.25
CA ASP B 295 -16.22 -8.22 2.22
C ASP B 295 -14.95 -9.07 2.24
N PHE B 296 -14.47 -9.38 3.45
CA PHE B 296 -13.36 -10.33 3.61
C PHE B 296 -13.60 -11.64 2.85
N LEU B 297 -14.76 -12.27 3.08
CA LEU B 297 -15.07 -13.57 2.47
C LEU B 297 -15.05 -13.50 0.94
N GLU B 298 -15.59 -12.41 0.40
CA GLU B 298 -15.64 -12.23 -1.05
C GLU B 298 -14.26 -11.94 -1.64
N CYS B 299 -13.40 -11.26 -0.87
CA CYS B 299 -12.02 -11.02 -1.27
C CYS B 299 -11.22 -12.33 -1.32
N VAL B 300 -11.43 -13.20 -0.35
CA VAL B 300 -10.74 -14.49 -0.32
C VAL B 300 -11.29 -15.45 -1.40
N LYS B 301 -12.59 -15.39 -1.65
CA LYS B 301 -13.23 -16.24 -2.65
C LYS B 301 -12.54 -16.17 -4.01
N ALA B 302 -12.26 -17.34 -4.56
CA ALA B 302 -11.85 -17.47 -5.95
C ALA B 302 -12.52 -18.73 -6.50
N LYS B 303 -12.51 -18.90 -7.82
CA LYS B 303 -13.20 -20.02 -8.47
C LYS B 303 -12.89 -21.38 -7.85
N ARG B 304 -11.64 -21.58 -7.41
CA ARG B 304 -11.22 -22.87 -6.85
C ARG B 304 -11.55 -23.04 -5.36
N PHE B 305 -12.16 -22.05 -4.74
CA PHE B 305 -12.54 -22.17 -3.33
C PHE B 305 -14.06 -22.04 -3.14
N THR B 306 -14.64 -22.91 -2.31
CA THR B 306 -16.01 -22.69 -1.87
C THR B 306 -16.04 -21.71 -0.69
N PHE B 307 -17.17 -21.04 -0.49
CA PHE B 307 -17.34 -20.17 0.68
C PHE B 307 -17.27 -21.00 1.95
N SER B 308 -17.81 -22.20 1.88
CA SER B 308 -17.85 -23.08 3.02
C SER B 308 -16.45 -23.42 3.48
N ARG B 309 -15.56 -23.71 2.54
CA ARG B 309 -14.17 -24.00 2.88
C ARG B 309 -13.54 -22.80 3.60
N ILE B 310 -13.76 -21.61 3.05
CA ILE B 310 -13.16 -20.40 3.60
C ILE B 310 -13.72 -20.15 5.00
N ARG B 311 -15.03 -20.35 5.15
CA ARG B 311 -15.69 -20.12 6.43
C ARG B 311 -15.19 -21.10 7.50
N ARG B 312 -14.94 -22.35 7.11
CA ARG B 312 -14.42 -23.36 8.04
C ARG B 312 -13.03 -22.98 8.50
N LEU B 313 -12.23 -22.50 7.56
CA LEU B 313 -10.86 -22.08 7.86
C LEU B 313 -10.86 -20.91 8.82
N ALA B 314 -11.90 -20.10 8.77
CA ALA B 314 -12.02 -18.97 9.67
C ALA B 314 -12.28 -19.49 11.10
N LEU B 315 -13.13 -20.49 11.22
CA LEU B 315 -13.41 -21.07 12.52
C LEU B 315 -12.17 -21.79 13.06
N PHE B 316 -11.49 -22.54 12.20
CA PHE B 316 -10.25 -23.21 12.62
C PHE B 316 -9.21 -22.21 13.14
N SER B 317 -9.14 -21.06 12.49
CA SER B 317 -8.17 -20.05 12.89
C SER B 317 -8.49 -19.49 14.26
N VAL B 318 -9.73 -19.04 14.52
CA VAL B 318 -9.99 -18.43 15.83
C VAL B 318 -9.91 -19.45 16.95
N PHE B 319 -10.24 -20.71 16.66
CA PHE B 319 -10.13 -21.73 17.68
C PHE B 319 -8.73 -22.34 17.72
N GLU B 320 -7.84 -21.85 16.85
CA GLU B 320 -6.46 -22.36 16.73
C GLU B 320 -6.42 -23.88 16.58
N VAL B 321 -7.14 -24.39 15.58
CA VAL B 321 -7.14 -25.82 15.35
C VAL B 321 -5.99 -26.15 14.41
N ASN B 322 -4.90 -26.61 15.01
CA ASN B 322 -3.63 -26.83 14.29
C ASN B 322 -3.58 -28.16 13.51
N LYS B 323 -2.65 -28.23 12.56
CA LYS B 323 -2.53 -29.38 11.68
C LYS B 323 -2.32 -30.71 12.42
N GLU B 324 -1.44 -30.73 13.41
CA GLU B 324 -1.13 -31.98 14.11
C GLU B 324 -2.34 -32.52 14.89
N PHE B 325 -3.07 -31.62 15.53
CA PHE B 325 -4.28 -31.98 16.27
C PHE B 325 -5.35 -32.64 15.38
N VAL B 326 -5.57 -32.08 14.19
CA VAL B 326 -6.56 -32.62 13.28
C VAL B 326 -6.10 -33.96 12.70
N GLU B 327 -4.82 -34.05 12.34
CA GLU B 327 -4.24 -35.29 11.85
C GLU B 327 -4.42 -36.43 12.86
N LYS B 328 -4.12 -36.16 14.13
CA LYS B 328 -4.32 -37.17 15.18
C LYS B 328 -5.80 -37.51 15.32
N SER B 329 -6.68 -36.51 15.30
CA SER B 329 -8.12 -36.76 15.43
C SER B 329 -8.67 -37.56 14.26
N ASN B 330 -8.11 -37.36 13.08
CA ASN B 330 -8.59 -38.04 11.89
C ASN B 330 -7.95 -39.41 11.75
N THR B 331 -7.12 -39.77 12.72
CA THR B 331 -6.50 -41.09 12.75
C THR B 331 -7.13 -41.90 13.86
N LYS B 332 -6.98 -41.38 15.07
CA LYS B 332 -7.48 -42.04 16.27
C LYS B 332 -8.98 -41.87 16.47
N GLY B 333 -9.54 -40.80 15.90
CA GLY B 333 -10.97 -40.54 16.01
C GLY B 333 -11.31 -39.81 17.30
N PRO B 334 -12.61 -39.60 17.56
CA PRO B 334 -13.10 -39.03 18.81
C PRO B 334 -12.73 -39.91 20.00
N GLN B 335 -12.33 -39.32 21.10
CA GLN B 335 -11.93 -40.09 22.28
C GLN B 335 -13.02 -40.21 23.34
N TYR B 336 -14.19 -39.64 23.07
CA TYR B 336 -15.29 -39.69 24.03
C TYR B 336 -16.63 -39.65 23.34
N ILE B 337 -17.66 -40.09 24.06
CA ILE B 337 -19.04 -39.95 23.63
C ILE B 337 -19.71 -38.95 24.56
N ARG B 338 -20.07 -37.80 24.01
CA ARG B 338 -20.71 -36.74 24.78
C ARG B 338 -22.22 -36.80 24.63
N ILE B 339 -22.93 -36.91 25.75
CA ILE B 339 -24.39 -36.97 25.73
C ILE B 339 -25.01 -35.61 25.90
N LEU B 340 -25.70 -35.12 24.87
CA LEU B 340 -26.44 -33.87 24.99
C LEU B 340 -27.86 -34.01 25.57
N GLY B 341 -28.50 -35.15 25.31
CA GLY B 341 -29.87 -35.34 25.75
C GLY B 341 -30.39 -36.76 25.58
N PHE B 342 -31.46 -37.07 26.31
CA PHE B 342 -32.11 -38.37 26.17
C PHE B 342 -33.54 -38.37 26.68
N THR B 343 -34.33 -39.32 26.20
CA THR B 343 -35.68 -39.51 26.70
C THR B 343 -35.71 -40.64 27.72
N GLU B 344 -36.91 -40.97 28.18
CA GLU B 344 -37.08 -42.09 29.10
C GLU B 344 -36.66 -43.38 28.42
N LYS B 345 -37.09 -43.54 27.18
CA LYS B 345 -36.71 -44.68 26.38
C LYS B 345 -35.21 -44.66 26.16
N GLY B 346 -34.66 -43.47 25.94
CA GLY B 346 -33.23 -43.30 25.75
C GLY B 346 -32.37 -43.73 26.94
N ARG B 347 -32.91 -43.57 28.15
CA ARG B 347 -32.24 -44.05 29.36
C ARG B 347 -31.89 -45.54 29.28
N GLU B 348 -32.82 -46.32 28.71
CA GLU B 348 -32.63 -47.76 28.58
C GLU B 348 -31.43 -48.10 27.71
N ILE B 349 -31.33 -47.47 26.53
CA ILE B 349 -30.26 -47.84 25.61
C ILE B 349 -28.92 -47.27 26.12
N LEU B 350 -28.96 -46.11 26.76
CA LEU B 350 -27.79 -45.58 27.45
C LEU B 350 -27.26 -46.54 28.52
N SER B 351 -28.17 -47.20 29.21
CA SER B 351 -27.80 -48.22 30.19
C SER B 351 -27.01 -49.35 29.53
N LEU B 352 -27.45 -49.79 28.37
CA LEU B 352 -26.72 -50.82 27.62
C LEU B 352 -25.40 -50.26 27.09
N MET B 353 -25.39 -49.00 26.66
CA MET B 353 -24.17 -48.39 26.14
C MET B 353 -23.04 -48.37 27.16
N ARG B 354 -23.37 -48.17 28.43
CA ARG B 354 -22.38 -48.26 29.50
C ARG B 354 -21.54 -49.53 29.44
N LYS B 355 -22.19 -50.66 29.16
CA LYS B 355 -21.50 -51.94 29.06
C LYS B 355 -20.80 -52.14 27.72
N LYS B 356 -21.45 -51.71 26.63
CA LYS B 356 -20.97 -52.01 25.28
C LYS B 356 -20.07 -50.97 24.62
N ALA B 357 -20.04 -49.75 25.15
CA ALA B 357 -19.38 -48.66 24.41
C ALA B 357 -17.87 -48.83 24.39
N LYS B 358 -17.26 -48.42 23.28
CA LYS B 358 -15.82 -48.53 23.07
C LYS B 358 -15.08 -47.23 23.40
N LEU B 359 -15.83 -46.19 23.76
CA LEU B 359 -15.25 -44.92 24.22
C LEU B 359 -15.88 -44.54 25.57
N PRO B 360 -15.14 -43.75 26.39
CA PRO B 360 -15.72 -43.26 27.65
C PRO B 360 -16.95 -42.41 27.37
N ILE B 361 -17.99 -42.57 28.19
CA ILE B 361 -19.22 -41.80 28.03
C ILE B 361 -19.25 -40.61 28.99
N VAL B 362 -19.42 -39.40 28.45
CA VAL B 362 -19.49 -38.19 29.28
C VAL B 362 -20.90 -37.59 29.32
N THR B 363 -21.42 -37.42 30.54
CA THR B 363 -22.78 -36.89 30.76
C THR B 363 -22.65 -35.63 31.62
N ASN B 364 -22.06 -35.80 32.79
CA ASN B 364 -21.78 -34.69 33.69
C ASN B 364 -20.39 -34.16 33.39
N MET B 365 -20.31 -32.94 32.84
CA MET B 365 -19.05 -32.38 32.37
C MET B 365 -18.11 -32.06 33.51
N SER B 366 -18.68 -31.78 34.68
CA SER B 366 -17.87 -31.60 35.89
C SER B 366 -17.06 -32.83 36.21
N LEU B 367 -17.51 -33.98 35.75
CA LEU B 367 -16.84 -35.24 36.07
C LEU B 367 -15.95 -35.79 34.95
N TYR B 368 -15.81 -35.07 33.83
CA TYR B 368 -15.17 -35.69 32.67
C TYR B 368 -13.72 -36.06 32.95
N ARG B 369 -13.02 -35.27 33.77
CA ARG B 369 -11.65 -35.62 34.12
C ARG B 369 -11.61 -36.89 34.97
N LYS B 370 -12.58 -37.05 35.86
CA LYS B 370 -12.70 -38.28 36.64
C LYS B 370 -13.03 -39.48 35.75
N VAL B 371 -13.91 -39.30 34.77
CA VAL B 371 -14.23 -40.36 33.82
C VAL B 371 -12.98 -40.80 33.08
N LEU B 372 -12.18 -39.82 32.66
CA LEU B 372 -10.95 -40.06 31.91
C LEU B 372 -9.92 -40.80 32.77
N GLU B 373 -9.74 -40.33 34.00
CA GLU B 373 -8.85 -40.98 34.95
C GLU B 373 -9.26 -42.41 35.25
N LYS B 374 -10.57 -42.66 35.35
CA LYS B 374 -11.05 -43.96 35.77
C LYS B 374 -11.26 -44.99 34.66
N THR B 375 -11.30 -44.57 33.39
CA THR B 375 -11.69 -45.50 32.32
C THR B 375 -10.68 -46.65 32.11
N ASP B 376 -11.19 -47.82 31.73
CA ASP B 376 -10.35 -48.96 31.36
C ASP B 376 -10.10 -49.02 29.85
N LEU B 377 -10.71 -48.11 29.12
CA LEU B 377 -10.59 -48.07 27.67
C LEU B 377 -9.29 -47.40 27.23
N PRO B 378 -8.62 -47.97 26.21
CA PRO B 378 -7.29 -47.51 25.79
C PRO B 378 -7.29 -46.21 24.98
N VAL B 379 -7.92 -45.17 25.51
CA VAL B 379 -7.99 -43.89 24.82
C VAL B 379 -6.66 -43.15 24.87
N ASP B 380 -6.52 -42.16 23.99
CA ASP B 380 -5.40 -41.23 24.04
C ASP B 380 -5.87 -40.10 24.92
N LYS B 381 -5.32 -40.02 26.14
CA LYS B 381 -5.81 -39.11 27.15
C LYS B 381 -5.54 -37.65 26.80
N GLN B 382 -4.33 -37.38 26.30
CA GLN B 382 -3.99 -36.01 25.92
C GLN B 382 -4.89 -35.52 24.79
N LEU B 383 -5.16 -36.40 23.82
CA LEU B 383 -6.02 -36.06 22.69
C LEU B 383 -7.45 -35.83 23.15
N PHE B 384 -7.91 -36.70 24.04
CA PHE B 384 -9.20 -36.59 24.73
C PHE B 384 -9.36 -35.16 25.29
N LEU B 385 -8.43 -34.77 26.17
CA LEU B 385 -8.42 -33.45 26.77
C LEU B 385 -8.38 -32.32 25.74
N GLU B 386 -7.54 -32.45 24.71
CA GLU B 386 -7.51 -31.42 23.65
C GLU B 386 -8.85 -31.32 22.91
N GLN B 387 -9.44 -32.46 22.57
CA GLN B 387 -10.72 -32.47 21.86
C GLN B 387 -11.86 -31.84 22.68
N ILE B 388 -11.98 -32.22 23.94
CA ILE B 388 -13.12 -31.76 24.71
C ILE B 388 -12.94 -30.29 25.12
N ASP B 389 -11.69 -29.86 25.24
CA ASP B 389 -11.37 -28.45 25.50
C ASP B 389 -11.84 -27.57 24.34
N LEU B 390 -11.63 -28.04 23.11
CA LEU B 390 -12.14 -27.37 21.92
C LEU B 390 -13.67 -27.25 21.94
N ASP B 391 -14.35 -28.35 22.27
CA ASP B 391 -15.81 -28.34 22.39
C ASP B 391 -16.28 -27.27 23.39
N VAL B 392 -15.68 -27.28 24.57
CA VAL B 392 -15.97 -26.26 25.60
C VAL B 392 -15.66 -24.84 25.11
N LYS B 393 -14.50 -24.67 24.48
CA LYS B 393 -14.09 -23.36 23.96
C LYS B 393 -15.09 -22.79 22.95
N ALA B 394 -15.59 -23.66 22.06
CA ALA B 394 -16.54 -23.24 21.05
C ALA B 394 -17.85 -22.77 21.68
N THR B 395 -18.32 -23.50 22.68
CA THR B 395 -19.56 -23.14 23.37
C THR B 395 -19.43 -21.80 24.10
N ASN B 396 -18.29 -21.58 24.75
CA ASN B 396 -18.03 -20.33 25.48
C ASN B 396 -17.90 -19.13 24.52
N PHE B 397 -17.25 -19.33 23.39
CA PHE B 397 -17.15 -18.28 22.38
C PHE B 397 -18.53 -17.95 21.83
N TYR B 398 -19.28 -18.99 21.46
CA TYR B 398 -20.63 -18.86 20.93
C TYR B 398 -21.54 -18.05 21.84
N SER B 399 -21.40 -18.28 23.15
CA SER B 399 -22.26 -17.62 24.14
C SER B 399 -22.10 -16.11 24.18
N MET B 400 -20.95 -15.59 23.75
CA MET B 400 -20.78 -14.13 23.79
C MET B 400 -21.68 -13.45 22.75
N PHE B 401 -22.18 -14.22 21.79
CA PHE B 401 -23.01 -13.65 20.73
C PHE B 401 -24.52 -13.84 20.96
N PHE B 402 -24.90 -14.37 22.12
CA PHE B 402 -26.29 -14.34 22.57
C PHE B 402 -26.75 -12.89 22.52
N PRO B 403 -27.93 -12.62 21.94
CA PRO B 403 -28.38 -11.23 21.84
C PRO B 403 -28.54 -10.53 23.19
N SER B 404 -28.87 -11.27 24.24
CA SER B 404 -29.02 -10.67 25.55
C SER B 404 -27.74 -10.77 26.36
N VAL B 405 -27.24 -9.62 26.81
CA VAL B 405 -25.98 -9.54 27.54
C VAL B 405 -26.03 -10.39 28.80
N GLU B 406 -27.21 -10.43 29.42
CA GLU B 406 -27.45 -11.26 30.60
C GLU B 406 -27.25 -12.77 30.36
N GLN B 407 -27.31 -13.22 29.12
CA GLN B 407 -27.17 -14.65 28.86
C GLN B 407 -25.72 -15.09 28.58
N ARG B 408 -24.78 -14.15 28.62
CA ARG B 408 -23.41 -14.40 28.13
C ARG B 408 -22.41 -14.93 29.17
N CME B 409 -22.80 -14.96 30.43
CA CME B 409 -21.97 -15.43 31.53
CB CME B 409 -22.39 -14.96 32.92
SG CME B 409 -22.33 -13.24 33.09
SD CME B 409 -24.14 -12.42 32.41
CE CME B 409 -24.71 -11.42 33.73
CZ CME B 409 -26.13 -11.73 34.18
OH CME B 409 -26.18 -13.10 34.53
C CME B 409 -22.07 -16.93 31.75
O CME B 409 -23.11 -17.59 31.61
N GLY B 410 -20.95 -17.49 32.19
CA GLY B 410 -20.89 -18.87 32.64
C GLY B 410 -20.54 -19.83 31.53
N GLU B 411 -20.17 -21.05 31.89
CA GLU B 411 -19.83 -22.07 30.91
C GLU B 411 -20.98 -23.04 30.78
N ARG B 412 -21.69 -22.96 29.66
CA ARG B 412 -22.91 -23.73 29.49
C ARG B 412 -22.63 -25.22 29.45
N ASP B 413 -21.43 -25.62 29.08
CA ASP B 413 -21.14 -27.06 29.09
C ASP B 413 -21.13 -27.57 30.52
N PHE B 414 -20.71 -26.74 31.47
CA PHE B 414 -20.77 -27.17 32.87
C PHE B 414 -22.03 -26.76 33.62
N SER B 415 -22.79 -25.79 33.11
CA SER B 415 -23.97 -25.34 33.84
C SER B 415 -25.27 -25.99 33.39
N ILE B 416 -25.25 -26.66 32.24
CA ILE B 416 -26.45 -27.29 31.72
C ILE B 416 -26.30 -28.79 31.53
N HIS B 417 -27.06 -29.55 32.30
CA HIS B 417 -27.02 -31.00 32.23
C HIS B 417 -27.70 -31.49 30.95
N PRO B 418 -27.39 -32.71 30.52
CA PRO B 418 -28.11 -33.25 29.36
C PRO B 418 -29.61 -33.14 29.58
N ILE B 419 -30.29 -32.67 28.54
CA ILE B 419 -31.74 -32.61 28.53
C ILE B 419 -32.32 -33.99 28.78
N PHE B 420 -33.23 -34.09 29.75
CA PHE B 420 -33.99 -35.31 30.02
C PHE B 420 -35.47 -35.09 29.73
N LEU B 421 -35.99 -35.80 28.75
CA LEU B 421 -37.38 -35.64 28.33
C LEU B 421 -38.24 -36.76 28.85
N ARG B 422 -39.30 -36.43 29.60
CA ARG B 422 -40.23 -37.44 30.07
C ARG B 422 -41.13 -37.89 28.92
N THR B 423 -41.44 -39.18 28.86
CA THR B 423 -42.24 -39.70 27.77
C THR B 423 -43.69 -39.89 28.23
N MET C 1 56.24 10.51 -36.32
CA MET C 1 55.20 11.38 -35.75
C MET C 1 54.39 10.74 -34.63
N LYS C 2 54.12 11.49 -33.56
CA LYS C 2 53.34 10.96 -32.42
C LYS C 2 52.15 11.84 -32.10
N VAL C 3 51.00 11.20 -31.88
CA VAL C 3 49.82 11.88 -31.39
C VAL C 3 49.32 11.26 -30.10
N LEU C 4 49.25 12.07 -29.05
CA LEU C 4 48.75 11.64 -27.74
C LEU C 4 47.20 11.68 -27.67
N GLY C 5 46.57 10.54 -27.40
CA GLY C 5 45.15 10.55 -27.10
C GLY C 5 44.87 10.49 -25.60
N VAL C 6 43.78 11.13 -25.15
CA VAL C 6 43.35 10.98 -23.75
C VAL C 6 41.85 10.85 -23.69
N VAL C 7 41.38 10.03 -22.76
CA VAL C 7 39.97 9.78 -22.55
C VAL C 7 39.56 10.52 -21.29
N VAL C 8 38.63 11.47 -21.40
CA VAL C 8 38.39 12.41 -20.33
C VAL C 8 36.91 12.81 -20.21
N GLU C 9 36.57 13.41 -19.09
CA GLU C 9 35.22 13.88 -18.78
C GLU C 9 35.30 15.34 -18.35
N TYR C 10 36.21 15.62 -17.41
CA TYR C 10 36.49 16.99 -16.96
C TYR C 10 35.24 17.63 -16.38
N ASN C 11 34.79 17.07 -15.26
CA ASN C 11 33.53 17.46 -14.67
C ASN C 11 33.68 17.87 -13.21
N PRO C 12 34.42 18.96 -12.93
CA PRO C 12 35.07 19.91 -13.85
C PRO C 12 36.52 19.54 -14.15
N PHE C 13 37.17 20.30 -15.05
CA PHE C 13 38.61 20.16 -15.27
C PHE C 13 39.31 20.69 -14.02
N HIS C 14 40.07 19.84 -13.32
CA HIS C 14 40.69 20.30 -12.08
C HIS C 14 42.21 20.16 -12.11
N ASN C 15 42.84 20.50 -10.99
CA ASN C 15 44.30 20.46 -10.90
C ASN C 15 44.88 19.08 -11.19
N GLY C 16 44.23 18.03 -10.72
CA GLY C 16 44.69 16.68 -11.04
C GLY C 16 44.63 16.38 -12.54
N HIS C 17 43.60 16.90 -13.19
CA HIS C 17 43.49 16.79 -14.65
C HIS C 17 44.64 17.49 -15.35
N LEU C 18 45.05 18.63 -14.81
CA LEU C 18 46.16 19.37 -15.40
C LEU C 18 47.47 18.60 -15.22
N TYR C 19 47.69 18.09 -14.02
CA TYR C 19 48.87 17.28 -13.75
C TYR C 19 48.93 16.09 -14.70
N HIS C 20 47.79 15.44 -14.92
CA HIS C 20 47.78 14.27 -15.78
C HIS C 20 48.12 14.63 -17.23
N LEU C 21 47.50 15.69 -17.72
CA LEU C 21 47.72 16.15 -19.09
C LEU C 21 49.18 16.55 -19.31
N THR C 22 49.74 17.32 -18.39
CA THR C 22 51.13 17.73 -18.47
C THR C 22 52.11 16.54 -18.41
N SER C 23 51.87 15.60 -17.50
CA SER C 23 52.74 14.42 -17.38
C SER C 23 52.66 13.51 -18.62
N ALA C 24 51.48 13.37 -19.19
CA ALA C 24 51.31 12.56 -20.40
C ALA C 24 52.06 13.21 -21.57
N ARG C 25 51.99 14.53 -21.66
CA ARG C 25 52.71 15.22 -22.71
C ARG C 25 54.22 15.14 -22.49
N GLU C 26 54.66 15.26 -21.23
CA GLU C 26 56.08 15.07 -20.94
C GLU C 26 56.53 13.63 -21.25
N LEU C 27 55.65 12.67 -21.02
CA LEU C 27 56.00 11.27 -21.25
C LEU C 27 56.10 10.94 -22.75
N VAL C 28 55.08 11.33 -23.50
CA VAL C 28 54.96 10.96 -24.92
C VAL C 28 55.61 11.95 -25.90
N LYS C 29 55.85 13.17 -25.45
CA LYS C 29 56.36 14.23 -26.33
C LYS C 29 55.60 14.27 -27.66
N PRO C 30 54.29 14.41 -27.61
CA PRO C 30 53.50 14.29 -28.85
C PRO C 30 53.63 15.53 -29.75
N ASP C 31 53.36 15.38 -31.04
CA ASP C 31 53.26 16.54 -31.91
C ASP C 31 51.87 17.19 -31.76
N TYR C 32 50.87 16.36 -31.44
CA TYR C 32 49.51 16.81 -31.23
C TYR C 32 48.86 16.04 -30.11
N THR C 33 47.91 16.67 -29.43
CA THR C 33 47.14 16.02 -28.38
C THR C 33 45.65 16.05 -28.72
N ILE C 34 45.02 14.88 -28.69
CA ILE C 34 43.61 14.75 -29.01
C ILE C 34 42.85 14.16 -27.82
N ALA C 35 41.76 14.79 -27.42
CA ALA C 35 40.95 14.25 -26.31
C ALA C 35 39.61 13.74 -26.83
N VAL C 36 39.18 12.57 -26.35
CA VAL C 36 37.80 12.18 -26.58
C VAL C 36 37.12 12.35 -25.23
N MET C 37 36.01 13.09 -25.22
CA MET C 37 35.45 13.59 -23.99
C MET C 37 33.95 13.36 -23.95
N SER C 38 33.46 12.91 -22.81
CA SER C 38 32.03 12.79 -22.58
C SER C 38 31.39 14.14 -22.77
N GLY C 39 30.15 14.11 -23.23
CA GLY C 39 29.35 15.26 -23.63
C GLY C 39 28.75 15.90 -22.40
N ASN C 40 27.45 16.10 -22.42
CA ASN C 40 26.78 16.70 -21.28
C ASN C 40 26.35 15.71 -20.17
N PHE C 41 26.65 14.43 -20.35
CA PHE C 41 26.41 13.42 -19.33
C PHE C 41 27.62 12.51 -19.19
N CSD C 42 27.97 12.19 -17.95
CA CSD C 42 29.16 11.40 -17.71
CB CSD C 42 30.10 12.10 -16.72
SG CSD C 42 29.37 12.14 -15.10
C CSD C 42 28.89 9.95 -17.28
O CSD C 42 27.77 9.52 -17.04
OD1 CSD C 42 30.37 12.82 -14.27
OD2 CSD C 42 29.86 10.60 -14.57
N GLN C 43 29.98 9.20 -17.19
CA GLN C 43 29.97 7.75 -16.97
C GLN C 43 29.35 7.30 -15.63
N ARG C 44 29.24 8.20 -14.66
CA ARG C 44 28.54 7.93 -13.40
C ARG C 44 27.03 8.07 -13.52
N GLY C 45 26.52 8.53 -14.65
CA GLY C 45 25.09 8.74 -14.79
C GLY C 45 24.64 10.09 -14.28
N GLU C 46 25.56 11.04 -14.25
CA GLU C 46 25.28 12.42 -13.82
C GLU C 46 25.48 13.39 -14.99
N PRO C 47 24.78 14.53 -14.96
CA PRO C 47 25.07 15.56 -15.94
C PRO C 47 26.40 16.26 -15.63
N ALA C 48 27.08 16.72 -16.67
CA ALA C 48 28.26 17.57 -16.50
C ALA C 48 27.82 18.85 -15.85
N VAL C 49 28.64 19.40 -14.96
CA VAL C 49 28.20 20.56 -14.20
C VAL C 49 28.11 21.82 -15.08
N ILE C 50 28.86 21.84 -16.17
CA ILE C 50 28.70 22.85 -17.24
C ILE C 50 28.79 22.10 -18.56
N ASP C 51 28.41 22.72 -19.67
CA ASP C 51 28.17 21.88 -20.83
C ASP C 51 29.43 21.58 -21.61
N LYS C 52 29.27 20.76 -22.64
CA LYS C 52 30.41 20.17 -23.35
C LYS C 52 31.16 21.20 -24.17
N PHE C 53 30.49 22.31 -24.54
CA PHE C 53 31.17 23.37 -25.29
C PHE C 53 32.08 24.19 -24.38
N ALA C 54 31.65 24.44 -23.15
CA ALA C 54 32.49 25.15 -22.17
C ALA C 54 33.67 24.29 -21.75
N ARG C 55 33.42 23.00 -21.56
CA ARG C 55 34.48 22.09 -21.14
C ARG C 55 35.47 21.80 -22.28
N ALA C 56 34.98 21.70 -23.51
CA ALA C 56 35.89 21.60 -24.64
C ALA C 56 36.80 22.82 -24.69
N GLU C 57 36.27 24.02 -24.52
CA GLU C 57 37.11 25.22 -24.53
C GLU C 57 38.17 25.17 -23.43
N ILE C 58 37.79 24.67 -22.25
CA ILE C 58 38.75 24.56 -21.16
C ILE C 58 39.88 23.61 -21.56
N ALA C 59 39.52 22.45 -22.08
CA ALA C 59 40.50 21.44 -22.51
C ALA C 59 41.52 22.06 -23.47
N LEU C 60 41.02 22.81 -24.46
CA LEU C 60 41.88 23.47 -25.43
C LEU C 60 42.87 24.41 -24.77
N ARG C 61 42.39 25.22 -23.83
CA ARG C 61 43.24 26.19 -23.16
C ARG C 61 44.25 25.53 -22.25
N MET C 62 43.99 24.28 -21.89
CA MET C 62 44.88 23.53 -21.00
C MET C 62 45.90 22.71 -21.78
N GLY C 63 45.87 22.82 -23.11
CA GLY C 63 46.83 22.09 -23.92
C GLY C 63 46.37 20.94 -24.81
N VAL C 64 45.06 20.70 -24.88
CA VAL C 64 44.54 19.78 -25.89
C VAL C 64 44.42 20.54 -27.22
N ASP C 65 44.84 19.92 -28.32
CA ASP C 65 44.73 20.54 -29.66
C ASP C 65 43.37 20.31 -30.32
N VAL C 66 42.78 19.14 -30.09
CA VAL C 66 41.47 18.81 -30.68
C VAL C 66 40.61 18.06 -29.66
N VAL C 67 39.37 18.48 -29.49
CA VAL C 67 38.46 17.77 -28.59
C VAL C 67 37.35 17.09 -29.41
N LEU C 68 37.15 15.80 -29.17
CA LEU C 68 36.14 15.00 -29.85
C LEU C 68 35.06 14.62 -28.88
N GLU C 69 33.82 14.44 -29.35
CA GLU C 69 32.80 13.98 -28.43
C GLU C 69 32.70 12.46 -28.43
N LEU C 70 32.78 11.88 -27.24
CA LEU C 70 32.42 10.48 -27.04
C LEU C 70 30.90 10.37 -27.09
N PRO C 71 30.36 9.68 -28.12
CA PRO C 71 28.89 9.63 -28.24
C PRO C 71 28.23 9.10 -26.98
N VAL C 72 27.05 9.64 -26.69
CA VAL C 72 26.29 9.36 -25.47
C VAL C 72 26.12 7.86 -25.21
N VAL C 73 25.89 7.09 -26.27
CA VAL C 73 25.63 5.67 -26.07
C VAL C 73 26.84 4.99 -25.40
N PHE C 74 28.05 5.49 -25.65
CA PHE C 74 29.23 5.03 -24.91
C PHE C 74 29.53 5.81 -23.62
N ALA C 75 29.39 7.12 -23.65
CA ALA C 75 29.80 8.00 -22.55
C ALA C 75 29.08 7.65 -21.25
N THR C 76 27.85 7.16 -21.37
CA THR C 76 27.01 6.82 -20.23
C THR C 76 26.99 5.33 -19.90
N GLN C 77 27.85 4.53 -20.51
CA GLN C 77 27.87 3.11 -20.20
C GLN C 77 28.85 2.77 -19.07
N ASP C 78 28.80 1.54 -18.59
CA ASP C 78 29.82 1.09 -17.64
C ASP C 78 31.15 0.92 -18.37
N ALA C 79 32.16 0.47 -17.64
CA ALA C 79 33.54 0.53 -18.11
C ALA C 79 33.75 -0.11 -19.48
N GLY C 80 33.19 -1.30 -19.67
CA GLY C 80 33.33 -2.03 -20.93
C GLY C 80 32.89 -1.22 -22.16
N GLY C 81 31.67 -0.69 -22.13
CA GLY C 81 31.11 0.05 -23.24
C GLY C 81 31.76 1.41 -23.44
N PHE C 82 32.01 2.10 -22.33
CA PHE C 82 32.68 3.38 -22.31
C PHE C 82 34.06 3.28 -22.99
N ALA C 83 34.84 2.29 -22.59
CA ALA C 83 36.19 2.14 -23.10
C ALA C 83 36.20 1.75 -24.59
N PHE C 84 35.29 0.88 -24.99
CA PHE C 84 35.16 0.47 -26.38
C PHE C 84 34.88 1.68 -27.25
N GLY C 85 33.91 2.49 -26.84
CA GLY C 85 33.56 3.65 -27.63
C GLY C 85 34.75 4.57 -27.74
N ALA C 86 35.41 4.77 -26.59
CA ALA C 86 36.51 5.75 -26.54
C ALA C 86 37.69 5.33 -27.41
N VAL C 87 38.09 4.07 -27.30
CA VAL C 87 39.23 3.59 -28.06
C VAL C 87 38.86 3.53 -29.55
N CYS C 88 37.61 3.21 -29.85
CA CYS C 88 37.17 3.23 -31.24
C CYS C 88 37.29 4.63 -31.82
N VAL C 89 36.88 5.66 -31.06
CA VAL C 89 36.95 7.01 -31.59
C VAL C 89 38.41 7.43 -31.86
N LEU C 90 39.27 7.19 -30.87
CA LEU C 90 40.68 7.54 -30.99
C LEU C 90 41.36 6.75 -32.10
N ASP C 91 41.01 5.48 -32.24
CA ASP C 91 41.62 4.68 -33.30
C ASP C 91 41.12 5.12 -34.67
N ALA C 92 39.86 5.56 -34.73
CA ALA C 92 39.26 5.92 -36.00
C ALA C 92 39.85 7.21 -36.58
N THR C 93 40.53 8.00 -35.74
CA THR C 93 41.13 9.24 -36.21
C THR C 93 42.22 8.94 -37.23
N GLY C 94 42.84 7.76 -37.13
CA GLY C 94 43.93 7.41 -38.02
C GLY C 94 45.25 8.05 -37.63
N VAL C 95 45.25 8.99 -36.68
CA VAL C 95 46.53 9.57 -36.27
C VAL C 95 47.06 9.28 -34.84
N VAL C 96 46.23 8.73 -33.95
CA VAL C 96 46.63 8.58 -32.54
C VAL C 96 47.62 7.43 -32.38
N THR C 97 48.80 7.71 -31.85
CA THR C 97 49.79 6.65 -31.61
C THR C 97 49.94 6.14 -30.17
N ASP C 98 49.55 6.98 -29.21
CA ASP C 98 49.84 6.73 -27.80
C ASP C 98 48.69 7.26 -26.95
N VAL C 99 48.23 6.47 -25.99
CA VAL C 99 47.18 6.94 -25.07
C VAL C 99 47.69 6.80 -23.66
N VAL C 100 47.48 7.83 -22.84
CA VAL C 100 47.95 7.82 -21.44
C VAL C 100 46.76 7.97 -20.51
N PHE C 101 46.59 7.03 -19.59
CA PHE C 101 45.52 7.16 -18.59
C PHE C 101 46.10 7.08 -17.16
N GLY C 102 45.38 7.65 -16.19
CA GLY C 102 45.79 7.50 -14.80
C GLY C 102 45.31 6.19 -14.18
N SER C 103 46.07 5.64 -13.23
CA SER C 103 45.58 4.50 -12.48
C SER C 103 46.20 4.43 -11.10
N GLU C 104 45.56 3.64 -10.23
CA GLU C 104 46.03 3.44 -8.86
C GLU C 104 47.24 2.53 -8.84
N SER C 105 47.18 1.45 -9.62
CA SER C 105 48.30 0.50 -9.64
C SER C 105 49.55 1.14 -10.23
N ASN C 106 49.36 2.00 -11.24
CA ASN C 106 50.48 2.57 -11.98
C ASN C 106 51.42 1.47 -12.49
N ASP C 107 50.86 0.31 -12.77
CA ASP C 107 51.65 -0.80 -13.30
C ASP C 107 51.05 -1.22 -14.64
N ILE C 108 51.68 -0.80 -15.74
CA ILE C 108 51.11 -1.04 -17.06
C ILE C 108 51.20 -2.54 -17.38
N GLU C 109 52.20 -3.20 -16.82
CA GLU C 109 52.41 -4.63 -17.04
C GLU C 109 51.26 -5.43 -16.43
N PHE C 110 50.84 -5.01 -15.24
CA PHE C 110 49.72 -5.65 -14.58
C PHE C 110 48.44 -5.48 -15.39
N LEU C 111 48.16 -4.25 -15.81
CA LEU C 111 46.97 -3.95 -16.60
C LEU C 111 46.97 -4.71 -17.94
N GLN C 112 48.11 -4.71 -18.62
CA GLN C 112 48.31 -5.53 -19.82
C GLN C 112 48.01 -7.02 -19.55
N ARG C 113 48.49 -7.54 -18.42
CA ARG C 113 48.26 -8.95 -18.08
C ARG C 113 46.77 -9.28 -17.97
N VAL C 114 46.04 -8.42 -17.25
CA VAL C 114 44.62 -8.62 -17.10
C VAL C 114 43.90 -8.53 -18.45
N ALA C 115 44.23 -7.51 -19.25
CA ALA C 115 43.56 -7.32 -20.53
C ALA C 115 43.81 -8.52 -21.44
N ARG C 116 45.05 -9.00 -21.45
CA ARG C 116 45.41 -10.16 -22.25
C ARG C 116 44.57 -11.38 -21.87
N ILE C 117 44.38 -11.59 -20.57
CA ILE C 117 43.61 -12.74 -20.12
C ILE C 117 42.16 -12.58 -20.59
N LEU C 118 41.64 -11.36 -20.43
CA LEU C 118 40.25 -11.11 -20.78
C LEU C 118 40.03 -11.25 -22.28
N TYR C 119 41.03 -10.86 -23.07
CA TYR C 119 40.91 -10.96 -24.53
C TYR C 119 41.14 -12.37 -25.07
N GLU C 120 42.21 -13.00 -24.63
CA GLU C 120 42.62 -14.31 -25.17
C GLU C 120 41.81 -15.44 -24.55
N GLN C 121 41.18 -15.16 -23.42
CA GLN C 121 40.38 -16.16 -22.71
C GLN C 121 41.09 -17.52 -22.58
N PRO C 122 42.27 -17.55 -21.92
CA PRO C 122 42.94 -18.85 -21.75
C PRO C 122 42.07 -19.85 -21.01
N ASP C 123 42.22 -21.13 -21.34
CA ASP C 123 41.36 -22.19 -20.83
C ASP C 123 41.24 -22.23 -19.31
N GLU C 124 42.36 -22.04 -18.61
CA GLU C 124 42.33 -22.14 -17.16
C GLU C 124 41.48 -21.03 -16.57
N TYR C 125 41.53 -19.85 -17.19
CA TYR C 125 40.71 -18.73 -16.72
C TYR C 125 39.24 -19.03 -16.92
N GLN C 126 38.90 -19.53 -18.10
CA GLN C 126 37.54 -19.92 -18.43
C GLN C 126 36.98 -20.90 -17.39
N LYS C 127 37.80 -21.88 -17.02
CA LYS C 127 37.41 -22.84 -16.00
C LYS C 127 37.12 -22.15 -14.67
N PHE C 128 38.04 -21.33 -14.21
CA PHE C 128 37.88 -20.65 -12.92
C PHE C 128 36.64 -19.77 -12.91
N LEU C 129 36.40 -19.03 -13.99
CA LEU C 129 35.23 -18.17 -14.11
C LEU C 129 33.94 -18.97 -14.01
N HIS C 130 33.87 -20.05 -14.79
CA HIS C 130 32.73 -20.96 -14.80
C HIS C 130 32.42 -21.44 -13.39
N GLU C 131 33.46 -21.79 -12.65
CA GLU C 131 33.30 -22.27 -11.28
C GLU C 131 32.84 -21.16 -10.32
N GLU C 132 33.42 -19.96 -10.45
CA GLU C 132 33.03 -18.84 -9.60
C GLU C 132 31.58 -18.40 -9.85
N LEU C 133 31.16 -18.43 -11.12
CA LEU C 133 29.77 -18.11 -11.48
C LEU C 133 28.77 -19.14 -10.93
N LYS C 134 29.15 -20.42 -10.99
CA LYS C 134 28.32 -21.50 -10.47
C LYS C 134 28.04 -21.35 -8.98
N LYS C 135 28.98 -20.74 -8.27
CA LYS C 135 28.87 -20.60 -6.82
C LYS C 135 27.97 -19.43 -6.43
N GLY C 136 27.47 -18.71 -7.44
CA GLY C 136 26.48 -17.67 -7.20
C GLY C 136 27.00 -16.25 -7.24
N TYR C 137 28.29 -16.08 -7.54
CA TYR C 137 28.86 -14.75 -7.59
C TYR C 137 28.38 -13.96 -8.81
N SER C 138 28.24 -12.66 -8.62
CA SER C 138 27.97 -11.75 -9.71
C SER C 138 29.18 -11.77 -10.64
N PHE C 139 28.95 -11.49 -11.92
CA PHE C 139 30.03 -11.54 -12.90
C PHE C 139 31.25 -10.71 -12.46
N PRO C 140 31.04 -9.46 -12.00
CA PRO C 140 32.26 -8.71 -11.63
C PRO C 140 33.07 -9.38 -10.52
N ASN C 141 32.39 -9.87 -9.49
CA ASN C 141 33.04 -10.64 -8.44
C ASN C 141 33.65 -11.94 -8.96
N ALA C 142 32.88 -12.71 -9.74
CA ALA C 142 33.38 -13.99 -10.26
C ALA C 142 34.60 -13.78 -11.14
N ARG C 143 34.60 -12.71 -11.93
CA ARG C 143 35.72 -12.36 -12.78
C ARG C 143 36.95 -12.04 -11.92
N LYS C 144 36.72 -11.24 -10.88
CA LYS C 144 37.78 -10.85 -9.96
C LYS C 144 38.43 -12.10 -9.33
N TYR C 145 37.59 -13.03 -8.87
CA TYR C 145 38.09 -14.24 -8.23
C TYR C 145 38.78 -15.18 -9.21
N ALA C 146 38.26 -15.27 -10.44
CA ALA C 146 38.87 -16.11 -11.45
C ALA C 146 40.21 -15.55 -11.89
N LEU C 147 40.32 -14.22 -11.96
CA LEU C 147 41.60 -13.60 -12.25
C LEU C 147 42.62 -13.86 -11.14
N MET C 148 42.20 -13.72 -9.88
CA MET C 148 43.12 -13.97 -8.77
C MET C 148 43.65 -15.42 -8.80
N ARG C 149 42.77 -16.38 -9.11
CA ARG C 149 43.16 -17.78 -9.18
C ARG C 149 44.13 -18.05 -10.34
N TYR C 150 43.88 -17.40 -11.48
CA TYR C 150 44.80 -17.50 -12.61
C TYR C 150 46.15 -16.91 -12.23
N PHE C 151 46.12 -15.71 -11.62
CA PHE C 151 47.33 -15.08 -11.10
C PHE C 151 48.06 -16.01 -10.13
N SER C 152 47.31 -16.65 -9.23
CA SER C 152 47.94 -17.56 -8.29
C SER C 152 48.62 -18.72 -9.02
N MET C 153 47.95 -19.26 -10.03
CA MET C 153 48.52 -20.33 -10.86
C MET C 153 49.84 -19.92 -11.53
N LYS C 154 49.93 -18.68 -11.97
CA LYS C 154 51.16 -18.19 -12.60
C LYS C 154 52.24 -17.77 -11.62
N GLY C 155 51.92 -17.77 -10.32
CA GLY C 155 52.85 -17.26 -9.32
C GLY C 155 52.87 -15.74 -9.29
N TRP C 156 51.77 -15.12 -9.71
CA TRP C 156 51.68 -13.67 -9.73
C TRP C 156 50.94 -13.19 -8.50
N ASN C 157 51.25 -11.97 -8.03
CA ASN C 157 50.56 -11.46 -6.85
C ASN C 157 49.11 -11.15 -7.15
N GLU C 158 48.20 -11.86 -6.47
CA GLU C 158 46.78 -11.70 -6.72
C GLU C 158 46.20 -10.50 -5.98
N GLU C 159 46.89 -10.04 -4.95
CA GLU C 159 46.42 -8.89 -4.17
C GLU C 159 46.28 -7.68 -5.08
N GLU C 160 47.12 -7.63 -6.13
CA GLU C 160 47.05 -6.60 -7.16
C GLU C 160 45.67 -6.51 -7.82
N VAL C 161 45.01 -7.66 -7.99
CA VAL C 161 43.74 -7.70 -8.70
C VAL C 161 42.66 -6.86 -7.98
N LEU C 162 42.85 -6.62 -6.68
CA LEU C 162 41.98 -5.73 -5.92
C LEU C 162 42.02 -4.28 -6.44
N LYS C 163 43.11 -3.88 -7.08
CA LYS C 163 43.21 -2.54 -7.66
C LYS C 163 42.12 -2.32 -8.72
N LEU C 164 41.66 -3.42 -9.33
CA LEU C 164 40.59 -3.36 -10.33
C LEU C 164 39.27 -2.85 -9.72
N GLU C 165 39.16 -2.85 -8.41
CA GLU C 165 38.01 -2.23 -7.75
C GLU C 165 37.99 -0.71 -7.92
N LYS C 166 39.12 -0.14 -8.32
CA LYS C 166 39.17 1.30 -8.56
C LYS C 166 38.75 1.60 -10.00
N SER C 167 38.02 2.68 -10.18
CA SER C 167 37.45 3.07 -11.46
C SER C 167 38.51 3.28 -12.56
N ASN C 168 39.60 3.94 -12.21
CA ASN C 168 40.64 4.25 -13.19
C ASN C 168 41.30 2.99 -13.71
N ASP C 169 41.51 2.03 -12.82
CA ASP C 169 42.26 0.84 -13.19
C ASP C 169 41.44 -0.13 -14.02
N ILE C 170 40.16 -0.30 -13.70
CA ILE C 170 39.36 -1.18 -14.54
C ILE C 170 39.11 -0.54 -15.92
N LEU C 171 38.92 0.78 -15.96
CA LEU C 171 38.85 1.49 -17.25
C LEU C 171 40.13 1.24 -18.05
N GLY C 172 41.27 1.31 -17.36
CA GLY C 172 42.55 1.08 -17.99
C GLY C 172 42.64 -0.27 -18.67
N VAL C 173 42.27 -1.31 -17.92
CA VAL C 173 42.18 -2.66 -18.47
C VAL C 173 41.27 -2.68 -19.73
N GLU C 174 40.14 -2.03 -19.63
CA GLU C 174 39.15 -2.06 -20.70
C GLU C 174 39.59 -1.23 -21.91
N TYR C 175 40.39 -0.17 -21.72
CA TYR C 175 41.00 0.50 -22.86
C TYR C 175 41.88 -0.49 -23.62
N ILE C 176 42.75 -1.20 -22.89
CA ILE C 176 43.70 -2.13 -23.55
C ILE C 176 42.94 -3.28 -24.20
N HIS C 177 41.98 -3.84 -23.47
CA HIS C 177 41.14 -4.92 -23.99
C HIS C 177 40.46 -4.49 -25.29
N SER C 178 39.83 -3.31 -25.27
CA SER C 178 39.17 -2.78 -26.47
C SER C 178 40.13 -2.66 -27.64
N ALA C 179 41.31 -2.13 -27.38
CA ALA C 179 42.28 -1.97 -28.46
C ALA C 179 42.61 -3.33 -29.06
N LEU C 180 42.75 -4.33 -28.20
CA LEU C 180 43.03 -5.69 -28.66
C LEU C 180 41.90 -6.20 -29.53
N LYS C 181 40.66 -5.89 -29.16
CA LYS C 181 39.49 -6.39 -29.90
C LYS C 181 39.43 -5.80 -31.30
N ILE C 182 39.76 -4.52 -31.45
CA ILE C 182 39.64 -3.93 -32.77
C ILE C 182 40.96 -3.97 -33.55
N GLY C 183 41.98 -4.61 -32.98
CA GLY C 183 43.29 -4.67 -33.63
C GLY C 183 43.99 -3.32 -33.75
N SER C 184 43.83 -2.46 -32.76
CA SER C 184 44.51 -1.16 -32.74
C SER C 184 45.99 -1.27 -32.43
N ASN C 185 46.79 -0.42 -33.04
CA ASN C 185 48.21 -0.35 -32.76
C ASN C 185 48.59 0.70 -31.71
N ILE C 186 47.59 1.38 -31.14
CA ILE C 186 47.86 2.40 -30.13
C ILE C 186 48.67 1.82 -28.96
N ARG C 187 49.73 2.53 -28.56
CA ARG C 187 50.48 2.17 -27.37
C ARG C 187 49.86 2.82 -26.12
N PHE C 188 49.66 2.02 -25.08
CA PHE C 188 49.00 2.47 -23.87
C PHE C 188 50.00 2.62 -22.75
N HIS C 189 49.89 3.73 -22.02
CA HIS C 189 50.75 3.99 -20.88
C HIS C 189 49.87 4.39 -19.72
N THR C 190 50.36 4.15 -18.50
CA THR C 190 49.68 4.69 -17.33
C THR C 190 50.64 5.58 -16.54
N ILE C 191 50.08 6.56 -15.84
CA ILE C 191 50.83 7.34 -14.86
C ILE C 191 50.06 7.28 -13.55
N LYS C 192 50.73 7.60 -12.45
CA LYS C 192 50.11 7.46 -11.15
C LYS C 192 49.09 8.56 -10.98
N ARG C 193 47.92 8.20 -10.49
CA ARG C 193 46.91 9.23 -10.34
C ARG C 193 47.15 9.85 -8.98
N VAL C 194 47.76 11.03 -9.01
CA VAL C 194 47.90 11.88 -7.84
C VAL C 194 46.72 12.81 -7.92
N GLY C 195 46.08 12.76 -9.09
CA GLY C 195 45.01 13.65 -9.44
C GLY C 195 43.85 13.59 -8.49
N ALA C 196 43.32 12.38 -8.28
CA ALA C 196 42.16 12.21 -7.43
C ALA C 196 41.97 10.77 -6.97
N GLU C 197 41.17 10.59 -5.94
CA GLU C 197 40.48 9.33 -5.78
C GLU C 197 39.01 9.66 -6.01
N GLU C 198 38.48 9.21 -7.14
CA GLU C 198 37.14 9.60 -7.55
C GLU C 198 36.08 9.11 -6.57
N LYS C 199 36.42 8.07 -5.82
CA LYS C 199 35.49 7.47 -4.87
C LYS C 199 35.58 8.12 -3.49
N ASP C 200 36.42 9.14 -3.37
CA ASP C 200 36.48 9.95 -2.15
C ASP C 200 35.80 11.29 -2.37
N THR C 201 34.75 11.55 -1.61
CA THR C 201 33.96 12.77 -1.76
C THR C 201 34.39 13.86 -0.78
N SER C 202 35.43 13.58 -0.01
CA SER C 202 35.95 14.54 0.96
C SER C 202 36.91 15.53 0.30
N PHE C 203 37.37 16.51 1.06
CA PHE C 203 38.22 17.57 0.52
C PHE C 203 39.63 17.56 1.12
N ARG C 204 40.63 17.19 0.32
CA ARG C 204 42.01 17.32 0.75
C ARG C 204 42.81 18.22 -0.19
N GLY C 205 43.18 19.40 0.30
CA GLY C 205 44.09 20.31 -0.38
C GLY C 205 43.79 20.67 -1.82
N ARG C 206 44.86 20.75 -2.60
CA ARG C 206 44.83 21.11 -4.01
C ARG C 206 44.08 20.10 -4.89
N PHE C 207 44.32 18.82 -4.59
CA PHE C 207 44.08 17.69 -5.49
C PHE C 207 42.80 16.85 -5.29
N SER C 208 41.78 17.45 -4.70
CA SER C 208 40.46 16.83 -4.57
C SER C 208 39.88 16.27 -5.88
N SER C 209 39.04 15.25 -5.74
CA SER C 209 38.37 14.60 -6.87
C SER C 209 37.28 15.45 -7.51
N ALA C 210 36.92 15.14 -8.74
CA ALA C 210 35.86 15.85 -9.44
C ALA C 210 34.56 15.80 -8.64
N THR C 211 34.26 14.63 -8.06
CA THR C 211 33.04 14.44 -7.28
C THR C 211 33.06 15.33 -6.03
N ALA C 212 34.21 15.38 -5.37
CA ALA C 212 34.36 16.23 -4.20
C ALA C 212 34.21 17.71 -4.57
N ILE C 213 34.75 18.11 -5.72
CA ILE C 213 34.67 19.51 -6.12
C ILE C 213 33.22 19.90 -6.45
N ARG C 214 32.46 19.00 -7.07
CA ARG C 214 31.05 19.28 -7.37
C ARG C 214 30.25 19.41 -6.07
N ASN C 215 30.69 18.75 -5.01
CA ASN C 215 30.02 18.93 -3.74
C ASN C 215 30.42 20.26 -3.12
N LEU C 216 31.67 20.67 -3.33
CA LEU C 216 32.07 22.01 -2.91
C LEU C 216 31.21 23.07 -3.59
N MET C 217 30.87 22.85 -4.85
CA MET C 217 30.02 23.79 -5.60
C MET C 217 28.61 23.83 -5.02
N ARG C 218 28.06 22.67 -4.68
CA ARG C 218 26.73 22.58 -4.05
C ARG C 218 26.69 23.33 -2.72
N GLU C 219 27.80 23.29 -1.99
CA GLU C 219 27.91 23.93 -0.68
C GLU C 219 28.38 25.37 -0.82
N LYS C 220 28.50 25.82 -2.07
CA LYS C 220 28.96 27.17 -2.36
C LYS C 220 30.28 27.54 -1.69
N ARG C 221 31.22 26.60 -1.63
CA ARG C 221 32.51 26.99 -1.13
C ARG C 221 33.41 27.23 -2.31
N TRP C 222 33.39 28.46 -2.79
CA TRP C 222 33.96 28.76 -4.09
C TRP C 222 35.44 29.00 -3.99
N GLU C 223 35.88 29.50 -2.84
CA GLU C 223 37.30 29.71 -2.62
C GLU C 223 37.99 28.35 -2.64
N GLU C 224 37.37 27.36 -2.03
CA GLU C 224 37.94 26.02 -2.09
C GLU C 224 37.85 25.46 -3.51
N VAL C 225 36.78 25.81 -4.22
CA VAL C 225 36.69 25.40 -5.63
C VAL C 225 37.82 26.05 -6.43
N ARG C 226 38.01 27.36 -6.27
CA ARG C 226 39.07 28.06 -6.96
C ARG C 226 40.45 27.42 -6.72
N ASP C 227 40.69 26.99 -5.48
CA ASP C 227 41.96 26.39 -5.13
C ASP C 227 42.12 24.97 -5.69
N SER C 228 41.04 24.40 -6.22
CA SER C 228 41.08 23.05 -6.78
C SER C 228 41.20 23.00 -8.31
N LEU C 229 41.13 24.16 -8.96
CA LEU C 229 41.07 24.20 -10.43
C LEU C 229 42.13 25.11 -10.99
N PRO C 230 42.61 24.80 -12.21
CA PRO C 230 43.48 25.77 -12.88
C PRO C 230 42.69 27.06 -13.15
N GLU C 231 43.37 28.18 -13.31
CA GLU C 231 42.68 29.46 -13.43
C GLU C 231 41.76 29.54 -14.65
N ASP C 232 42.18 29.04 -15.80
CA ASP C 232 41.30 29.03 -16.97
C ASP C 232 40.02 28.23 -16.74
N SER C 233 40.15 27.12 -16.03
CA SER C 233 38.99 26.28 -15.77
C SER C 233 37.98 27.02 -14.88
N PHE C 234 38.46 27.59 -13.77
CA PHE C 234 37.62 28.36 -12.85
C PHE C 234 36.97 29.55 -13.55
N GLU C 235 37.75 30.24 -14.38
CA GLU C 235 37.27 31.37 -15.14
C GLU C 235 36.08 30.98 -16.03
N ILE C 236 36.22 29.87 -16.73
CA ILE C 236 35.14 29.47 -17.62
C ILE C 236 33.97 28.87 -16.83
N LEU C 237 34.25 28.12 -15.77
CA LEU C 237 33.19 27.65 -14.87
C LEU C 237 32.31 28.81 -14.39
N MET C 238 32.95 29.86 -13.86
CA MET C 238 32.21 30.99 -13.31
C MET C 238 31.45 31.78 -14.40
N ARG C 239 32.04 31.87 -15.60
CA ARG C 239 31.37 32.51 -16.72
C ARG C 239 30.03 31.82 -17.03
N GLU C 240 30.06 30.50 -17.16
CA GLU C 240 28.84 29.71 -17.40
C GLU C 240 27.79 29.96 -16.33
N ILE C 241 28.22 29.92 -15.07
CA ILE C 241 27.32 30.15 -13.95
C ILE C 241 26.72 31.55 -14.00
N ASN C 242 27.58 32.55 -14.19
CA ASN C 242 27.15 33.92 -14.26
C ASN C 242 26.16 34.22 -15.39
N GLU C 243 26.32 33.54 -16.51
CA GLU C 243 25.43 33.72 -17.65
C GLU C 243 24.22 32.76 -17.61
N GLY C 244 24.11 31.97 -16.54
CA GLY C 244 22.92 31.17 -16.33
C GLY C 244 22.92 29.80 -16.99
N ARG C 245 24.11 29.34 -17.40
CA ARG C 245 24.30 28.01 -17.99
C ARG C 245 24.87 27.01 -17.00
N GLY C 246 24.89 27.36 -15.72
CA GLY C 246 25.31 26.40 -14.72
C GLY C 246 25.12 26.95 -13.33
N PRO C 247 25.45 26.16 -12.31
CA PRO C 247 25.85 24.75 -12.38
C PRO C 247 24.64 23.85 -12.63
N VAL C 248 24.86 22.75 -13.32
CA VAL C 248 23.81 21.75 -13.54
C VAL C 248 24.09 20.51 -12.69
N PHE C 249 23.20 20.21 -11.75
CA PHE C 249 23.40 19.08 -10.84
C PHE C 249 22.36 18.02 -11.11
N LEU C 250 22.65 16.77 -10.74
CA LEU C 250 21.68 15.71 -11.01
C LEU C 250 20.35 15.97 -10.32
N GLU C 251 20.39 16.53 -9.10
CA GLU C 251 19.16 16.78 -8.37
C GLU C 251 18.25 17.80 -9.09
N ASN C 252 18.81 18.64 -9.96
CA ASN C 252 17.97 19.54 -10.77
C ASN C 252 17.11 18.75 -11.76
N MET C 253 17.60 17.60 -12.18
CA MET C 253 16.87 16.76 -13.13
C MET C 253 15.99 15.73 -12.42
N GLY C 254 16.06 15.72 -11.10
CA GLY C 254 15.50 14.63 -10.32
C GLY C 254 14.00 14.51 -10.41
N ASP C 255 13.30 15.63 -10.26
CA ASP C 255 11.84 15.61 -10.35
C ASP C 255 11.38 15.14 -11.74
N PHE C 256 12.07 15.58 -12.80
CA PHE C 256 11.70 15.10 -14.14
C PHE C 256 11.81 13.59 -14.24
N LEU C 257 12.97 13.07 -13.87
CA LEU C 257 13.25 11.64 -13.96
C LEU C 257 12.22 10.81 -13.19
N LEU C 258 11.93 11.22 -11.97
CA LEU C 258 11.03 10.46 -11.11
C LEU C 258 9.60 10.55 -11.64
N SER C 259 9.17 11.74 -12.06
CA SER C 259 7.85 11.91 -12.66
C SER C 259 7.75 11.06 -13.94
N PHE C 260 8.83 11.06 -14.73
CA PHE C 260 8.87 10.31 -15.98
C PHE C 260 8.70 8.81 -15.72
N PHE C 261 9.41 8.27 -14.74
CA PHE C 261 9.30 6.84 -14.39
C PHE C 261 7.91 6.45 -13.93
N ARG C 262 7.22 7.36 -13.23
CA ARG C 262 5.83 7.11 -12.85
C ARG C 262 4.87 6.94 -14.01
N LEU C 263 5.20 7.49 -15.16
CA LEU C 263 4.36 7.34 -16.32
C LEU C 263 4.56 5.99 -17.03
N LYS C 264 5.55 5.22 -16.59
CA LYS C 264 5.98 4.05 -17.36
C LYS C 264 5.56 2.77 -16.69
N ASN C 265 5.17 1.77 -17.47
CA ASN C 265 4.91 0.46 -16.88
C ASN C 265 6.15 -0.41 -17.00
N MET C 266 6.08 -1.62 -16.44
CA MET C 266 7.25 -2.47 -16.34
C MET C 266 7.73 -2.95 -17.71
N ASP C 267 6.81 -3.06 -18.65
CA ASP C 267 7.12 -3.49 -20.02
C ASP C 267 8.09 -2.53 -20.68
N PHE C 268 8.00 -1.27 -20.28
CA PHE C 268 8.88 -0.26 -20.84
C PHE C 268 10.33 -0.53 -20.46
N PHE C 269 10.59 -0.77 -19.17
CA PHE C 269 11.96 -0.90 -18.69
C PHE C 269 12.61 -2.16 -19.24
N GLU C 270 11.80 -3.18 -19.49
CA GLU C 270 12.32 -4.43 -20.01
C GLU C 270 12.99 -4.23 -21.37
N LYS C 271 12.55 -3.22 -22.11
CA LYS C 271 13.14 -2.93 -23.43
C LYS C 271 14.40 -2.05 -23.40
N ILE C 272 14.70 -1.49 -22.23
CA ILE C 272 15.81 -0.55 -22.07
C ILE C 272 17.12 -1.29 -21.75
N HIS C 273 18.21 -0.92 -22.43
CA HIS C 273 19.49 -1.55 -22.15
C HIS C 273 19.92 -1.45 -20.68
N GLY C 274 20.42 -2.56 -20.15
CA GLY C 274 20.99 -2.61 -18.82
C GLY C 274 20.10 -3.25 -17.77
N PHE C 275 18.83 -3.44 -18.09
CA PHE C 275 17.89 -3.94 -17.09
C PHE C 275 17.95 -5.44 -16.97
N SER C 276 18.14 -5.88 -15.73
CA SER C 276 18.14 -7.29 -15.39
C SER C 276 18.10 -7.39 -13.88
N GLU C 277 18.12 -8.62 -13.36
CA GLU C 277 18.14 -8.91 -11.93
C GLU C 277 17.02 -8.23 -11.15
N GLY C 278 15.85 -8.12 -11.76
CA GLY C 278 14.70 -7.56 -11.08
C GLY C 278 14.69 -6.03 -10.98
N LEU C 279 15.54 -5.35 -11.76
CA LEU C 279 15.63 -3.91 -11.68
C LEU C 279 14.41 -3.21 -12.28
N GLU C 280 13.73 -3.86 -13.22
CA GLU C 280 12.53 -3.27 -13.80
C GLU C 280 11.48 -3.05 -12.71
N LYS C 281 11.25 -4.07 -11.90
CA LYS C 281 10.27 -3.99 -10.83
C LYS C 281 10.70 -2.96 -9.80
N ARG C 282 12.00 -2.86 -9.52
CA ARG C 282 12.47 -1.90 -8.53
C ARG C 282 12.25 -0.47 -9.00
N PHE C 283 12.58 -0.19 -10.24
CA PHE C 283 12.29 1.12 -10.82
C PHE C 283 10.80 1.43 -10.72
N HIS C 284 9.96 0.46 -11.09
CA HIS C 284 8.53 0.68 -11.18
C HIS C 284 7.92 0.91 -9.78
N VAL C 285 8.25 0.04 -8.84
CA VAL C 285 7.78 0.17 -7.46
C VAL C 285 8.35 1.43 -6.75
N CYS C 286 9.66 1.65 -6.84
CA CYS C 286 10.28 2.78 -6.14
C CYS C 286 9.86 4.13 -6.71
N ALA C 287 9.51 4.16 -8.01
CA ALA C 287 9.08 5.43 -8.61
C ALA C 287 7.73 5.87 -8.06
N ARG C 288 6.89 4.91 -7.70
CA ARG C 288 5.61 5.20 -7.07
C ARG C 288 5.70 5.38 -5.55
N GLN C 289 6.65 4.72 -4.92
CA GLN C 289 6.73 4.76 -3.46
C GLN C 289 7.42 6.01 -2.89
N THR C 290 8.39 6.54 -3.63
CA THR C 290 9.14 7.68 -3.13
C THR C 290 8.74 9.01 -3.77
N GLY C 291 9.21 10.12 -3.18
CA GLY C 291 8.78 11.45 -3.60
C GLY C 291 9.86 12.33 -4.18
N SER C 292 11.10 11.85 -4.15
CA SER C 292 12.23 12.59 -4.70
C SER C 292 13.22 11.60 -5.31
N TYR C 293 14.01 12.08 -6.26
CA TYR C 293 14.92 11.21 -7.04
C TYR C 293 16.02 10.64 -6.15
N ARG C 294 16.45 11.44 -5.20
CA ARG C 294 17.41 10.96 -4.22
C ARG C 294 16.81 9.80 -3.45
N ASP C 295 15.58 9.96 -2.94
CA ASP C 295 14.91 8.87 -2.24
C ASP C 295 14.62 7.67 -3.18
N PHE C 296 14.33 7.96 -4.45
CA PHE C 296 14.17 6.92 -5.47
C PHE C 296 15.44 6.07 -5.60
N LEU C 297 16.59 6.73 -5.71
CA LEU C 297 17.85 6.01 -5.93
C LEU C 297 18.16 5.12 -4.73
N GLU C 298 17.90 5.65 -3.53
CA GLU C 298 18.12 4.87 -2.30
C GLU C 298 17.18 3.66 -2.20
N CYS C 299 15.94 3.82 -2.65
CA CYS C 299 14.97 2.72 -2.66
C CYS C 299 15.42 1.64 -3.64
N VAL C 300 15.95 2.02 -4.79
CA VAL C 300 16.40 1.04 -5.78
C VAL C 300 17.71 0.39 -5.34
N LYS C 301 18.58 1.17 -4.70
CA LYS C 301 19.85 0.66 -4.19
C LYS C 301 19.70 -0.59 -3.29
N ALA C 302 20.55 -1.57 -3.56
CA ALA C 302 20.75 -2.76 -2.74
C ALA C 302 22.23 -3.10 -2.82
N LYS C 303 22.68 -3.97 -1.94
CA LYS C 303 24.07 -4.39 -1.84
C LYS C 303 24.66 -4.77 -3.20
N ARG C 304 23.88 -5.44 -4.04
CA ARG C 304 24.39 -5.91 -5.32
C ARG C 304 24.27 -4.90 -6.47
N PHE C 305 23.78 -3.68 -6.20
CA PHE C 305 23.75 -2.65 -7.24
C PHE C 305 24.58 -1.45 -6.82
N THR C 306 25.41 -0.92 -7.73
CA THR C 306 26.06 0.36 -7.48
C THR C 306 25.09 1.52 -7.78
N PHE C 307 25.29 2.65 -7.12
CA PHE C 307 24.48 3.82 -7.44
C PHE C 307 24.68 4.24 -8.90
N SER C 308 25.91 4.05 -9.42
CA SER C 308 26.22 4.47 -10.79
C SER C 308 25.49 3.61 -11.81
N ARG C 309 25.44 2.31 -11.58
CA ARG C 309 24.64 1.46 -12.45
C ARG C 309 23.17 1.94 -12.47
N ILE C 310 22.62 2.26 -11.30
CA ILE C 310 21.24 2.76 -11.25
C ILE C 310 21.08 4.10 -11.96
N ARG C 311 21.98 5.05 -11.70
CA ARG C 311 21.93 6.36 -12.38
C ARG C 311 22.05 6.18 -13.90
N ARG C 312 22.94 5.32 -14.36
CA ARG C 312 23.01 4.97 -15.77
C ARG C 312 21.68 4.50 -16.34
N LEU C 313 21.05 3.55 -15.65
CA LEU C 313 19.80 3.00 -16.12
C LEU C 313 18.74 4.09 -16.23
N ALA C 314 18.83 5.08 -15.34
CA ALA C 314 17.85 6.16 -15.36
C ALA C 314 17.99 6.96 -16.64
N LEU C 315 19.23 7.23 -17.05
CA LEU C 315 19.48 8.01 -18.26
C LEU C 315 19.07 7.21 -19.49
N PHE C 316 19.44 5.93 -19.52
CA PHE C 316 19.05 5.04 -20.62
C PHE C 316 17.52 5.00 -20.74
N SER C 317 16.84 5.01 -19.60
CA SER C 317 15.39 5.02 -19.58
C SER C 317 14.82 6.31 -20.17
N VAL C 318 15.25 7.45 -19.65
CA VAL C 318 14.67 8.72 -20.10
C VAL C 318 15.03 8.99 -21.57
N PHE C 319 16.14 8.46 -22.05
CA PHE C 319 16.52 8.62 -23.44
C PHE C 319 16.05 7.49 -24.34
N GLU C 320 15.39 6.51 -23.73
CA GLU C 320 14.87 5.33 -24.45
C GLU C 320 15.98 4.65 -25.23
N VAL C 321 17.06 4.31 -24.54
CA VAL C 321 18.18 3.67 -25.16
C VAL C 321 17.92 2.16 -25.05
N ASN C 322 17.46 1.58 -26.16
CA ASN C 322 16.99 0.20 -26.18
C ASN C 322 18.13 -0.83 -26.35
N LYS C 323 17.84 -2.08 -25.97
CA LYS C 323 18.85 -3.11 -25.94
C LYS C 323 19.51 -3.37 -27.30
N GLU C 324 18.74 -3.36 -28.38
CA GLU C 324 19.28 -3.72 -29.68
C GLU C 324 20.27 -2.66 -30.18
N PHE C 325 19.92 -1.39 -29.96
CA PHE C 325 20.73 -0.24 -30.33
C PHE C 325 22.10 -0.25 -29.65
N VAL C 326 22.13 -0.61 -28.36
CA VAL C 326 23.37 -0.66 -27.59
C VAL C 326 24.20 -1.86 -28.04
N GLU C 327 23.52 -2.93 -28.42
CA GLU C 327 24.20 -4.12 -28.89
C GLU C 327 24.92 -3.84 -30.22
N LYS C 328 24.24 -3.18 -31.15
CA LYS C 328 24.88 -2.80 -32.40
C LYS C 328 26.04 -1.83 -32.15
N SER C 329 25.83 -0.88 -31.24
CA SER C 329 26.86 0.11 -30.94
C SER C 329 28.08 -0.52 -30.28
N ASN C 330 27.87 -1.50 -29.39
CA ASN C 330 28.97 -2.20 -28.73
C ASN C 330 29.61 -3.24 -29.64
N THR C 331 29.05 -3.41 -30.82
CA THR C 331 29.59 -4.28 -31.84
C THR C 331 30.31 -3.50 -32.94
N LYS C 332 29.57 -2.61 -33.62
CA LYS C 332 30.15 -1.86 -34.73
C LYS C 332 30.87 -0.57 -34.29
N GLY C 333 30.61 -0.13 -33.06
CA GLY C 333 31.30 1.05 -32.54
C GLY C 333 30.64 2.35 -32.97
N PRO C 334 31.24 3.50 -32.62
CA PRO C 334 30.73 4.79 -33.06
C PRO C 334 30.82 4.88 -34.58
N GLN C 335 29.86 5.52 -35.23
CA GLN C 335 29.90 5.66 -36.69
C GLN C 335 30.42 7.02 -37.18
N TYR C 336 30.80 7.92 -36.27
CA TYR C 336 31.30 9.24 -36.68
C TYR C 336 32.30 9.80 -35.68
N ILE C 337 33.08 10.78 -36.12
CA ILE C 337 33.95 11.53 -35.24
C ILE C 337 33.37 12.94 -35.13
N ARG C 338 32.93 13.30 -33.94
CA ARG C 338 32.34 14.62 -33.72
C ARG C 338 33.38 15.58 -33.13
N ILE C 339 33.69 16.66 -33.85
CA ILE C 339 34.62 17.70 -33.37
C ILE C 339 33.89 18.72 -32.48
N LEU C 340 34.25 18.78 -31.20
CA LEU C 340 33.72 19.81 -30.31
C LEU C 340 34.57 21.09 -30.28
N GLY C 341 35.82 20.99 -30.69
CA GLY C 341 36.71 22.14 -30.62
C GLY C 341 38.12 21.83 -31.07
N PHE C 342 38.85 22.87 -31.47
CA PHE C 342 40.25 22.75 -31.83
C PHE C 342 40.95 24.12 -31.77
N THR C 343 42.27 24.08 -31.63
CA THR C 343 43.08 25.29 -31.72
C THR C 343 43.63 25.44 -33.13
N GLU C 344 44.36 26.54 -33.34
CA GLU C 344 45.00 26.84 -34.60
C GLU C 344 46.00 25.73 -34.89
N LYS C 345 46.70 25.30 -33.85
CA LYS C 345 47.58 24.15 -33.96
C LYS C 345 46.79 22.87 -34.30
N GLY C 346 45.63 22.70 -33.65
CA GLY C 346 44.82 21.51 -33.87
C GLY C 346 44.27 21.43 -35.28
N ARG C 347 44.17 22.60 -35.92
CA ARG C 347 43.69 22.67 -37.30
C ARG C 347 44.62 21.84 -38.20
N GLU C 348 45.92 21.85 -37.91
CA GLU C 348 46.89 21.03 -38.65
C GLU C 348 46.60 19.51 -38.60
N ILE C 349 46.44 18.97 -37.40
CA ILE C 349 46.22 17.52 -37.27
C ILE C 349 44.82 17.13 -37.80
N LEU C 350 43.83 17.99 -37.60
CA LEU C 350 42.50 17.80 -38.18
C LEU C 350 42.56 17.63 -39.70
N SER C 351 43.39 18.44 -40.36
CA SER C 351 43.47 18.38 -41.80
C SER C 351 44.07 17.03 -42.21
N LEU C 352 44.98 16.53 -41.39
CA LEU C 352 45.55 15.20 -41.64
C LEU C 352 44.52 14.10 -41.39
N MET C 353 43.65 14.30 -40.40
CA MET C 353 42.60 13.34 -40.10
C MET C 353 41.59 13.23 -41.24
N ARG C 354 41.29 14.35 -41.91
CA ARG C 354 40.38 14.30 -43.05
C ARG C 354 40.93 13.35 -44.11
N LYS C 355 42.24 13.26 -44.24
CA LYS C 355 42.88 12.26 -45.10
C LYS C 355 42.92 10.84 -44.51
N LYS C 356 43.29 10.72 -43.24
CA LYS C 356 43.54 9.39 -42.65
C LYS C 356 42.40 8.72 -41.85
N ALA C 357 41.33 9.45 -41.54
CA ALA C 357 40.34 8.93 -40.59
C ALA C 357 39.51 7.80 -41.16
N LYS C 358 39.09 6.88 -40.29
CA LYS C 358 38.36 5.68 -40.68
C LYS C 358 36.85 5.87 -40.53
N LEU C 359 36.43 7.04 -40.05
CA LEU C 359 35.02 7.38 -39.86
C LEU C 359 34.78 8.79 -40.39
N PRO C 360 33.54 9.08 -40.82
CA PRO C 360 33.24 10.44 -41.28
C PRO C 360 33.40 11.44 -40.13
N ILE C 361 33.93 12.61 -40.45
CA ILE C 361 34.16 13.64 -39.45
C ILE C 361 33.06 14.68 -39.52
N VAL C 362 32.38 14.91 -38.41
CA VAL C 362 31.34 15.94 -38.34
C VAL C 362 31.82 17.18 -37.57
N THR C 363 31.80 18.32 -38.24
CA THR C 363 32.20 19.59 -37.64
C THR C 363 30.97 20.50 -37.57
N ASN C 364 30.52 20.97 -38.73
CA ASN C 364 29.28 21.72 -38.81
C ASN C 364 28.12 20.74 -38.74
N MET C 365 27.30 20.82 -37.69
CA MET C 365 26.27 19.82 -37.44
C MET C 365 25.16 19.92 -38.47
N SER C 366 24.90 21.14 -38.94
CA SER C 366 23.89 21.37 -39.94
C SER C 366 24.19 20.60 -41.22
N LEU C 367 25.43 20.15 -41.37
CA LEU C 367 25.83 19.39 -42.56
C LEU C 367 25.88 17.86 -42.39
N TYR C 368 25.52 17.33 -41.23
CA TYR C 368 25.92 15.93 -40.96
C TYR C 368 25.19 14.92 -41.86
N ARG C 369 24.00 15.27 -42.34
CA ARG C 369 23.33 14.38 -43.28
C ARG C 369 24.01 14.37 -44.65
N LYS C 370 24.57 15.51 -45.05
CA LYS C 370 25.27 15.55 -46.34
C LYS C 370 26.63 14.88 -46.19
N VAL C 371 27.24 15.01 -45.02
CA VAL C 371 28.48 14.30 -44.74
C VAL C 371 28.22 12.79 -44.84
N LEU C 372 27.12 12.35 -44.24
CA LEU C 372 26.74 10.93 -44.29
C LEU C 372 26.44 10.49 -45.72
N GLU C 373 25.68 11.28 -46.47
CA GLU C 373 25.32 10.91 -47.84
C GLU C 373 26.52 10.81 -48.78
N LYS C 374 27.53 11.65 -48.58
CA LYS C 374 28.65 11.68 -49.51
C LYS C 374 29.86 10.85 -49.09
N THR C 375 29.83 10.23 -47.92
CA THR C 375 31.03 9.52 -47.45
C THR C 375 31.30 8.22 -48.22
N ASP C 376 32.58 7.97 -48.46
CA ASP C 376 33.04 6.75 -49.11
C ASP C 376 33.25 5.64 -48.11
N LEU C 377 33.14 5.99 -46.83
CA LEU C 377 33.46 5.04 -45.77
C LEU C 377 32.25 4.13 -45.50
N PRO C 378 32.52 2.84 -45.27
CA PRO C 378 31.45 1.85 -45.16
C PRO C 378 30.74 1.86 -43.80
N VAL C 379 30.26 3.02 -43.36
CA VAL C 379 29.55 3.15 -42.10
C VAL C 379 28.17 2.53 -42.17
N ASP C 380 27.58 2.26 -41.00
CA ASP C 380 26.22 1.79 -40.94
C ASP C 380 25.37 3.05 -40.83
N LYS C 381 24.66 3.37 -41.91
CA LYS C 381 23.99 4.66 -42.02
C LYS C 381 22.89 4.81 -40.98
N GLN C 382 22.07 3.76 -40.83
CA GLN C 382 21.00 3.80 -39.85
C GLN C 382 21.54 3.90 -38.41
N LEU C 383 22.68 3.29 -38.16
CA LEU C 383 23.24 3.31 -36.81
C LEU C 383 23.86 4.69 -36.53
N PHE C 384 24.52 5.23 -37.55
CA PHE C 384 25.04 6.59 -37.54
C PHE C 384 23.90 7.55 -37.11
N LEU C 385 22.76 7.48 -37.80
CA LEU C 385 21.64 8.38 -37.53
C LEU C 385 21.05 8.22 -36.12
N GLU C 386 20.95 6.99 -35.63
CA GLU C 386 20.41 6.77 -34.29
C GLU C 386 21.40 7.27 -33.21
N GLN C 387 22.69 7.03 -33.41
CA GLN C 387 23.68 7.48 -32.42
C GLN C 387 23.72 9.00 -32.32
N ILE C 388 23.77 9.67 -33.46
CA ILE C 388 23.93 11.12 -33.42
C ILE C 388 22.61 11.76 -32.96
N ASP C 389 21.48 11.14 -33.32
CA ASP C 389 20.18 11.60 -32.83
C ASP C 389 20.15 11.58 -31.30
N LEU C 390 20.77 10.55 -30.70
CA LEU C 390 20.80 10.44 -29.24
C LEU C 390 21.69 11.54 -28.65
N ASP C 391 22.83 11.84 -29.29
CA ASP C 391 23.72 12.95 -28.88
C ASP C 391 22.97 14.29 -28.82
N VAL C 392 22.19 14.57 -29.86
CA VAL C 392 21.47 15.84 -29.99
C VAL C 392 20.35 15.91 -28.95
N LYS C 393 19.59 14.82 -28.83
CA LYS C 393 18.54 14.70 -27.81
C LYS C 393 19.05 14.96 -26.40
N ALA C 394 20.22 14.40 -26.06
CA ALA C 394 20.78 14.58 -24.74
C ALA C 394 21.13 16.06 -24.48
N THR C 395 21.69 16.74 -25.48
CA THR C 395 21.99 18.18 -25.37
C THR C 395 20.71 18.98 -25.18
N ASN C 396 19.69 18.65 -25.96
CA ASN C 396 18.42 19.37 -25.90
C ASN C 396 17.73 19.16 -24.56
N PHE C 397 17.83 17.95 -24.03
CA PHE C 397 17.29 17.67 -22.71
C PHE C 397 18.06 18.43 -21.63
N TYR C 398 19.38 18.33 -21.70
CA TYR C 398 20.25 18.99 -20.72
C TYR C 398 20.01 20.50 -20.62
N SER C 399 19.81 21.12 -21.78
CA SER C 399 19.75 22.58 -21.82
C SER C 399 18.50 23.10 -21.11
N MET C 400 17.47 22.27 -20.99
CA MET C 400 16.27 22.69 -20.25
C MET C 400 16.55 22.92 -18.76
N PHE C 401 17.66 22.38 -18.29
CA PHE C 401 18.05 22.53 -16.88
C PHE C 401 19.10 23.64 -16.61
N PHE C 402 19.48 24.40 -17.64
CA PHE C 402 20.18 25.68 -17.43
C PHE C 402 19.35 26.53 -16.46
N PRO C 403 19.98 27.15 -15.45
CA PRO C 403 19.20 27.94 -14.49
C PRO C 403 18.43 29.11 -15.10
N SER C 404 19.01 29.79 -16.08
CA SER C 404 18.34 30.95 -16.67
C SER C 404 17.43 30.51 -17.82
N VAL C 405 16.15 30.88 -17.76
CA VAL C 405 15.18 30.44 -18.77
C VAL C 405 15.55 30.93 -20.17
N GLU C 406 16.22 32.07 -20.24
CA GLU C 406 16.62 32.64 -21.51
C GLU C 406 17.75 31.84 -22.19
N GLN C 407 18.35 30.89 -21.47
CA GLN C 407 19.35 30.03 -22.10
C GLN C 407 18.79 28.70 -22.60
N ARG C 408 17.48 28.47 -22.45
CA ARG C 408 16.90 27.13 -22.70
C ARG C 408 16.34 26.88 -24.12
N CME C 409 16.31 27.90 -24.97
CA CME C 409 15.78 27.82 -26.34
CB CME C 409 15.41 29.13 -26.99
SG CME C 409 14.10 29.97 -26.21
SD CME C 409 14.91 31.04 -24.59
CE CME C 409 15.59 32.52 -25.25
CZ CME C 409 14.59 33.62 -25.51
OH CME C 409 13.82 33.76 -24.32
C CME C 409 16.80 27.29 -27.33
O CME C 409 18.02 27.48 -27.21
N GLY C 410 16.29 26.66 -28.39
CA GLY C 410 17.09 26.29 -29.56
C GLY C 410 17.79 24.94 -29.34
N GLU C 411 18.44 24.42 -30.39
CA GLU C 411 19.21 23.19 -30.27
C GLU C 411 20.67 23.56 -30.35
N ARG C 412 21.36 23.45 -29.24
CA ARG C 412 22.71 23.98 -29.15
C ARG C 412 23.71 23.25 -30.03
N ASP C 413 23.45 21.99 -30.35
CA ASP C 413 24.36 21.29 -31.26
C ASP C 413 24.34 21.99 -32.62
N PHE C 414 23.21 22.61 -32.99
CA PHE C 414 23.15 23.32 -34.27
C PHE C 414 23.35 24.81 -34.16
N SER C 415 23.27 25.38 -32.97
CA SER C 415 23.50 26.81 -32.87
C SER C 415 24.89 27.18 -32.38
N ILE C 416 25.61 26.22 -31.78
CA ILE C 416 26.96 26.51 -31.27
C ILE C 416 28.00 25.76 -32.11
N HIS C 417 28.85 26.50 -32.81
CA HIS C 417 29.86 25.86 -33.64
C HIS C 417 31.01 25.36 -32.78
N PRO C 418 31.78 24.38 -33.29
CA PRO C 418 32.97 23.90 -32.58
C PRO C 418 33.84 25.07 -32.11
N ILE C 419 34.32 25.02 -30.88
CA ILE C 419 35.21 26.06 -30.37
C ILE C 419 36.47 26.16 -31.22
N PHE C 420 36.84 27.36 -31.64
CA PHE C 420 38.10 27.56 -32.32
C PHE C 420 38.96 28.59 -31.60
N LEU C 421 40.11 28.15 -31.09
CA LEU C 421 41.02 29.03 -30.38
C LEU C 421 42.21 29.42 -31.22
N ARG C 422 42.26 30.69 -31.61
CA ARG C 422 43.40 31.24 -32.34
C ARG C 422 44.65 31.26 -31.47
N THR C 423 45.83 31.34 -32.10
CA THR C 423 47.08 31.43 -31.38
C THR C 423 47.42 32.89 -31.06
N MET D 1 -38.83 6.90 -7.63
CA MET D 1 -38.05 7.97 -7.03
C MET D 1 -37.24 8.73 -8.08
N LYS D 2 -36.92 9.98 -7.76
CA LYS D 2 -36.10 10.76 -8.66
C LYS D 2 -34.67 10.83 -8.16
N VAL D 3 -33.72 10.64 -9.07
CA VAL D 3 -32.33 10.87 -8.76
C VAL D 3 -31.71 11.86 -9.74
N LEU D 4 -31.19 12.96 -9.20
CA LEU D 4 -30.54 13.98 -10.01
C LEU D 4 -29.10 13.64 -10.27
N GLY D 5 -28.71 13.62 -11.56
CA GLY D 5 -27.30 13.64 -11.91
C GLY D 5 -26.82 15.03 -12.33
N VAL D 6 -25.54 15.33 -12.10
CA VAL D 6 -24.92 16.55 -12.62
C VAL D 6 -23.51 16.22 -13.12
N VAL D 7 -23.07 16.96 -14.14
CA VAL D 7 -21.76 16.74 -14.74
C VAL D 7 -20.86 17.93 -14.38
N VAL D 8 -19.79 17.68 -13.63
CA VAL D 8 -19.06 18.79 -13.01
C VAL D 8 -17.53 18.63 -12.96
N GLU D 9 -16.86 19.74 -12.68
CA GLU D 9 -15.40 19.80 -12.61
C GLU D 9 -15.01 20.39 -11.26
N TYR D 10 -15.62 21.52 -10.91
CA TYR D 10 -15.46 22.09 -9.58
C TYR D 10 -14.01 22.47 -9.33
N ASN D 11 -13.48 23.28 -10.23
CA ASN D 11 -12.07 23.65 -10.21
C ASN D 11 -11.86 25.16 -10.09
N PRO D 12 -12.14 25.73 -8.90
CA PRO D 12 -12.67 25.13 -7.67
C PRO D 12 -14.19 25.22 -7.59
N PHE D 13 -14.78 24.68 -6.54
CA PHE D 13 -16.23 24.77 -6.34
C PHE D 13 -16.49 26.18 -5.84
N HIS D 14 -17.24 26.97 -6.61
CA HIS D 14 -17.48 28.36 -6.24
C HIS D 14 -18.97 28.68 -6.10
N ASN D 15 -19.28 29.95 -5.86
CA ASN D 15 -20.65 30.36 -5.58
C ASN D 15 -21.62 30.09 -6.73
N GLY D 16 -21.12 30.16 -7.96
CA GLY D 16 -21.92 29.83 -9.12
C GLY D 16 -22.32 28.37 -9.04
N HIS D 17 -21.37 27.53 -8.70
CA HIS D 17 -21.62 26.10 -8.58
C HIS D 17 -22.69 25.80 -7.53
N LEU D 18 -22.64 26.50 -6.39
CA LEU D 18 -23.65 26.30 -5.37
C LEU D 18 -25.00 26.75 -5.90
N TYR D 19 -25.00 27.80 -6.69
CA TYR D 19 -26.25 28.29 -7.23
C TYR D 19 -26.86 27.27 -8.19
N HIS D 20 -26.07 26.77 -9.14
CA HIS D 20 -26.54 25.78 -10.09
C HIS D 20 -27.10 24.53 -9.38
N LEU D 21 -26.28 23.97 -8.50
CA LEU D 21 -26.65 22.76 -7.77
C LEU D 21 -27.93 22.96 -6.97
N THR D 22 -28.00 24.06 -6.23
CA THR D 22 -29.19 24.37 -5.45
C THR D 22 -30.40 24.58 -6.36
N SER D 23 -30.21 25.29 -7.46
CA SER D 23 -31.31 25.47 -8.42
C SER D 23 -31.76 24.13 -9.00
N ALA D 24 -30.80 23.28 -9.37
CA ALA D 24 -31.10 21.98 -9.95
C ALA D 24 -31.90 21.10 -8.99
N ARG D 25 -31.57 21.16 -7.70
CA ARG D 25 -32.29 20.37 -6.70
C ARG D 25 -33.71 20.88 -6.51
N GLU D 26 -33.89 22.19 -6.54
CA GLU D 26 -35.22 22.77 -6.33
C GLU D 26 -36.09 22.55 -7.56
N LEU D 27 -35.47 22.43 -8.72
CA LEU D 27 -36.21 22.14 -9.95
C LEU D 27 -36.73 20.70 -9.97
N VAL D 28 -35.83 19.73 -9.79
CA VAL D 28 -36.15 18.31 -9.89
C VAL D 28 -36.75 17.75 -8.59
N LYS D 29 -36.37 18.34 -7.46
CA LYS D 29 -36.75 17.84 -6.13
C LYS D 29 -36.38 16.36 -5.93
N PRO D 30 -35.10 16.01 -6.14
CA PRO D 30 -34.71 14.59 -6.14
C PRO D 30 -34.63 13.98 -4.74
N ASP D 31 -34.62 12.65 -4.69
CA ASP D 31 -34.37 11.93 -3.43
C ASP D 31 -32.88 11.86 -3.15
N TYR D 32 -32.09 11.68 -4.20
CA TYR D 32 -30.63 11.67 -4.09
C TYR D 32 -30.02 12.48 -5.22
N THR D 33 -28.80 12.94 -5.02
CA THR D 33 -28.09 13.71 -6.02
C THR D 33 -26.72 13.08 -6.26
N ILE D 34 -26.44 12.72 -7.51
CA ILE D 34 -25.18 12.08 -7.86
C ILE D 34 -24.37 12.94 -8.82
N ALA D 35 -23.11 13.18 -8.48
CA ALA D 35 -22.23 13.95 -9.37
C ALA D 35 -21.24 13.04 -10.08
N VAL D 36 -21.08 13.24 -11.39
CA VAL D 36 -19.93 12.67 -12.07
C VAL D 36 -18.90 13.79 -12.29
N MET D 37 -17.70 13.60 -11.77
CA MET D 37 -16.73 14.69 -11.66
C MET D 37 -15.39 14.39 -12.34
N SER D 38 -14.88 15.35 -13.09
CA SER D 38 -13.50 15.32 -13.52
C SER D 38 -12.60 15.13 -12.32
N GLY D 39 -11.54 14.36 -12.53
CA GLY D 39 -10.55 13.99 -11.54
C GLY D 39 -9.51 15.10 -11.36
N ASN D 40 -8.25 14.73 -11.45
CA ASN D 40 -7.18 15.71 -11.29
C ASN D 40 -6.84 16.53 -12.53
N PHE D 41 -7.49 16.25 -13.66
CA PHE D 41 -7.27 17.02 -14.87
C PHE D 41 -8.58 17.38 -15.54
N CSD D 42 -8.73 18.64 -15.93
CA CSD D 42 -9.97 19.08 -16.51
CB CSD D 42 -10.57 20.39 -15.95
SG CSD D 42 -9.57 21.85 -16.01
C CSD D 42 -9.96 19.12 -18.02
O CSD D 42 -8.98 18.81 -18.72
OD1 CSD D 42 -10.50 22.95 -16.26
OD2 CSD D 42 -8.89 21.76 -17.56
N GLN D 43 -11.10 19.57 -18.53
CA GLN D 43 -11.40 19.57 -19.96
C GLN D 43 -10.54 20.52 -20.82
N ARG D 44 -10.03 21.58 -20.23
CA ARG D 44 -9.24 22.53 -21.01
C ARG D 44 -7.75 22.19 -20.99
N GLY D 45 -7.39 21.03 -20.46
CA GLY D 45 -5.99 20.64 -20.46
C GLY D 45 -5.18 21.25 -19.33
N GLU D 46 -5.83 21.49 -18.20
CA GLU D 46 -5.18 22.04 -17.02
C GLU D 46 -5.32 21.05 -15.87
N PRO D 47 -4.40 21.09 -14.91
CA PRO D 47 -4.59 20.29 -13.70
C PRO D 47 -5.67 20.95 -12.83
N ALA D 48 -6.39 20.19 -12.04
CA ALA D 48 -7.28 20.80 -11.04
C ALA D 48 -6.41 21.53 -10.00
N VAL D 49 -6.91 22.61 -9.44
CA VAL D 49 -6.10 23.42 -8.55
C VAL D 49 -5.88 22.68 -7.20
N ILE D 50 -6.80 21.78 -6.83
CA ILE D 50 -6.57 20.82 -5.74
C ILE D 50 -7.14 19.49 -6.21
N ASP D 51 -6.76 18.37 -5.58
CA ASP D 51 -7.02 17.07 -6.20
C ASP D 51 -8.43 16.57 -5.99
N LYS D 52 -8.72 15.45 -6.62
CA LYS D 52 -10.10 14.99 -6.76
C LYS D 52 -10.67 14.55 -5.42
N PHE D 53 -9.81 14.07 -4.52
CA PHE D 53 -10.29 13.64 -3.19
C PHE D 53 -10.80 14.84 -2.41
N ALA D 54 -10.06 15.94 -2.45
CA ALA D 54 -10.46 17.13 -1.74
C ALA D 54 -11.73 17.71 -2.37
N ARG D 55 -11.76 17.78 -3.70
CA ARG D 55 -12.94 18.34 -4.37
C ARG D 55 -14.16 17.42 -4.27
N ALA D 56 -13.94 16.11 -4.25
CA ALA D 56 -15.05 15.20 -3.93
C ALA D 56 -15.64 15.55 -2.56
N GLU D 57 -14.78 15.82 -1.58
CA GLU D 57 -15.30 16.11 -0.24
C GLU D 57 -16.14 17.40 -0.26
N ILE D 58 -15.68 18.42 -0.98
CA ILE D 58 -16.42 19.67 -1.07
C ILE D 58 -17.80 19.45 -1.69
N ALA D 59 -17.85 18.64 -2.73
CA ALA D 59 -19.12 18.34 -3.40
C ALA D 59 -20.13 17.75 -2.40
N LEU D 60 -19.68 16.77 -1.60
CA LEU D 60 -20.51 16.16 -0.57
C LEU D 60 -21.07 17.20 0.41
N ARG D 61 -20.21 18.09 0.88
CA ARG D 61 -20.61 19.11 1.84
C ARG D 61 -21.57 20.11 1.25
N MET D 62 -21.53 20.25 -0.08
CA MET D 62 -22.41 21.19 -0.76
C MET D 62 -23.73 20.54 -1.18
N GLY D 63 -23.96 19.30 -0.76
CA GLY D 63 -25.22 18.63 -0.99
C GLY D 63 -25.25 17.52 -2.03
N VAL D 64 -24.10 17.08 -2.51
CA VAL D 64 -24.05 15.89 -3.35
C VAL D 64 -24.03 14.63 -2.45
N ASP D 65 -24.81 13.61 -2.79
CA ASP D 65 -24.85 12.37 -2.01
C ASP D 65 -23.73 11.38 -2.35
N VAL D 66 -23.38 11.31 -3.63
CA VAL D 66 -22.38 10.36 -4.10
C VAL D 66 -21.56 11.02 -5.19
N VAL D 67 -20.24 10.87 -5.13
CA VAL D 67 -19.38 11.45 -6.16
C VAL D 67 -18.67 10.36 -6.97
N LEU D 68 -18.83 10.43 -8.28
CA LEU D 68 -18.24 9.47 -9.22
C LEU D 68 -17.11 10.14 -9.99
N GLU D 69 -16.06 9.40 -10.35
CA GLU D 69 -15.03 9.99 -11.20
C GLU D 69 -15.35 9.81 -12.68
N LEU D 70 -15.27 10.91 -13.42
CA LEU D 70 -15.30 10.85 -14.87
C LEU D 70 -13.91 10.41 -15.33
N PRO D 71 -13.80 9.24 -15.97
CA PRO D 71 -12.46 8.74 -16.27
C PRO D 71 -11.68 9.68 -17.17
N VAL D 72 -10.37 9.72 -16.92
CA VAL D 72 -9.45 10.63 -17.58
C VAL D 72 -9.59 10.64 -19.10
N VAL D 73 -9.80 9.47 -19.72
CA VAL D 73 -9.90 9.42 -21.18
C VAL D 73 -11.06 10.30 -21.68
N PHE D 74 -12.15 10.39 -20.90
CA PHE D 74 -13.24 11.32 -21.22
C PHE D 74 -13.09 12.73 -20.65
N ALA D 75 -12.68 12.84 -19.39
CA ALA D 75 -12.58 14.13 -18.72
C ALA D 75 -11.68 15.13 -19.46
N THR D 76 -10.66 14.62 -20.13
CA THR D 76 -9.70 15.50 -20.79
C THR D 76 -9.99 15.68 -22.29
N GLN D 77 -11.09 15.11 -22.79
CA GLN D 77 -11.45 15.34 -24.19
C GLN D 77 -12.25 16.62 -24.41
N ASP D 78 -12.49 16.98 -25.67
CA ASP D 78 -13.38 18.09 -25.98
C ASP D 78 -14.83 17.68 -25.71
N ALA D 79 -15.76 18.59 -26.00
CA ALA D 79 -17.17 18.43 -25.62
C ALA D 79 -17.77 17.08 -26.00
N GLY D 80 -17.53 16.62 -27.23
CA GLY D 80 -18.04 15.35 -27.68
C GLY D 80 -17.69 14.18 -26.77
N GLY D 81 -16.41 13.99 -26.47
CA GLY D 81 -15.98 12.83 -25.70
C GLY D 81 -16.31 12.97 -24.23
N PHE D 82 -16.10 14.17 -23.70
CA PHE D 82 -16.46 14.52 -22.33
C PHE D 82 -17.93 14.16 -22.06
N ALA D 83 -18.81 14.59 -22.96
CA ALA D 83 -20.25 14.39 -22.77
C ALA D 83 -20.64 12.93 -22.86
N PHE D 84 -20.01 12.21 -23.80
CA PHE D 84 -20.30 10.80 -23.99
C PHE D 84 -19.91 10.00 -22.75
N GLY D 85 -18.73 10.28 -22.22
CA GLY D 85 -18.29 9.64 -21.00
C GLY D 85 -19.21 9.92 -19.82
N ALA D 86 -19.59 11.18 -19.64
CA ALA D 86 -20.38 11.58 -18.49
C ALA D 86 -21.77 10.95 -18.52
N VAL D 87 -22.43 11.04 -19.66
CA VAL D 87 -23.76 10.50 -19.82
C VAL D 87 -23.73 8.97 -19.68
N CYS D 88 -22.66 8.34 -20.17
CA CYS D 88 -22.51 6.91 -20.01
C CYS D 88 -22.41 6.51 -18.52
N VAL D 89 -21.55 7.21 -17.77
CA VAL D 89 -21.40 6.92 -16.35
C VAL D 89 -22.73 7.05 -15.62
N LEU D 90 -23.40 8.19 -15.78
CA LEU D 90 -24.67 8.42 -15.09
C LEU D 90 -25.75 7.42 -15.50
N ASP D 91 -25.73 7.00 -16.75
CA ASP D 91 -26.72 6.05 -17.22
C ASP D 91 -26.41 4.67 -16.66
N ALA D 92 -25.12 4.38 -16.54
CA ALA D 92 -24.67 3.09 -16.05
C ALA D 92 -25.03 2.89 -14.59
N THR D 93 -25.19 3.98 -13.84
CA THR D 93 -25.56 3.88 -12.43
C THR D 93 -26.86 3.09 -12.26
N GLY D 94 -27.72 3.23 -13.25
CA GLY D 94 -29.00 2.55 -13.24
C GLY D 94 -30.03 3.24 -12.38
N VAL D 95 -29.61 4.23 -11.60
CA VAL D 95 -30.59 5.00 -10.82
C VAL D 95 -30.88 6.44 -11.24
N VAL D 96 -30.05 7.04 -12.10
CA VAL D 96 -30.22 8.47 -12.37
C VAL D 96 -31.41 8.65 -13.29
N THR D 97 -32.41 9.42 -12.86
CA THR D 97 -33.58 9.72 -13.70
C THR D 97 -33.60 11.10 -14.38
N ASP D 98 -32.79 12.04 -13.87
CA ASP D 98 -32.82 13.43 -14.33
C ASP D 98 -31.43 14.06 -14.25
N VAL D 99 -31.08 14.82 -15.28
CA VAL D 99 -29.82 15.53 -15.32
C VAL D 99 -30.05 17.00 -15.66
N VAL D 100 -29.49 17.88 -14.85
CA VAL D 100 -29.67 19.31 -15.02
C VAL D 100 -28.36 20.02 -15.31
N PHE D 101 -28.24 20.66 -16.46
CA PHE D 101 -27.01 21.35 -16.80
C PHE D 101 -27.27 22.84 -17.06
N GLY D 102 -26.24 23.66 -16.87
CA GLY D 102 -26.35 25.08 -17.09
C GLY D 102 -26.39 25.40 -18.57
N SER D 103 -27.09 26.47 -18.91
CA SER D 103 -27.31 26.84 -20.31
C SER D 103 -27.40 28.35 -20.50
N GLU D 104 -26.90 28.84 -21.62
CA GLU D 104 -27.06 30.25 -21.99
C GLU D 104 -28.47 30.51 -22.53
N SER D 105 -28.92 29.64 -23.42
CA SER D 105 -30.23 29.79 -24.05
C SER D 105 -31.37 29.45 -23.11
N ASN D 106 -31.10 28.53 -22.18
CA ASN D 106 -32.09 28.05 -21.23
C ASN D 106 -33.28 27.43 -21.96
N ASP D 107 -33.04 26.99 -23.20
CA ASP D 107 -34.08 26.43 -24.06
C ASP D 107 -33.78 24.96 -24.30
N ILE D 108 -34.56 24.08 -23.68
CA ILE D 108 -34.23 22.66 -23.72
C ILE D 108 -34.63 21.99 -25.03
N GLU D 109 -35.78 22.36 -25.59
CA GLU D 109 -36.24 21.77 -26.85
C GLU D 109 -35.38 22.21 -28.02
N PHE D 110 -34.88 23.45 -27.98
CA PHE D 110 -33.94 23.93 -28.99
C PHE D 110 -32.69 23.06 -29.00
N LEU D 111 -32.21 22.72 -27.81
CA LEU D 111 -31.04 21.86 -27.67
C LEU D 111 -31.36 20.44 -28.13
N GLN D 112 -32.58 19.99 -27.83
CA GLN D 112 -33.02 18.66 -28.22
C GLN D 112 -33.17 18.55 -29.75
N ARG D 113 -33.75 19.58 -30.35
CA ARG D 113 -33.88 19.64 -31.80
C ARG D 113 -32.52 19.46 -32.46
N VAL D 114 -31.54 20.25 -32.03
CA VAL D 114 -30.19 20.18 -32.59
C VAL D 114 -29.59 18.80 -32.40
N ALA D 115 -29.74 18.25 -31.19
CA ALA D 115 -29.17 16.95 -30.88
C ALA D 115 -29.81 15.86 -31.72
N ARG D 116 -31.11 15.97 -31.99
CA ARG D 116 -31.81 14.95 -32.77
C ARG D 116 -31.33 14.91 -34.22
N ILE D 117 -30.95 16.06 -34.76
CA ILE D 117 -30.39 16.14 -36.11
C ILE D 117 -29.02 15.45 -36.19
N LEU D 118 -28.16 15.75 -35.22
CA LEU D 118 -26.84 15.13 -35.16
C LEU D 118 -26.93 13.61 -35.05
N TYR D 119 -27.87 13.13 -34.24
CA TYR D 119 -28.07 11.70 -34.06
C TYR D 119 -28.58 11.02 -35.33
N GLU D 120 -29.65 11.56 -35.90
CA GLU D 120 -30.36 10.91 -37.00
C GLU D 120 -29.64 11.05 -38.34
N GLN D 121 -28.71 11.99 -38.42
CA GLN D 121 -27.85 12.18 -39.58
C GLN D 121 -28.61 12.30 -40.91
N PRO D 122 -29.29 13.44 -41.12
CA PRO D 122 -29.99 13.65 -42.40
C PRO D 122 -28.98 13.81 -43.53
N ASP D 123 -29.32 13.31 -44.71
CA ASP D 123 -28.41 13.34 -45.86
C ASP D 123 -27.99 14.77 -46.23
N GLU D 124 -28.87 15.73 -45.98
CA GLU D 124 -28.60 17.12 -46.31
C GLU D 124 -27.47 17.69 -45.44
N TYR D 125 -27.38 17.19 -44.21
CA TYR D 125 -26.39 17.68 -43.24
C TYR D 125 -24.97 17.20 -43.52
N GLN D 126 -24.83 15.92 -43.84
CA GLN D 126 -23.52 15.32 -44.11
C GLN D 126 -22.94 15.82 -45.43
N LYS D 127 -23.76 16.49 -46.22
CA LYS D 127 -23.28 17.21 -47.39
C LYS D 127 -22.65 18.52 -46.95
N PHE D 128 -23.20 19.09 -45.88
CA PHE D 128 -22.77 20.40 -45.37
C PHE D 128 -21.52 20.35 -44.47
N LEU D 129 -21.45 19.37 -43.58
CA LEU D 129 -20.27 19.22 -42.70
C LEU D 129 -19.05 18.79 -43.51
N HIS D 130 -19.27 18.01 -44.55
CA HIS D 130 -18.21 17.54 -45.44
C HIS D 130 -17.47 18.73 -46.06
N GLU D 131 -18.22 19.63 -46.68
CA GLU D 131 -17.63 20.80 -47.34
C GLU D 131 -16.93 21.74 -46.35
N GLU D 132 -17.47 21.83 -45.14
CA GLU D 132 -16.92 22.71 -44.12
C GLU D 132 -15.64 22.16 -43.48
N LEU D 133 -15.50 20.83 -43.54
CA LEU D 133 -14.26 20.18 -43.09
C LEU D 133 -13.17 20.28 -44.16
N LYS D 134 -13.58 20.16 -45.42
CA LYS D 134 -12.63 20.20 -46.54
C LYS D 134 -12.05 21.61 -46.72
N LYS D 135 -12.79 22.62 -46.26
CA LYS D 135 -12.36 24.00 -46.37
C LYS D 135 -11.26 24.36 -45.36
N GLY D 136 -10.97 23.42 -44.46
CA GLY D 136 -9.87 23.58 -43.52
C GLY D 136 -10.28 23.86 -42.08
N TYR D 137 -11.55 24.22 -41.87
CA TYR D 137 -12.04 24.55 -40.53
C TYR D 137 -11.90 23.38 -39.58
N SER D 138 -11.69 23.68 -38.30
CA SER D 138 -11.65 22.63 -37.29
C SER D 138 -13.06 22.09 -37.10
N PHE D 139 -13.22 21.08 -36.25
CA PHE D 139 -14.53 20.46 -36.08
C PHE D 139 -15.63 21.38 -35.47
N PRO D 140 -15.28 22.24 -34.49
CA PRO D 140 -16.33 23.13 -33.98
C PRO D 140 -16.93 24.05 -35.05
N ASN D 141 -16.08 24.67 -35.88
CA ASN D 141 -16.55 25.58 -36.91
C ASN D 141 -17.22 24.86 -38.07
N ALA D 142 -16.63 23.72 -38.48
CA ALA D 142 -17.16 22.95 -39.59
C ALA D 142 -18.57 22.43 -39.30
N ARG D 143 -18.81 22.05 -38.04
CA ARG D 143 -20.13 21.57 -37.65
C ARG D 143 -21.12 22.72 -37.48
N LYS D 144 -20.71 23.76 -36.76
CA LYS D 144 -21.55 24.93 -36.52
C LYS D 144 -21.99 25.58 -37.82
N TYR D 145 -21.07 25.68 -38.78
CA TYR D 145 -21.38 26.23 -40.10
C TYR D 145 -22.34 25.32 -40.85
N ALA D 146 -22.12 24.01 -40.74
CA ALA D 146 -22.99 23.03 -41.37
C ALA D 146 -24.42 23.13 -40.83
N LEU D 147 -24.53 23.31 -39.52
CA LEU D 147 -25.82 23.39 -38.86
C LEU D 147 -26.58 24.66 -39.26
N MET D 148 -25.86 25.77 -39.34
CA MET D 148 -26.44 27.02 -39.79
C MET D 148 -26.97 26.87 -41.21
N ARG D 149 -26.22 26.16 -42.05
CA ARG D 149 -26.62 25.91 -43.43
C ARG D 149 -27.82 24.98 -43.50
N TYR D 150 -27.93 24.07 -42.54
CA TYR D 150 -29.07 23.15 -42.49
C TYR D 150 -30.33 23.89 -42.04
N PHE D 151 -30.16 24.90 -41.20
CA PHE D 151 -31.30 25.60 -40.63
C PHE D 151 -31.99 26.52 -41.66
N SER D 152 -31.35 26.72 -42.79
CA SER D 152 -31.94 27.51 -43.88
C SER D 152 -32.82 26.64 -44.78
N MET D 153 -32.69 25.33 -44.63
CA MET D 153 -33.49 24.37 -45.40
C MET D 153 -34.90 24.19 -44.82
N LYS D 154 -34.96 24.09 -43.50
CA LYS D 154 -36.20 23.71 -42.80
C LYS D 154 -37.22 24.85 -42.68
N GLY D 155 -36.82 26.06 -43.05
CA GLY D 155 -37.63 27.21 -42.77
C GLY D 155 -37.55 27.53 -41.29
N TRP D 156 -36.33 27.59 -40.78
CA TRP D 156 -36.06 27.85 -39.38
C TRP D 156 -35.09 29.00 -39.21
N ASN D 157 -35.00 29.52 -37.98
CA ASN D 157 -34.12 30.64 -37.69
C ASN D 157 -32.65 30.22 -37.74
N GLU D 158 -31.87 30.86 -38.61
CA GLU D 158 -30.45 30.52 -38.76
C GLU D 158 -29.58 31.33 -37.82
N GLU D 159 -30.17 32.37 -37.23
CA GLU D 159 -29.53 33.14 -36.17
C GLU D 159 -29.48 32.31 -34.90
N GLU D 160 -30.42 31.37 -34.79
CA GLU D 160 -30.56 30.55 -33.61
C GLU D 160 -29.34 29.66 -33.35
N VAL D 161 -28.52 29.48 -34.38
CA VAL D 161 -27.29 28.69 -34.27
C VAL D 161 -26.20 29.48 -33.56
N LEU D 162 -26.38 30.80 -33.51
CA LEU D 162 -25.45 31.67 -32.78
C LEU D 162 -25.52 31.40 -31.27
N LYS D 163 -26.50 30.59 -30.87
CA LYS D 163 -26.57 30.12 -29.50
C LYS D 163 -25.75 28.85 -29.31
N LEU D 164 -25.23 28.32 -30.42
CA LEU D 164 -24.36 27.15 -30.38
C LEU D 164 -22.89 27.55 -30.40
N GLU D 165 -22.62 28.85 -30.35
CA GLU D 165 -21.26 29.32 -30.11
C GLU D 165 -21.05 29.39 -28.60
N LYS D 166 -22.16 29.37 -27.86
CA LYS D 166 -22.14 29.47 -26.41
C LYS D 166 -21.65 28.16 -25.80
N SER D 167 -20.74 28.27 -24.83
CA SER D 167 -20.05 27.11 -24.26
C SER D 167 -20.98 26.04 -23.69
N ASN D 168 -21.83 26.44 -22.76
CA ASN D 168 -22.72 25.49 -22.07
C ASN D 168 -23.64 24.73 -23.02
N ASP D 169 -24.08 25.43 -24.07
CA ASP D 169 -25.09 24.88 -24.98
C ASP D 169 -24.51 23.81 -25.91
N ILE D 170 -23.27 24.00 -26.36
CA ILE D 170 -22.58 22.96 -27.13
C ILE D 170 -22.46 21.69 -26.31
N LEU D 171 -22.09 21.87 -25.05
CA LEU D 171 -21.96 20.75 -24.13
C LEU D 171 -23.32 20.08 -23.95
N GLY D 172 -24.32 20.89 -23.66
CA GLY D 172 -25.68 20.40 -23.49
C GLY D 172 -26.21 19.58 -24.65
N VAL D 173 -25.98 20.06 -25.87
CA VAL D 173 -26.33 19.32 -27.08
C VAL D 173 -25.66 17.96 -27.08
N GLU D 174 -24.41 17.92 -26.67
CA GLU D 174 -23.64 16.69 -26.68
C GLU D 174 -24.12 15.69 -25.61
N TYR D 175 -24.61 16.18 -24.47
CA TYR D 175 -25.21 15.30 -23.47
C TYR D 175 -26.41 14.57 -24.07
N ILE D 176 -27.32 15.34 -24.66
CA ILE D 176 -28.54 14.79 -25.25
C ILE D 176 -28.20 13.88 -26.42
N HIS D 177 -27.27 14.31 -27.27
CA HIS D 177 -26.79 13.50 -28.37
C HIS D 177 -26.28 12.15 -27.85
N SER D 178 -25.45 12.21 -26.81
CA SER D 178 -24.88 11.00 -26.21
C SER D 178 -25.96 10.09 -25.65
N ALA D 179 -26.96 10.69 -25.01
CA ALA D 179 -28.05 9.93 -24.42
C ALA D 179 -28.82 9.19 -25.51
N LEU D 180 -29.02 9.84 -26.65
CA LEU D 180 -29.70 9.20 -27.77
C LEU D 180 -28.87 8.03 -28.31
N LYS D 181 -27.58 8.25 -28.51
CA LYS D 181 -26.64 7.23 -28.96
C LYS D 181 -26.73 5.95 -28.14
N ILE D 182 -26.79 6.10 -26.82
CA ILE D 182 -26.82 4.95 -25.93
C ILE D 182 -28.24 4.56 -25.52
N GLY D 183 -29.24 5.32 -25.99
CA GLY D 183 -30.63 5.00 -25.74
C GLY D 183 -31.00 5.11 -24.26
N SER D 184 -30.49 6.16 -23.62
CA SER D 184 -30.76 6.41 -22.20
C SER D 184 -32.14 7.01 -22.00
N ASN D 185 -32.71 6.74 -20.83
CA ASN D 185 -34.03 7.28 -20.47
C ASN D 185 -33.97 8.53 -19.61
N ILE D 186 -32.76 9.01 -19.34
CA ILE D 186 -32.57 10.17 -18.50
C ILE D 186 -33.33 11.38 -19.04
N ARG D 187 -34.04 12.09 -18.17
CA ARG D 187 -34.68 13.36 -18.52
C ARG D 187 -33.72 14.55 -18.33
N PHE D 188 -33.48 15.29 -19.39
CA PHE D 188 -32.56 16.43 -19.32
C PHE D 188 -33.30 17.75 -19.12
N HIS D 189 -32.74 18.63 -18.30
CA HIS D 189 -33.30 19.97 -18.08
C HIS D 189 -32.18 21.01 -18.06
N THR D 190 -32.56 22.29 -18.18
CA THR D 190 -31.59 23.38 -18.12
C THR D 190 -31.96 24.42 -17.08
N ILE D 191 -30.96 25.21 -16.67
CA ILE D 191 -31.18 26.43 -15.91
C ILE D 191 -30.22 27.46 -16.48
N LYS D 192 -30.67 28.71 -16.56
CA LYS D 192 -29.83 29.81 -17.07
C LYS D 192 -28.58 30.01 -16.20
N ARG D 193 -27.40 30.10 -16.83
CA ARG D 193 -26.17 30.38 -16.11
C ARG D 193 -26.19 31.78 -15.48
N VAL D 194 -25.94 31.86 -14.17
CA VAL D 194 -25.96 33.14 -13.46
C VAL D 194 -24.57 33.53 -12.96
N GLY D 195 -24.14 34.73 -13.34
CA GLY D 195 -22.80 35.21 -13.04
C GLY D 195 -21.78 34.28 -13.67
N ALA D 196 -20.55 34.33 -13.17
CA ALA D 196 -19.53 33.31 -13.47
C ALA D 196 -19.41 32.97 -14.95
N GLU D 197 -19.24 33.97 -15.79
CA GLU D 197 -19.09 33.73 -17.23
C GLU D 197 -17.74 33.03 -17.47
N GLU D 198 -17.79 31.85 -18.09
CA GLU D 198 -16.65 30.95 -18.12
C GLU D 198 -15.40 31.55 -18.76
N LYS D 199 -15.60 32.42 -19.75
CA LYS D 199 -14.48 33.07 -20.43
C LYS D 199 -13.92 34.27 -19.66
N ASP D 200 -14.74 34.91 -18.84
CA ASP D 200 -14.33 36.13 -18.16
C ASP D 200 -13.38 35.86 -17.00
N THR D 201 -12.17 36.41 -17.08
CA THR D 201 -11.14 36.20 -16.06
C THR D 201 -11.08 37.31 -15.03
N SER D 202 -12.03 38.25 -15.10
CA SER D 202 -12.10 39.38 -14.16
C SER D 202 -12.83 39.03 -12.86
N PHE D 203 -12.39 39.62 -11.75
CA PHE D 203 -13.06 39.44 -10.47
C PHE D 203 -14.08 40.53 -10.19
N ARG D 204 -15.36 40.17 -10.25
CA ARG D 204 -16.42 41.06 -9.78
C ARG D 204 -17.17 40.41 -8.62
N GLY D 205 -16.92 40.90 -7.41
CA GLY D 205 -17.62 40.43 -6.22
C GLY D 205 -17.70 38.92 -6.08
N ARG D 206 -18.84 38.46 -5.57
CA ARG D 206 -19.19 37.05 -5.62
C ARG D 206 -19.58 36.72 -7.06
N PHE D 207 -19.59 35.44 -7.39
CA PHE D 207 -19.92 34.93 -8.74
C PHE D 207 -18.92 35.27 -9.86
N SER D 208 -17.64 35.07 -9.61
CA SER D 208 -16.69 35.11 -10.71
C SER D 208 -16.58 33.71 -11.31
N SER D 209 -15.86 33.60 -12.42
CA SER D 209 -15.63 32.30 -13.04
C SER D 209 -14.49 31.55 -12.36
N ALA D 210 -14.47 30.24 -12.51
CA ALA D 210 -13.42 29.41 -11.95
C ALA D 210 -12.05 29.86 -12.43
N THR D 211 -11.97 30.29 -13.69
CA THR D 211 -10.71 30.74 -14.26
C THR D 211 -10.21 31.99 -13.56
N ALA D 212 -11.13 32.91 -13.28
CA ALA D 212 -10.78 34.14 -12.59
C ALA D 212 -10.35 33.83 -11.16
N ILE D 213 -11.00 32.84 -10.56
CA ILE D 213 -10.71 32.53 -9.17
C ILE D 213 -9.33 31.91 -9.05
N ARG D 214 -8.98 31.03 -9.97
CA ARG D 214 -7.65 30.45 -10.01
C ARG D 214 -6.56 31.51 -10.19
N ASN D 215 -6.85 32.55 -10.98
CA ASN D 215 -5.92 33.66 -11.15
C ASN D 215 -5.80 34.47 -9.86
N LEU D 216 -6.92 34.74 -9.19
CA LEU D 216 -6.87 35.30 -7.84
C LEU D 216 -5.95 34.46 -6.92
N MET D 217 -6.04 33.15 -7.04
CA MET D 217 -5.16 32.27 -6.27
C MET D 217 -3.70 32.49 -6.65
N ARG D 218 -3.41 32.54 -7.96
CA ARG D 218 -2.08 32.86 -8.44
C ARG D 218 -1.55 34.14 -7.81
N GLU D 219 -2.41 35.13 -7.69
CA GLU D 219 -2.01 36.43 -7.18
C GLU D 219 -2.12 36.50 -5.65
N LYS D 220 -2.54 35.40 -5.05
CA LYS D 220 -2.62 35.31 -3.59
C LYS D 220 -3.58 36.34 -3.01
N ARG D 221 -4.72 36.55 -3.67
CA ARG D 221 -5.73 37.42 -3.07
C ARG D 221 -6.75 36.51 -2.43
N TRP D 222 -6.53 36.19 -1.17
CA TRP D 222 -7.25 35.06 -0.57
C TRP D 222 -8.62 35.52 -0.07
N GLU D 223 -8.71 36.78 0.34
CA GLU D 223 -9.99 37.33 0.78
C GLU D 223 -10.94 37.47 -0.39
N GLU D 224 -10.41 37.77 -1.56
CA GLU D 224 -11.22 37.85 -2.77
C GLU D 224 -11.65 36.44 -3.21
N VAL D 225 -10.77 35.44 -3.03
CA VAL D 225 -11.16 34.04 -3.22
C VAL D 225 -12.28 33.66 -2.24
N ARG D 226 -12.08 33.92 -0.95
CA ARG D 226 -13.05 33.61 0.09
C ARG D 226 -14.42 34.18 -0.26
N ASP D 227 -14.40 35.34 -0.89
CA ASP D 227 -15.62 36.03 -1.27
C ASP D 227 -16.29 35.32 -2.47
N SER D 228 -15.52 34.50 -3.18
CA SER D 228 -16.03 33.81 -4.37
C SER D 228 -16.46 32.36 -4.14
N LEU D 229 -16.28 31.86 -2.93
CA LEU D 229 -16.46 30.45 -2.62
C LEU D 229 -17.39 30.24 -1.44
N PRO D 230 -18.19 29.17 -1.47
CA PRO D 230 -18.86 28.78 -0.21
C PRO D 230 -17.82 28.48 0.88
N GLU D 231 -18.23 28.66 2.13
CA GLU D 231 -17.35 28.49 3.29
C GLU D 231 -16.59 27.16 3.29
N ASP D 232 -17.31 26.06 3.07
CA ASP D 232 -16.67 24.74 3.12
C ASP D 232 -15.71 24.53 1.96
N SER D 233 -16.00 25.13 0.82
CA SER D 233 -15.07 25.07 -0.31
C SER D 233 -13.77 25.80 0.05
N PHE D 234 -13.90 27.00 0.59
CA PHE D 234 -12.74 27.78 0.94
C PHE D 234 -11.93 27.08 2.04
N GLU D 235 -12.64 26.47 2.99
CA GLU D 235 -11.97 25.83 4.12
C GLU D 235 -11.14 24.64 3.66
N ILE D 236 -11.66 23.86 2.73
CA ILE D 236 -10.90 22.71 2.23
C ILE D 236 -9.78 23.14 1.27
N LEU D 237 -10.02 24.18 0.47
CA LEU D 237 -8.94 24.78 -0.30
C LEU D 237 -7.76 25.18 0.62
N MET D 238 -8.07 25.90 1.69
CA MET D 238 -7.04 26.30 2.65
C MET D 238 -6.34 25.10 3.30
N ARG D 239 -7.11 24.04 3.56
CA ARG D 239 -6.54 22.85 4.19
C ARG D 239 -5.48 22.24 3.28
N GLU D 240 -5.83 22.02 2.02
CA GLU D 240 -4.90 21.44 1.04
C GLU D 240 -3.63 22.29 0.93
N ILE D 241 -3.80 23.61 0.90
CA ILE D 241 -2.66 24.51 0.73
C ILE D 241 -1.75 24.47 1.98
N ASN D 242 -2.35 24.57 3.16
CA ASN D 242 -1.60 24.48 4.42
C ASN D 242 -0.78 23.19 4.54
N GLU D 243 -1.26 22.10 3.95
CA GLU D 243 -0.51 20.84 3.96
C GLU D 243 0.43 20.70 2.74
N GLY D 244 0.41 21.66 1.84
CA GLY D 244 1.31 21.60 0.70
C GLY D 244 0.81 20.74 -0.44
N ARG D 245 -0.49 20.46 -0.45
CA ARG D 245 -1.12 19.75 -1.56
C ARG D 245 -1.83 20.67 -2.57
N GLY D 246 -1.64 21.98 -2.42
CA GLY D 246 -2.08 22.93 -3.40
C GLY D 246 -1.47 24.28 -3.13
N PRO D 247 -1.71 25.26 -4.01
CA PRO D 247 -2.45 25.06 -5.26
C PRO D 247 -1.58 24.39 -6.32
N VAL D 248 -2.21 23.73 -7.29
CA VAL D 248 -1.47 23.14 -8.40
C VAL D 248 -1.88 23.87 -9.68
N PHE D 249 -0.90 24.39 -10.41
CA PHE D 249 -1.14 25.19 -11.62
C PHE D 249 -0.48 24.58 -12.84
N LEU D 250 -1.04 24.83 -14.02
CA LEU D 250 -0.49 24.29 -15.25
C LEU D 250 0.98 24.67 -15.43
N GLU D 251 1.33 25.92 -15.15
CA GLU D 251 2.72 26.35 -15.28
C GLU D 251 3.68 25.53 -14.40
N ASN D 252 3.20 24.93 -13.31
CA ASN D 252 4.07 24.09 -12.48
C ASN D 252 4.55 22.85 -13.23
N MET D 253 3.75 22.41 -14.18
CA MET D 253 4.02 21.25 -15.00
C MET D 253 4.71 21.60 -16.30
N GLY D 254 4.92 22.90 -16.52
CA GLY D 254 5.35 23.41 -17.81
C GLY D 254 6.70 22.88 -18.28
N ASP D 255 7.70 22.93 -17.41
CA ASP D 255 9.01 22.45 -17.79
C ASP D 255 9.00 20.97 -18.02
N PHE D 256 8.20 20.23 -17.25
CA PHE D 256 8.12 18.80 -17.51
C PHE D 256 7.61 18.58 -18.91
N LEU D 257 6.48 19.20 -19.25
CA LEU D 257 5.82 18.94 -20.52
C LEU D 257 6.77 19.27 -21.69
N LEU D 258 7.43 20.42 -21.63
CA LEU D 258 8.33 20.84 -22.68
C LEU D 258 9.55 19.92 -22.79
N SER D 259 10.12 19.52 -21.65
CA SER D 259 11.29 18.66 -21.67
C SER D 259 10.87 17.31 -22.25
N PHE D 260 9.67 16.87 -21.88
CA PHE D 260 9.15 15.59 -22.34
C PHE D 260 8.99 15.62 -23.88
N PHE D 261 8.43 16.71 -24.40
CA PHE D 261 8.26 16.80 -25.87
C PHE D 261 9.60 16.82 -26.60
N ARG D 262 10.62 17.45 -26.02
CA ARG D 262 11.98 17.48 -26.60
C ARG D 262 12.61 16.10 -26.75
N LEU D 263 12.13 15.16 -25.94
CA LEU D 263 12.64 13.81 -26.00
C LEU D 263 12.05 13.00 -27.15
N LYS D 264 10.93 13.46 -27.72
CA LYS D 264 10.15 12.61 -28.65
C LYS D 264 10.36 13.03 -30.11
N ASN D 265 10.25 12.07 -31.02
CA ASN D 265 10.22 12.39 -32.45
C ASN D 265 8.77 12.59 -32.95
N MET D 266 8.66 12.98 -34.22
CA MET D 266 7.36 13.15 -34.89
C MET D 266 6.55 11.85 -34.91
N ASP D 267 7.23 10.72 -35.13
CA ASP D 267 6.58 9.42 -35.11
C ASP D 267 5.76 9.21 -33.85
N PHE D 268 6.24 9.73 -32.73
CA PHE D 268 5.58 9.55 -31.46
C PHE D 268 4.19 10.19 -31.46
N PHE D 269 4.13 11.44 -31.89
CA PHE D 269 2.90 12.22 -31.80
C PHE D 269 1.83 11.70 -32.77
N GLU D 270 2.26 11.14 -33.90
CA GLU D 270 1.32 10.59 -34.88
C GLU D 270 0.38 9.53 -34.29
N LYS D 271 0.86 8.84 -33.27
CA LYS D 271 0.10 7.80 -32.57
C LYS D 271 -0.87 8.37 -31.52
N ILE D 272 -0.64 9.60 -31.12
CA ILE D 272 -1.42 10.21 -30.05
C ILE D 272 -2.76 10.75 -30.57
N HIS D 273 -3.83 10.52 -29.80
CA HIS D 273 -5.15 11.00 -30.18
C HIS D 273 -5.21 12.51 -30.33
N GLY D 274 -5.82 12.98 -31.41
CA GLY D 274 -6.04 14.40 -31.63
C GLY D 274 -5.05 15.05 -32.58
N PHE D 275 -3.98 14.33 -32.88
CA PHE D 275 -2.96 14.88 -33.75
C PHE D 275 -3.30 14.70 -35.23
N SER D 276 -3.41 15.83 -35.92
CA SER D 276 -3.63 15.93 -37.35
C SER D 276 -3.27 17.34 -37.78
N GLU D 277 -3.53 17.67 -39.04
CA GLU D 277 -3.34 19.02 -39.57
C GLU D 277 -1.91 19.53 -39.34
N GLY D 278 -0.94 18.62 -39.33
CA GLY D 278 0.46 18.98 -39.16
C GLY D 278 0.87 19.37 -37.75
N LEU D 279 0.02 19.06 -36.75
CA LEU D 279 0.34 19.40 -35.37
C LEU D 279 1.56 18.64 -34.86
N GLU D 280 1.85 17.47 -35.42
CA GLU D 280 3.05 16.74 -35.03
C GLU D 280 4.29 17.55 -35.31
N LYS D 281 4.32 18.19 -36.47
CA LYS D 281 5.46 18.99 -36.89
C LYS D 281 5.60 20.20 -35.97
N ARG D 282 4.47 20.83 -35.68
CA ARG D 282 4.47 22.03 -34.85
C ARG D 282 4.95 21.68 -33.45
N PHE D 283 4.44 20.59 -32.88
CA PHE D 283 4.89 20.17 -31.56
C PHE D 283 6.40 19.95 -31.56
N HIS D 284 6.88 19.23 -32.57
CA HIS D 284 8.29 18.86 -32.67
C HIS D 284 9.20 20.08 -32.74
N VAL D 285 8.92 20.98 -33.69
CA VAL D 285 9.74 22.16 -33.89
C VAL D 285 9.63 23.14 -32.71
N CYS D 286 8.40 23.37 -32.25
CA CYS D 286 8.19 24.33 -31.18
C CYS D 286 8.83 23.88 -29.88
N ALA D 287 8.89 22.57 -29.66
CA ALA D 287 9.45 22.06 -28.42
C ALA D 287 10.96 22.34 -28.36
N ARG D 288 11.59 22.32 -29.53
CA ARG D 288 13.02 22.57 -29.66
C ARG D 288 13.35 24.07 -29.70
N GLN D 289 12.44 24.84 -30.29
CA GLN D 289 12.65 26.27 -30.52
C GLN D 289 12.39 27.15 -29.29
N THR D 290 11.44 26.76 -28.43
CA THR D 290 11.11 27.60 -27.28
C THR D 290 11.69 27.08 -25.98
N GLY D 291 11.66 27.93 -24.95
CA GLY D 291 12.25 27.63 -23.65
C GLY D 291 11.34 27.53 -22.44
N SER D 292 10.05 27.78 -22.64
CA SER D 292 9.07 27.66 -21.56
C SER D 292 7.78 27.11 -22.14
N TYR D 293 6.95 26.49 -21.31
CA TYR D 293 5.73 25.92 -21.83
C TYR D 293 4.79 27.02 -22.32
N ARG D 294 4.84 28.19 -21.68
CA ARG D 294 4.09 29.36 -22.15
C ARG D 294 4.45 29.72 -23.60
N ASP D 295 5.75 29.84 -23.88
CA ASP D 295 6.18 30.19 -25.23
C ASP D 295 5.86 29.05 -26.22
N PHE D 296 6.01 27.80 -25.76
CA PHE D 296 5.65 26.62 -26.55
C PHE D 296 4.21 26.71 -27.07
N LEU D 297 3.26 26.93 -26.15
CA LEU D 297 1.85 27.06 -26.51
C LEU D 297 1.64 28.18 -27.54
N GLU D 298 2.32 29.29 -27.33
CA GLU D 298 2.22 30.43 -28.21
C GLU D 298 2.77 30.07 -29.59
N CYS D 299 3.88 29.33 -29.62
CA CYS D 299 4.51 28.92 -30.88
C CYS D 299 3.62 27.94 -31.66
N VAL D 300 3.08 26.93 -30.98
CA VAL D 300 2.18 25.96 -31.62
C VAL D 300 0.87 26.62 -32.08
N LYS D 301 0.37 27.56 -31.28
CA LYS D 301 -0.89 28.26 -31.55
C LYS D 301 -0.97 28.96 -32.91
N ALA D 302 -2.08 28.73 -33.60
CA ALA D 302 -2.40 29.45 -34.83
C ALA D 302 -3.91 29.69 -34.86
N LYS D 303 -4.36 30.42 -35.87
CA LYS D 303 -5.76 30.76 -36.02
C LYS D 303 -6.62 29.51 -35.95
N ARG D 304 -6.11 28.45 -36.56
CA ARG D 304 -6.80 27.17 -36.68
C ARG D 304 -6.91 26.43 -35.34
N PHE D 305 -6.02 26.74 -34.39
CA PHE D 305 -5.96 26.02 -33.11
C PHE D 305 -6.23 26.89 -31.89
N THR D 306 -7.16 26.43 -31.06
CA THR D 306 -7.38 27.01 -29.74
C THR D 306 -6.32 26.56 -28.74
N PHE D 307 -6.10 27.34 -27.69
CA PHE D 307 -5.17 26.96 -26.65
C PHE D 307 -5.62 25.70 -25.92
N SER D 308 -6.93 25.57 -25.70
CA SER D 308 -7.46 24.38 -25.04
C SER D 308 -7.17 23.11 -25.83
N ARG D 309 -7.27 23.20 -27.16
CA ARG D 309 -7.01 22.03 -27.96
C ARG D 309 -5.54 21.64 -27.88
N ILE D 310 -4.65 22.63 -27.87
CA ILE D 310 -3.23 22.36 -27.75
C ILE D 310 -2.88 21.86 -26.34
N ARG D 311 -3.51 22.41 -25.32
CA ARG D 311 -3.25 21.93 -23.95
C ARG D 311 -3.71 20.48 -23.74
N ARG D 312 -4.86 20.12 -24.31
CA ARG D 312 -5.34 18.74 -24.30
C ARG D 312 -4.35 17.80 -24.99
N LEU D 313 -3.91 18.20 -26.19
CA LEU D 313 -2.92 17.46 -26.95
C LEU D 313 -1.68 17.18 -26.12
N ALA D 314 -1.29 18.15 -25.30
CA ALA D 314 -0.12 17.99 -24.44
C ALA D 314 -0.35 16.95 -23.36
N LEU D 315 -1.54 16.96 -22.75
CA LEU D 315 -1.86 15.93 -21.75
C LEU D 315 -1.91 14.53 -22.41
N PHE D 316 -2.60 14.42 -23.55
CA PHE D 316 -2.66 13.14 -24.27
C PHE D 316 -1.25 12.63 -24.59
N SER D 317 -0.33 13.55 -24.89
CA SER D 317 1.02 13.16 -25.24
C SER D 317 1.74 12.60 -24.02
N VAL D 318 1.73 13.35 -22.92
CA VAL D 318 2.50 12.93 -21.75
C VAL D 318 1.92 11.62 -21.20
N PHE D 319 0.61 11.43 -21.29
CA PHE D 319 -0.02 10.20 -20.81
C PHE D 319 -0.05 9.10 -21.88
N GLU D 320 0.46 9.41 -23.07
CA GLU D 320 0.47 8.46 -24.19
C GLU D 320 -0.94 7.96 -24.50
N VAL D 321 -1.87 8.88 -24.68
CA VAL D 321 -3.22 8.46 -24.93
C VAL D 321 -3.33 8.30 -26.44
N ASN D 322 -3.26 7.05 -26.90
CA ASN D 322 -3.18 6.75 -28.33
C ASN D 322 -4.56 6.71 -29.00
N LYS D 323 -4.57 6.93 -30.31
CA LYS D 323 -5.80 7.00 -31.11
C LYS D 323 -6.71 5.79 -30.96
N GLU D 324 -6.14 4.61 -31.02
CA GLU D 324 -6.95 3.39 -30.93
C GLU D 324 -7.65 3.32 -29.56
N PHE D 325 -6.96 3.76 -28.52
CA PHE D 325 -7.52 3.69 -27.16
C PHE D 325 -8.72 4.62 -27.01
N VAL D 326 -8.59 5.85 -27.49
CA VAL D 326 -9.70 6.80 -27.43
C VAL D 326 -10.82 6.33 -28.35
N GLU D 327 -10.45 5.79 -29.51
CA GLU D 327 -11.44 5.27 -30.44
C GLU D 327 -12.33 4.22 -29.77
N LYS D 328 -11.73 3.25 -29.11
CA LYS D 328 -12.51 2.23 -28.41
C LYS D 328 -13.31 2.83 -27.25
N SER D 329 -12.69 3.76 -26.52
CA SER D 329 -13.35 4.38 -25.37
C SER D 329 -14.57 5.17 -25.80
N ASN D 330 -14.48 5.85 -26.94
CA ASN D 330 -15.59 6.65 -27.44
C ASN D 330 -16.65 5.80 -28.13
N THR D 331 -16.35 4.51 -28.29
CA THR D 331 -17.31 3.55 -28.81
C THR D 331 -17.97 2.76 -27.66
N LYS D 332 -17.16 2.05 -26.87
CA LYS D 332 -17.70 1.20 -25.79
C LYS D 332 -18.00 1.95 -24.47
N GLY D 333 -17.46 3.15 -24.32
CA GLY D 333 -17.72 3.94 -23.13
C GLY D 333 -16.85 3.52 -21.97
N PRO D 334 -17.05 4.14 -20.80
CA PRO D 334 -16.37 3.73 -19.56
C PRO D 334 -16.71 2.28 -19.22
N GLN D 335 -15.76 1.50 -18.71
CA GLN D 335 -16.03 0.11 -18.33
C GLN D 335 -16.28 -0.08 -16.81
N TYR D 336 -16.29 1.01 -16.06
CA TYR D 336 -16.52 0.97 -14.62
C TYR D 336 -17.08 2.27 -14.09
N ILE D 337 -17.64 2.18 -12.89
CA ILE D 337 -18.07 3.31 -12.10
C ILE D 337 -17.13 3.44 -10.90
N ARG D 338 -16.32 4.50 -10.86
CA ARG D 338 -15.43 4.77 -9.74
C ARG D 338 -16.09 5.67 -8.69
N ILE D 339 -16.13 5.20 -7.44
CA ILE D 339 -16.69 5.97 -6.34
C ILE D 339 -15.59 6.82 -5.68
N LEU D 340 -15.67 8.13 -5.82
CA LEU D 340 -14.75 9.01 -5.08
C LEU D 340 -15.19 9.35 -3.64
N GLY D 341 -16.49 9.40 -3.42
CA GLY D 341 -16.97 9.65 -2.07
C GLY D 341 -18.46 9.55 -1.96
N PHE D 342 -18.96 9.41 -0.73
CA PHE D 342 -20.42 9.46 -0.52
C PHE D 342 -20.77 9.78 0.93
N THR D 343 -21.97 10.28 1.18
CA THR D 343 -22.38 10.55 2.55
C THR D 343 -23.13 9.37 3.14
N GLU D 344 -23.45 9.46 4.41
CA GLU D 344 -24.27 8.43 5.05
C GLU D 344 -25.61 8.29 4.34
N LYS D 345 -26.24 9.40 4.00
CA LYS D 345 -27.44 9.35 3.18
C LYS D 345 -27.14 8.67 1.86
N GLY D 346 -26.02 9.01 1.24
CA GLY D 346 -25.62 8.49 -0.05
C GLY D 346 -25.45 6.97 -0.10
N ARG D 347 -25.17 6.37 1.06
CA ARG D 347 -25.12 4.91 1.21
C ARG D 347 -26.34 4.23 0.60
N GLU D 348 -27.50 4.82 0.82
CA GLU D 348 -28.76 4.20 0.43
C GLU D 348 -28.85 4.07 -1.08
N ILE D 349 -28.46 5.11 -1.79
CA ILE D 349 -28.59 5.09 -3.25
C ILE D 349 -27.41 4.32 -3.84
N LEU D 350 -26.25 4.34 -3.20
CA LEU D 350 -25.13 3.51 -3.63
C LEU D 350 -25.54 2.03 -3.49
N SER D 351 -26.30 1.73 -2.44
CA SER D 351 -26.76 0.37 -2.22
C SER D 351 -27.67 -0.08 -3.36
N LEU D 352 -28.59 0.80 -3.75
CA LEU D 352 -29.48 0.50 -4.86
C LEU D 352 -28.70 0.39 -6.17
N MET D 353 -27.61 1.14 -6.28
CA MET D 353 -26.75 1.10 -7.46
C MET D 353 -26.11 -0.26 -7.64
N ARG D 354 -25.70 -0.90 -6.54
CA ARG D 354 -25.10 -2.23 -6.61
C ARG D 354 -26.06 -3.25 -7.22
N LYS D 355 -27.35 -3.02 -7.04
CA LYS D 355 -28.37 -3.86 -7.63
C LYS D 355 -28.64 -3.52 -9.09
N LYS D 356 -28.69 -2.22 -9.39
CA LYS D 356 -29.13 -1.75 -10.71
C LYS D 356 -28.06 -1.39 -11.75
N ALA D 357 -26.80 -1.29 -11.34
CA ALA D 357 -25.78 -0.70 -12.23
C ALA D 357 -25.45 -1.59 -13.41
N LYS D 358 -25.16 -0.96 -14.54
CA LYS D 358 -24.81 -1.66 -15.78
C LYS D 358 -23.30 -1.74 -16.00
N LEU D 359 -22.53 -1.20 -15.05
CA LEU D 359 -21.08 -1.33 -15.06
C LEU D 359 -20.58 -1.75 -13.67
N PRO D 360 -19.42 -2.40 -13.60
CA PRO D 360 -18.86 -2.77 -12.29
C PRO D 360 -18.58 -1.53 -11.47
N ILE D 361 -18.93 -1.57 -10.18
CA ILE D 361 -18.68 -0.47 -9.27
C ILE D 361 -17.40 -0.69 -8.47
N VAL D 362 -16.53 0.32 -8.46
CA VAL D 362 -15.26 0.25 -7.77
C VAL D 362 -15.20 1.26 -6.61
N THR D 363 -15.11 0.74 -5.39
CA THR D 363 -14.97 1.53 -4.19
C THR D 363 -13.55 1.35 -3.66
N ASN D 364 -13.20 0.12 -3.36
CA ASN D 364 -11.88 -0.21 -2.87
C ASN D 364 -10.95 -0.52 -4.03
N MET D 365 -10.00 0.39 -4.29
CA MET D 365 -9.17 0.31 -5.50
C MET D 365 -8.14 -0.83 -5.46
N SER D 366 -7.70 -1.20 -4.26
CA SER D 366 -6.79 -2.32 -4.11
C SER D 366 -7.45 -3.61 -4.55
N LEU D 367 -8.77 -3.62 -4.64
CA LEU D 367 -9.52 -4.80 -5.08
C LEU D 367 -10.00 -4.76 -6.54
N TYR D 368 -9.65 -3.72 -7.30
CA TYR D 368 -10.35 -3.53 -8.57
C TYR D 368 -10.15 -4.68 -9.57
N ARG D 369 -9.00 -5.35 -9.52
CA ARG D 369 -8.78 -6.50 -10.41
C ARG D 369 -9.68 -7.67 -10.02
N LYS D 370 -9.94 -7.82 -8.72
CA LYS D 370 -10.84 -8.86 -8.26
C LYS D 370 -12.27 -8.52 -8.70
N VAL D 371 -12.60 -7.23 -8.68
CA VAL D 371 -13.91 -6.78 -9.13
C VAL D 371 -14.09 -7.14 -10.61
N LEU D 372 -13.08 -6.84 -11.42
CA LEU D 372 -13.13 -7.17 -12.84
C LEU D 372 -13.30 -8.67 -13.04
N GLU D 373 -12.58 -9.44 -12.24
CA GLU D 373 -12.58 -10.89 -12.39
C GLU D 373 -13.90 -11.52 -11.96
N LYS D 374 -14.55 -10.95 -10.95
CA LYS D 374 -15.77 -11.54 -10.44
C LYS D 374 -17.06 -11.04 -11.10
N THR D 375 -16.98 -9.93 -11.82
CA THR D 375 -18.21 -9.30 -12.31
C THR D 375 -18.90 -10.16 -13.37
N ASP D 376 -20.23 -10.17 -13.34
CA ASP D 376 -21.02 -10.90 -14.33
C ASP D 376 -21.50 -9.97 -15.45
N LEU D 377 -21.06 -8.72 -15.40
CA LEU D 377 -21.37 -7.73 -16.44
C LEU D 377 -20.44 -7.91 -17.64
N PRO D 378 -20.99 -7.81 -18.86
CA PRO D 378 -20.21 -8.15 -20.05
C PRO D 378 -19.29 -7.02 -20.52
N VAL D 379 -18.44 -6.51 -19.64
CA VAL D 379 -17.49 -5.44 -20.00
C VAL D 379 -16.29 -5.93 -20.83
N ASP D 380 -15.61 -4.98 -21.44
CA ASP D 380 -14.36 -5.23 -22.14
C ASP D 380 -13.22 -5.17 -21.11
N LYS D 381 -12.56 -6.31 -20.87
CA LYS D 381 -11.56 -6.39 -19.80
C LYS D 381 -10.27 -5.62 -20.10
N GLN D 382 -9.73 -5.78 -21.31
CA GLN D 382 -8.55 -5.02 -21.70
C GLN D 382 -8.79 -3.52 -21.63
N LEU D 383 -9.96 -3.08 -22.09
CA LEU D 383 -10.28 -1.66 -22.11
C LEU D 383 -10.45 -1.12 -20.68
N PHE D 384 -11.09 -1.93 -19.83
CA PHE D 384 -11.23 -1.65 -18.41
C PHE D 384 -9.88 -1.36 -17.78
N LEU D 385 -8.96 -2.30 -17.95
CA LEU D 385 -7.65 -2.19 -17.33
C LEU D 385 -6.90 -0.98 -17.86
N GLU D 386 -6.96 -0.76 -19.18
CA GLU D 386 -6.31 0.41 -19.80
C GLU D 386 -6.89 1.72 -19.28
N GLN D 387 -8.21 1.80 -19.19
CA GLN D 387 -8.85 3.03 -18.71
C GLN D 387 -8.47 3.36 -17.25
N ILE D 388 -8.55 2.35 -16.37
CA ILE D 388 -8.34 2.62 -14.96
C ILE D 388 -6.84 2.84 -14.68
N ASP D 389 -5.96 2.18 -15.44
CA ASP D 389 -4.52 2.45 -15.37
C ASP D 389 -4.22 3.93 -15.70
N LEU D 390 -4.91 4.49 -16.70
CA LEU D 390 -4.77 5.91 -17.02
C LEU D 390 -5.25 6.78 -15.87
N ASP D 391 -6.36 6.39 -15.25
CA ASP D 391 -6.86 7.13 -14.09
C ASP D 391 -5.78 7.16 -13.00
N VAL D 392 -5.14 6.02 -12.78
CA VAL D 392 -4.16 5.92 -11.72
C VAL D 392 -2.87 6.66 -12.10
N LYS D 393 -2.49 6.54 -13.37
CA LYS D 393 -1.30 7.25 -13.86
C LYS D 393 -1.48 8.75 -13.71
N ALA D 394 -2.66 9.26 -14.05
CA ALA D 394 -2.90 10.69 -13.97
C ALA D 394 -2.78 11.17 -12.53
N THR D 395 -3.24 10.36 -11.57
CA THR D 395 -3.15 10.76 -10.17
C THR D 395 -1.68 10.75 -9.74
N ASN D 396 -0.94 9.73 -10.16
CA ASN D 396 0.46 9.62 -9.73
C ASN D 396 1.33 10.74 -10.28
N PHE D 397 1.03 11.16 -11.51
CA PHE D 397 1.75 12.24 -12.17
C PHE D 397 1.42 13.59 -11.52
N TYR D 398 0.14 13.86 -11.35
CA TYR D 398 -0.34 15.07 -10.67
C TYR D 398 0.36 15.29 -9.32
N SER D 399 0.48 14.24 -8.54
CA SER D 399 0.97 14.30 -7.16
C SER D 399 2.42 14.76 -7.05
N MET D 400 3.22 14.50 -8.08
CA MET D 400 4.61 14.99 -8.09
C MET D 400 4.65 16.51 -8.12
N PHE D 401 3.53 17.14 -8.45
CA PHE D 401 3.47 18.61 -8.49
C PHE D 401 2.82 19.27 -7.27
N PHE D 402 2.44 18.49 -6.25
CA PHE D 402 2.12 19.06 -4.95
C PHE D 402 3.29 19.95 -4.53
N PRO D 403 3.01 21.16 -4.04
CA PRO D 403 4.09 22.07 -3.60
C PRO D 403 5.08 21.44 -2.62
N SER D 404 4.61 20.61 -1.69
CA SER D 404 5.50 20.05 -0.68
C SER D 404 5.94 18.65 -1.04
N VAL D 405 7.25 18.44 -1.05
CA VAL D 405 7.82 17.15 -1.39
C VAL D 405 7.34 16.03 -0.43
N GLU D 406 6.99 16.38 0.81
CA GLU D 406 6.49 15.41 1.78
C GLU D 406 5.16 14.78 1.36
N GLN D 407 4.48 15.42 0.42
CA GLN D 407 3.16 14.96 -0.02
C GLN D 407 3.20 14.14 -1.32
N ARG D 408 4.39 13.89 -1.85
CA ARG D 408 4.49 13.33 -3.19
C ARG D 408 4.61 11.78 -3.28
N CME D 409 4.57 11.08 -2.15
CA CME D 409 4.80 9.64 -2.17
CB CME D 409 5.46 9.03 -0.93
SG CME D 409 7.08 9.61 -0.63
SD CME D 409 6.85 11.43 0.37
CE CME D 409 6.70 11.00 2.08
CZ CME D 409 7.93 10.34 2.65
OH CME D 409 7.49 9.68 3.82
C CME D 409 3.52 8.83 -2.27
O CME D 409 2.41 9.25 -1.92
N GLY D 410 3.70 7.60 -2.73
CA GLY D 410 2.68 6.56 -2.69
C GLY D 410 1.72 6.73 -3.85
N GLU D 411 0.81 5.78 -4.02
CA GLU D 411 -0.25 5.93 -5.01
C GLU D 411 -1.56 6.31 -4.31
N ARG D 412 -2.01 7.55 -4.51
CA ARG D 412 -3.16 8.05 -3.75
C ARG D 412 -4.48 7.38 -4.10
N ASP D 413 -4.62 6.86 -5.32
CA ASP D 413 -5.81 6.09 -5.64
C ASP D 413 -5.94 4.86 -4.76
N PHE D 414 -4.82 4.25 -4.39
CA PHE D 414 -4.84 3.10 -3.48
C PHE D 414 -4.83 3.46 -2.00
N SER D 415 -4.14 4.53 -1.62
CA SER D 415 -4.04 4.84 -0.20
C SER D 415 -5.21 5.68 0.35
N ILE D 416 -5.90 6.43 -0.50
CA ILE D 416 -7.07 7.23 -0.06
C ILE D 416 -8.37 6.55 -0.45
N HIS D 417 -9.12 6.08 0.55
CA HIS D 417 -10.39 5.42 0.31
C HIS D 417 -11.47 6.46 -0.02
N PRO D 418 -12.62 6.03 -0.56
CA PRO D 418 -13.68 7.00 -0.83
C PRO D 418 -14.02 7.87 0.37
N ILE D 419 -14.17 9.17 0.14
CA ILE D 419 -14.48 10.13 1.19
C ILE D 419 -15.81 9.79 1.80
N PHE D 420 -15.88 9.67 3.12
CA PHE D 420 -17.15 9.37 3.76
C PHE D 420 -17.52 10.41 4.82
N LEU D 421 -18.75 10.94 4.77
CA LEU D 421 -19.21 11.92 5.76
C LEU D 421 -20.51 11.44 6.43
N ARG D 422 -20.50 11.38 7.76
CA ARG D 422 -21.73 11.04 8.50
C ARG D 422 -22.73 12.17 8.42
N THR D 423 -23.99 11.87 8.66
CA THR D 423 -25.05 12.88 8.57
C THR D 423 -24.92 13.99 9.62
C1 EDO E . 20.33 0.35 20.02
O1 EDO E . 19.95 -0.36 18.84
C2 EDO E . 20.10 -0.51 21.25
O2 EDO E . 20.00 -1.90 20.88
C1 EDO F . 20.19 0.98 24.80
O1 EDO F . 20.06 0.83 26.21
C2 EDO F . 20.72 2.38 24.55
O2 EDO F . 21.84 2.58 25.41
C1 EDO G . 8.77 -2.42 4.36
O1 EDO G . 9.86 -2.18 3.45
C2 EDO G . 7.94 -3.63 3.90
O2 EDO G . 6.96 -3.98 4.89
C1 EDO H . 5.10 -9.91 20.22
O1 EDO H . 6.11 -9.28 19.45
C2 EDO H . 3.76 -9.74 19.49
O2 EDO H . 3.59 -8.34 19.27
C1 EDO I . 18.64 7.50 10.25
O1 EDO I . 19.58 7.34 11.34
C2 EDO I . 18.53 6.23 9.40
O2 EDO I . 17.40 6.30 8.53
C1 EDO J . 9.33 -3.13 -1.42
O1 EDO J . 8.10 -2.84 -2.09
C2 EDO J . 9.93 -1.84 -0.85
O2 EDO J . 10.41 -1.02 -1.92
C1 EDO K . -5.72 11.53 8.03
O1 EDO K . -5.03 12.07 9.16
C2 EDO K . -7.01 10.83 8.47
O2 EDO K . -7.51 9.97 7.42
C1 EDO L . -6.51 -27.65 19.27
O1 EDO L . -5.54 -27.55 18.22
C2 EDO L . -6.92 -26.25 19.72
O2 EDO L . -8.28 -26.30 20.14
C1 EDO M . -19.51 -7.88 9.80
O1 EDO M . -18.08 -7.99 9.93
C2 EDO M . -20.13 -9.04 9.01
O2 EDO M . -20.09 -8.79 7.59
C1 EDO N . -21.18 -15.70 2.11
O1 EDO N . -20.98 -14.56 1.29
C2 EDO N . -21.74 -15.27 3.47
O2 EDO N . -21.57 -16.29 4.47
C1 EDO O . -16.37 -7.44 17.85
O1 EDO O . -15.51 -6.41 18.34
C2 EDO O . -16.63 -8.40 19.00
O2 EDO O . -17.55 -9.39 18.58
C1 EDO P . -9.71 -46.40 14.25
O1 EDO P . -9.62 -45.05 14.70
C2 EDO P . -10.77 -47.12 15.06
O2 EDO P . -11.59 -46.14 15.70
C1 EDO Q . -21.48 -13.16 6.29
O1 EDO Q . -20.85 -12.41 7.33
C2 EDO Q . -22.12 -12.19 5.30
O2 EDO Q . -22.78 -11.12 6.01
C1 EDO R . 38.76 9.36 -16.77
O1 EDO R . 38.25 9.80 -18.04
C2 EDO R . 37.83 8.28 -16.25
O2 EDO R . 36.49 8.62 -16.63
C1 EDO S . 16.13 15.62 -6.38
O1 EDO S . 16.36 14.57 -5.40
C2 EDO S . 14.67 16.04 -6.50
O2 EDO S . 13.82 15.02 -7.10
C1 EDO T . 31.62 -4.68 -26.33
O1 EDO T . 32.76 -3.84 -26.53
C2 EDO T . 31.61 -5.04 -24.85
O2 EDO T . 31.80 -3.83 -24.14
C1 EDO U . 10.68 19.24 -14.68
O1 EDO U . 12.10 19.31 -14.64
C2 EDO U . 10.18 18.71 -13.35
O2 EDO U . 8.75 18.83 -13.31
C1 EDO V . 54.18 -11.67 -18.34
O1 EDO V . 55.46 -11.21 -17.89
C2 EDO V . 53.54 -10.51 -19.09
O2 EDO V . 53.98 -9.29 -18.48
C1 EDO W . 14.27 21.98 -12.83
O1 EDO W . 15.00 23.06 -13.42
C2 EDO W . 14.55 21.88 -11.32
O2 EDO W . 13.64 20.96 -10.71
C1 EDO X . 17.30 5.07 -29.38
O1 EDO X . 17.03 3.83 -28.71
C2 EDO X . 17.72 6.14 -28.37
O2 EDO X . 17.71 7.43 -29.00
C1 EDO Y . -18.69 -2.73 -23.15
O1 EDO Y . -18.18 -4.05 -23.38
C2 EDO Y . -19.45 -2.73 -21.82
O2 EDO Y . -20.32 -1.59 -21.80
C1 EDO Z . -5.82 -9.87 -2.25
O1 EDO Z . -5.89 -8.84 -3.27
C2 EDO Z . -4.91 -11.03 -2.67
O2 EDO Z . -5.63 -12.26 -2.59
#